data_5LOQ
#
_entry.id   5LOQ
#
_cell.length_a   77.687
_cell.length_b   129.369
_cell.length_c   77.916
_cell.angle_alpha   90.000
_cell.angle_beta   105.520
_cell.angle_gamma   90.000
#
_symmetry.space_group_name_H-M   'P 1 21 1'
#
loop_
_entity.id
_entity.type
_entity.pdbx_description
1 polymer 'Putative heme-dependent peroxidase lmo2113'
2 non-polymer 'SODIUM ION'
3 non-polymer '1,3,5,8-TETRAMETHYL-PORPHINE-2,4,6,7-TETRAPROPIONIC ACID FERROUS COMPLEX'
4 non-polymer (4S)-2-METHYL-2,4-PENTANEDIOL
5 water water
#
_entity_poly.entity_id   1
_entity_poly.type   'polypeptide(L)'
_entity_poly.pdbx_seq_one_letter_code
;NEAVKTLDGWFCLHDFRSIDWAAWRELNPGNQELMLNELSHFLSDMEITKNIGEGEHTIYSILGQKADLVFFTLRDSLEA
LNEVENRFNKLAIADYLLPTYSYISVVELSNYLASHMAGGDDPYQNKGVRARLYPALPPKKHICFYPMSKKRDGADNWYM
LPMEERQQLIRDHGLIGRSYAGKVQQIIGGSIGFDDYEWGVTLFSDDALEFKRIVTEMRFDEASARYAEFGSFFIGNLLL
SEQLSKLFTI
;
_entity_poly.pdbx_strand_id   A,B,C,D,E
#
loop_
_chem_comp.id
_chem_comp.type
_chem_comp.name
_chem_comp.formula
FEC non-polymer '1,3,5,8-TETRAMETHYL-PORPHINE-2,4,6,7-TETRAPROPIONIC ACID FERROUS COMPLEX' 'C36 H36 Fe N4 O8 2'
MPD non-polymer (4S)-2-METHYL-2,4-PENTANEDIOL 'C6 H14 O2'
NA non-polymer 'SODIUM ION' 'Na 1'
#
# COMPACT_ATOMS: atom_id res chain seq x y z
N ALA A 3 13.68 -9.55 -29.69
CA ALA A 3 13.51 -9.90 -28.26
C ALA A 3 14.62 -10.80 -27.72
N VAL A 4 14.93 -10.62 -26.43
CA VAL A 4 15.99 -11.40 -25.80
C VAL A 4 15.56 -12.86 -25.73
N LYS A 5 16.53 -13.76 -25.95
CA LYS A 5 16.33 -15.18 -25.74
C LYS A 5 17.16 -15.58 -24.53
N THR A 6 16.63 -16.52 -23.73
CA THR A 6 17.32 -16.94 -22.51
C THR A 6 17.53 -18.45 -22.46
N LEU A 7 18.63 -18.84 -21.80
CA LEU A 7 18.78 -20.15 -21.20
C LEU A 7 18.35 -20.11 -19.75
N ASP A 8 17.67 -21.15 -19.30
CA ASP A 8 17.08 -21.10 -17.97
C ASP A 8 17.46 -22.34 -17.17
N GLY A 9 17.85 -22.13 -15.91
CA GLY A 9 18.36 -23.19 -15.04
C GLY A 9 17.45 -23.47 -13.86
N TRP A 10 17.96 -23.42 -12.62
CA TRP A 10 17.15 -23.84 -11.51
C TRP A 10 16.07 -22.81 -11.20
N PHE A 11 14.93 -23.32 -10.71
CA PHE A 11 13.87 -22.47 -10.18
C PHE A 11 14.20 -22.07 -8.75
N CYS A 12 13.91 -20.82 -8.42
CA CYS A 12 14.38 -20.17 -7.21
C CYS A 12 13.23 -19.66 -6.35
N LEU A 13 13.38 -19.82 -5.03
CA LEU A 13 12.52 -19.17 -4.05
C LEU A 13 13.39 -18.45 -3.03
N HIS A 14 13.18 -17.13 -2.90
CA HIS A 14 13.69 -16.36 -1.76
C HIS A 14 12.52 -16.25 -0.80
N ASP A 15 12.64 -16.86 0.37
CA ASP A 15 11.56 -16.92 1.36
C ASP A 15 12.00 -16.14 2.59
N PHE A 16 11.47 -14.94 2.77
CA PHE A 16 11.81 -14.06 3.88
C PHE A 16 10.85 -14.25 5.05
N ARG A 17 11.44 -14.35 6.25
CA ARG A 17 10.65 -14.62 7.44
C ARG A 17 11.07 -13.73 8.59
N SER A 18 10.10 -13.37 9.42
CA SER A 18 10.33 -12.62 10.66
C SER A 18 9.93 -13.52 11.82
N ILE A 19 10.79 -13.59 12.84
CA ILE A 19 10.58 -14.49 13.99
C ILE A 19 9.60 -13.85 14.97
N ASP A 20 8.57 -14.60 15.34
CA ASP A 20 7.58 -14.17 16.33
C ASP A 20 8.15 -14.45 17.73
N TRP A 21 9.04 -13.56 18.18
CA TRP A 21 9.73 -13.74 19.46
C TRP A 21 8.74 -13.92 20.62
N ALA A 22 7.63 -13.20 20.60
CA ALA A 22 6.70 -13.22 21.73
C ALA A 22 6.04 -14.58 21.87
N ALA A 23 5.66 -15.19 20.75
CA ALA A 23 5.13 -16.54 20.80
C ALA A 23 6.22 -17.56 21.15
N TRP A 24 7.39 -17.48 20.48
CA TRP A 24 8.51 -18.38 20.75
C TRP A 24 8.84 -18.39 22.25
N ARG A 25 8.87 -17.21 22.85
CA ARG A 25 9.23 -17.07 24.25
C ARG A 25 8.27 -17.83 25.16
N GLU A 26 7.02 -17.98 24.72
CA GLU A 26 5.99 -18.72 25.49
C GLU A 26 6.24 -20.23 25.54
N LEU A 27 7.09 -20.75 24.67
CA LEU A 27 7.37 -22.18 24.66
C LEU A 27 8.42 -22.51 25.70
N ASN A 28 8.23 -23.61 26.41
CA ASN A 28 9.32 -24.07 27.25
C ASN A 28 10.46 -24.60 26.39
N PRO A 29 11.68 -24.64 26.92
CA PRO A 29 12.85 -24.98 26.10
C PRO A 29 12.85 -26.40 25.59
N GLY A 30 12.16 -27.33 26.25
CA GLY A 30 12.00 -28.66 25.70
C GLY A 30 11.34 -28.63 24.33
N ASN A 31 10.17 -27.98 24.25
CA ASN A 31 9.42 -27.93 23.00
C ASN A 31 10.15 -27.09 21.95
N GLN A 32 10.89 -26.05 22.37
CA GLN A 32 11.72 -25.32 21.44
C GLN A 32 12.78 -26.23 20.81
N GLU A 33 13.43 -27.08 21.62
CA GLU A 33 14.44 -27.99 21.08
C GLU A 33 13.81 -28.98 20.11
N LEU A 34 12.62 -29.49 20.44
CA LEU A 34 11.95 -30.43 19.54
C LEU A 34 11.70 -29.80 18.18
N MET A 35 11.26 -28.54 18.17
CA MET A 35 10.98 -27.89 16.89
C MET A 35 12.27 -27.55 16.14
N LEU A 36 13.33 -27.22 16.86
CA LEU A 36 14.61 -27.00 16.19
C LEU A 36 15.17 -28.30 15.65
N ASN A 37 14.99 -29.40 16.38
CA ASN A 37 15.44 -30.70 15.88
C ASN A 37 14.74 -31.03 14.56
N GLU A 38 13.45 -30.72 14.46
CA GLU A 38 12.68 -31.01 13.27
C GLU A 38 13.16 -30.17 12.09
N LEU A 39 13.50 -28.89 12.35
CA LEU A 39 14.07 -28.04 11.31
C LEU A 39 15.44 -28.55 10.86
N SER A 40 16.29 -29.03 11.79
CA SER A 40 17.59 -29.58 11.39
C SER A 40 17.43 -30.79 10.51
N HIS A 41 16.49 -31.67 10.85
CA HIS A 41 16.22 -32.83 10.00
C HIS A 41 15.79 -32.39 8.61
N PHE A 42 14.95 -31.35 8.56
CA PHE A 42 14.50 -30.80 7.30
C PHE A 42 15.68 -30.29 6.48
N LEU A 43 16.57 -29.52 7.11
CA LEU A 43 17.73 -29.00 6.42
C LEU A 43 18.71 -30.10 6.04
N SER A 44 18.84 -31.14 6.86
CA SER A 44 19.64 -32.27 6.46
C SER A 44 19.10 -32.92 5.20
N ASP A 45 17.76 -33.01 5.07
CA ASP A 45 17.20 -33.52 3.83
C ASP A 45 17.53 -32.61 2.67
N MET A 46 17.49 -31.31 2.89
CA MET A 46 17.84 -30.39 1.82
C MET A 46 19.29 -30.54 1.39
N GLU A 47 20.17 -30.86 2.35
CA GLU A 47 21.56 -31.11 1.99
C GLU A 47 21.71 -32.35 1.11
N ILE A 48 20.88 -33.37 1.32
CA ILE A 48 20.93 -34.55 0.46
C ILE A 48 20.60 -34.18 -0.98
N THR A 49 19.51 -33.43 -1.17
CA THR A 49 19.10 -32.94 -2.50
C THR A 49 20.23 -32.16 -3.17
N LYS A 50 20.88 -31.28 -2.41
CA LYS A 50 22.05 -30.59 -2.91
C LYS A 50 23.13 -31.57 -3.33
N ASN A 51 23.42 -32.57 -2.48
CA ASN A 51 24.58 -33.44 -2.75
C ASN A 51 24.35 -34.39 -3.92
N ILE A 52 23.11 -34.66 -4.29
CA ILE A 52 22.82 -35.48 -5.46
C ILE A 52 22.60 -34.61 -6.69
N GLY A 53 22.84 -33.30 -6.57
CA GLY A 53 22.82 -32.42 -7.72
C GLY A 53 21.45 -31.95 -8.17
N GLU A 54 20.45 -31.98 -7.31
CA GLU A 54 19.09 -31.63 -7.70
C GLU A 54 18.70 -30.25 -7.20
N GLY A 55 19.61 -29.52 -6.59
CA GLY A 55 19.29 -28.17 -6.16
C GLY A 55 20.35 -27.61 -5.24
N GLU A 56 19.98 -26.51 -4.58
CA GLU A 56 20.87 -25.76 -3.71
C GLU A 56 20.02 -25.02 -2.68
N HIS A 57 20.67 -24.63 -1.58
CA HIS A 57 19.97 -23.75 -0.64
C HIS A 57 20.96 -23.07 0.30
N THR A 58 20.51 -21.95 0.84
CA THR A 58 21.32 -21.29 1.87
C THR A 58 20.41 -20.42 2.71
N ILE A 59 20.91 -20.05 3.90
CA ILE A 59 20.16 -19.25 4.87
C ILE A 59 21.02 -18.06 5.30
N TYR A 60 20.45 -16.87 5.29
CA TYR A 60 21.10 -15.67 5.80
C TYR A 60 20.19 -15.01 6.81
N SER A 61 20.80 -14.38 7.82
CA SER A 61 20.06 -13.53 8.75
C SER A 61 19.98 -12.12 8.17
N ILE A 62 18.78 -11.54 8.22
CA ILE A 62 18.51 -10.28 7.54
C ILE A 62 18.47 -9.13 8.55
N LEU A 63 19.10 -8.03 8.18
CA LEU A 63 19.10 -6.84 9.01
C LEU A 63 17.84 -5.98 8.86
N GLY A 64 17.44 -5.38 10.00
CA GLY A 64 16.28 -4.53 10.03
C GLY A 64 15.00 -5.33 10.19
N GLN A 65 13.86 -4.61 10.12
CA GLN A 65 12.57 -5.21 10.45
C GLN A 65 11.92 -5.92 9.28
N LYS A 66 12.42 -5.73 8.06
CA LYS A 66 11.84 -6.42 6.91
C LYS A 66 11.80 -7.91 7.12
N ALA A 67 12.79 -8.45 7.79
CA ALA A 67 12.85 -9.89 7.97
C ALA A 67 13.96 -10.21 8.95
N ASP A 68 13.89 -11.40 9.52
CA ASP A 68 14.97 -11.91 10.36
C ASP A 68 15.83 -12.93 9.62
N LEU A 69 15.24 -13.63 8.66
CA LEU A 69 15.89 -14.72 7.94
C LEU A 69 15.46 -14.69 6.49
N VAL A 70 16.31 -15.18 5.61
CA VAL A 70 15.88 -15.55 4.27
C VAL A 70 16.31 -16.99 4.03
N PHE A 71 15.41 -17.78 3.52
CA PHE A 71 15.69 -19.12 3.03
C PHE A 71 15.67 -19.05 1.50
N PHE A 72 16.84 -19.21 0.90
CA PHE A 72 17.03 -19.13 -0.53
C PHE A 72 17.19 -20.56 -1.01
N THR A 73 16.23 -21.02 -1.82
CA THR A 73 16.19 -22.41 -2.26
C THR A 73 16.09 -22.49 -3.78
N LEU A 74 16.81 -23.43 -4.36
CA LEU A 74 16.88 -23.64 -5.80
C LEU A 74 16.57 -25.09 -6.09
N ARG A 75 15.73 -25.35 -7.11
CA ARG A 75 15.33 -26.72 -7.44
C ARG A 75 15.17 -26.88 -8.94
N ASP A 76 15.15 -28.13 -9.39
CA ASP A 76 15.14 -28.36 -10.85
C ASP A 76 13.73 -28.35 -11.45
N SER A 77 12.67 -28.22 -10.66
CA SER A 77 11.30 -28.06 -11.15
C SER A 77 10.47 -27.19 -10.22
N LEU A 78 9.38 -26.62 -10.77
CA LEU A 78 8.44 -25.90 -9.93
C LEU A 78 7.72 -26.81 -8.96
N GLU A 79 7.46 -28.06 -9.36
CA GLU A 79 6.86 -29.00 -8.43
C GLU A 79 7.76 -29.21 -7.23
N ALA A 80 9.06 -29.43 -7.46
CA ALA A 80 9.97 -29.67 -6.36
C ALA A 80 10.07 -28.44 -5.47
N LEU A 81 10.13 -27.25 -6.07
CA LEU A 81 10.20 -26.04 -5.29
C LEU A 81 8.95 -25.87 -4.44
N ASN A 82 7.78 -26.20 -5.03
CA ASN A 82 6.48 -26.09 -4.33
C ASN A 82 6.44 -27.05 -3.15
N GLU A 83 7.00 -28.25 -3.35
CA GLU A 83 7.03 -29.26 -2.30
C GLU A 83 7.94 -28.86 -1.13
N VAL A 84 9.06 -28.21 -1.42
CA VAL A 84 9.93 -27.70 -0.34
C VAL A 84 9.18 -26.67 0.46
N GLU A 85 8.54 -25.74 -0.25
CA GLU A 85 7.84 -24.64 0.38
C GLU A 85 6.78 -25.17 1.31
N ASN A 86 6.01 -26.15 0.82
CA ASN A 86 4.86 -26.64 1.58
C ASN A 86 5.33 -27.46 2.78
N ARG A 87 6.33 -28.30 2.60
CA ARG A 87 6.88 -29.05 3.71
C ARG A 87 7.47 -28.11 4.76
N PHE A 88 8.08 -27.02 4.33
CA PHE A 88 8.63 -26.03 5.25
C PHE A 88 7.53 -25.35 6.08
N ASN A 89 6.46 -24.91 5.44
CA ASN A 89 5.36 -24.28 6.19
C ASN A 89 4.74 -25.25 7.19
N LYS A 90 4.84 -26.54 6.94
CA LYS A 90 4.26 -27.52 7.85
C LYS A 90 5.19 -27.93 8.99
N LEU A 91 6.44 -27.46 9.01
CA LEU A 91 7.27 -27.62 10.20
C LEU A 91 6.62 -26.89 11.36
N ALA A 92 6.71 -27.50 12.56
CA ALA A 92 6.21 -26.85 13.76
C ALA A 92 6.79 -25.44 13.93
N ILE A 93 8.10 -25.30 13.73
CA ILE A 93 8.77 -24.01 13.95
C ILE A 93 8.30 -22.95 12.96
N ALA A 94 7.79 -23.37 11.81
CA ALA A 94 7.37 -22.38 10.84
C ALA A 94 6.19 -21.52 11.34
N ASP A 95 5.41 -21.98 12.34
CA ASP A 95 4.37 -21.11 12.89
C ASP A 95 4.97 -19.86 13.52
N TYR A 96 6.25 -19.92 13.90
CA TYR A 96 6.94 -18.78 14.49
C TYR A 96 7.74 -18.02 13.47
N LEU A 97 7.66 -18.39 12.19
CA LEU A 97 8.41 -17.75 11.10
C LEU A 97 7.39 -17.06 10.22
N LEU A 98 7.18 -15.77 10.45
CA LEU A 98 6.09 -15.07 9.80
C LEU A 98 6.52 -14.65 8.41
N PRO A 99 5.69 -14.87 7.38
CA PRO A 99 6.08 -14.52 6.01
C PRO A 99 6.03 -13.02 5.81
N THR A 100 7.14 -12.42 5.42
CA THR A 100 7.18 -10.99 5.18
C THR A 100 7.45 -10.59 3.72
N TYR A 101 7.94 -11.51 2.89
CA TYR A 101 8.20 -11.22 1.48
C TYR A 101 8.71 -12.49 0.82
N SER A 102 8.48 -12.62 -0.49
CA SER A 102 9.02 -13.77 -1.20
C SER A 102 9.24 -13.40 -2.66
N TYR A 103 10.00 -14.25 -3.34
CA TYR A 103 10.31 -13.98 -4.74
C TYR A 103 10.57 -15.30 -5.45
N ILE A 104 9.96 -15.44 -6.62
CA ILE A 104 10.07 -16.62 -7.48
C ILE A 104 10.77 -16.20 -8.78
N SER A 105 11.76 -16.97 -9.18
CA SER A 105 12.54 -16.62 -10.36
C SER A 105 13.18 -17.89 -10.91
N VAL A 106 13.88 -17.76 -12.02
CA VAL A 106 14.61 -18.90 -12.59
C VAL A 106 15.98 -18.40 -13.04
N VAL A 107 17.03 -19.14 -12.69
CA VAL A 107 18.37 -18.71 -13.05
C VAL A 107 18.44 -18.51 -14.56
N GLU A 108 18.93 -17.35 -14.98
CA GLU A 108 18.80 -16.93 -16.37
C GLU A 108 20.14 -16.53 -16.98
N LEU A 109 20.39 -17.01 -18.20
CA LEU A 109 21.47 -16.50 -19.06
C LEU A 109 20.88 -15.99 -20.37
N SER A 110 21.01 -14.69 -20.61
CA SER A 110 20.47 -14.13 -21.84
C SER A 110 21.47 -14.29 -22.98
N ASN A 111 20.99 -14.04 -24.20
CA ASN A 111 21.79 -14.12 -25.41
C ASN A 111 22.31 -12.77 -25.87
N TYR A 112 22.26 -11.74 -25.02
CA TYR A 112 22.82 -10.44 -25.40
C TYR A 112 24.32 -10.57 -25.69
N LEU A 113 25.01 -11.41 -24.95
CA LEU A 113 26.40 -11.76 -25.24
C LEU A 113 26.51 -13.27 -25.33
N ALA A 114 27.63 -13.76 -25.86
CA ALA A 114 27.79 -15.20 -26.03
C ALA A 114 28.29 -15.82 -24.73
N SER A 115 27.79 -17.01 -24.42
CA SER A 115 28.24 -17.78 -23.27
C SER A 115 29.04 -19.01 -23.69
N HIS A 116 29.06 -19.33 -24.98
CA HIS A 116 29.75 -20.49 -25.53
C HIS A 116 29.97 -20.26 -27.01
N MET A 117 30.92 -20.99 -27.59
CA MET A 117 31.15 -20.92 -29.03
C MET A 117 29.90 -21.35 -29.80
N ALA A 118 29.49 -20.50 -30.74
CA ALA A 118 28.29 -20.78 -31.51
C ALA A 118 28.46 -22.05 -32.35
N GLY A 119 27.36 -22.76 -32.53
CA GLY A 119 27.38 -24.00 -33.28
C GLY A 119 26.18 -24.84 -32.94
N GLY A 120 26.10 -26.01 -33.60
CA GLY A 120 25.04 -26.94 -33.30
C GLY A 120 25.11 -27.46 -31.87
N ASP A 121 26.30 -27.43 -31.27
CA ASP A 121 26.51 -27.96 -29.92
C ASP A 121 25.57 -27.28 -28.93
N ASP A 122 24.78 -28.07 -28.22
CA ASP A 122 23.80 -27.32 -27.46
C ASP A 122 24.38 -26.90 -26.10
N PRO A 123 24.05 -25.69 -25.66
CA PRO A 123 24.76 -25.13 -24.50
C PRO A 123 24.48 -25.88 -23.22
N TYR A 124 23.33 -26.55 -23.11
CA TYR A 124 23.01 -27.27 -21.88
C TYR A 124 23.99 -28.40 -21.60
N GLN A 125 24.76 -28.81 -22.61
CA GLN A 125 25.83 -29.79 -22.44
C GLN A 125 27.19 -29.14 -22.17
N ASN A 126 27.29 -27.82 -22.24
CA ASN A 126 28.51 -27.11 -21.93
C ASN A 126 28.64 -26.97 -20.41
N LYS A 127 29.75 -27.48 -19.88
CA LYS A 127 29.94 -27.54 -18.42
C LYS A 127 30.13 -26.15 -17.81
N GLY A 128 30.78 -25.24 -18.53
CA GLY A 128 30.81 -23.84 -18.09
C GLY A 128 29.44 -23.18 -18.04
N VAL A 129 28.59 -23.44 -19.05
CA VAL A 129 27.22 -22.93 -19.02
C VAL A 129 26.41 -23.56 -17.88
N ARG A 130 26.55 -24.88 -17.69
CA ARG A 130 25.81 -25.53 -16.60
C ARG A 130 26.19 -24.96 -15.24
N ALA A 131 27.47 -24.64 -15.03
CA ALA A 131 27.89 -24.06 -13.75
C ALA A 131 27.17 -22.78 -13.44
N ARG A 132 26.74 -22.06 -14.49
CA ARG A 132 26.07 -20.78 -14.31
C ARG A 132 24.56 -20.97 -14.19
N LEU A 133 23.99 -21.94 -14.90
CA LEU A 133 22.54 -22.20 -14.82
C LEU A 133 22.15 -22.90 -13.52
N TYR A 134 23.06 -23.73 -13.01
CA TYR A 134 22.81 -24.55 -11.83
C TYR A 134 23.88 -24.18 -10.81
N PRO A 135 23.82 -22.97 -10.26
CA PRO A 135 24.98 -22.42 -9.55
C PRO A 135 25.20 -23.04 -8.18
N ALA A 136 26.47 -23.36 -7.89
CA ALA A 136 26.88 -23.59 -6.51
C ALA A 136 26.76 -22.29 -5.72
N LEU A 137 26.22 -22.35 -4.48
CA LEU A 137 26.14 -21.13 -3.70
C LEU A 137 27.42 -20.96 -2.87
N PRO A 138 28.08 -19.82 -2.95
CA PRO A 138 29.33 -19.64 -2.21
C PRO A 138 29.05 -19.24 -0.77
N PRO A 139 29.80 -19.76 0.17
CA PRO A 139 29.56 -19.39 1.57
C PRO A 139 30.16 -18.03 1.93
N LYS A 140 29.76 -17.00 1.19
CA LYS A 140 30.20 -15.65 1.50
C LYS A 140 29.51 -15.12 2.75
N LYS A 141 30.22 -14.23 3.44
CA LYS A 141 29.69 -13.69 4.69
C LYS A 141 28.35 -12.98 4.51
N HIS A 142 28.10 -12.35 3.35
CA HIS A 142 26.93 -11.49 3.19
C HIS A 142 26.17 -11.77 1.90
N ILE A 143 24.90 -11.39 1.94
CA ILE A 143 23.99 -11.52 0.82
C ILE A 143 23.28 -10.19 0.67
N CYS A 144 22.93 -9.87 -0.58
CA CYS A 144 22.11 -8.73 -0.92
C CYS A 144 21.08 -9.24 -1.93
N PHE A 145 19.78 -8.95 -1.70
CA PHE A 145 18.74 -9.32 -2.65
C PHE A 145 17.89 -8.10 -3.00
N TYR A 146 17.56 -7.97 -4.28
CA TYR A 146 16.51 -7.03 -4.68
C TYR A 146 15.95 -7.41 -6.03
N PRO A 147 14.66 -7.16 -6.26
CA PRO A 147 14.09 -7.32 -7.61
C PRO A 147 14.25 -6.04 -8.41
N MET A 148 14.19 -6.20 -9.73
CA MET A 148 14.21 -5.03 -10.60
C MET A 148 13.51 -5.32 -11.90
N SER A 149 13.10 -4.23 -12.56
CA SER A 149 12.50 -4.25 -13.89
C SER A 149 13.21 -3.20 -14.77
N LYS A 150 13.01 -3.29 -16.08
CA LYS A 150 13.49 -2.26 -17.00
C LYS A 150 12.32 -1.36 -17.38
N LYS A 151 12.59 -0.06 -17.45
CA LYS A 151 11.54 0.94 -17.61
C LYS A 151 10.91 0.86 -18.99
N ARG A 152 9.65 1.22 -19.01
CA ARG A 152 8.89 1.42 -20.24
C ARG A 152 8.14 2.73 -20.00
N ASP A 153 8.85 3.85 -20.08
CA ASP A 153 8.37 5.14 -19.56
C ASP A 153 8.78 6.25 -20.53
N GLY A 154 7.87 6.60 -21.42
CA GLY A 154 8.09 7.66 -22.38
C GLY A 154 9.35 7.42 -23.19
N ALA A 155 10.26 8.38 -23.18
CA ALA A 155 11.47 8.25 -23.97
C ALA A 155 12.44 7.24 -23.37
N ASP A 156 12.26 6.84 -22.10
CA ASP A 156 13.10 5.80 -21.48
C ASP A 156 12.32 4.49 -21.51
N ASN A 157 12.39 3.80 -22.66
CA ASN A 157 11.67 2.54 -22.87
C ASN A 157 12.63 1.48 -23.40
N TRP A 158 13.07 0.63 -22.47
CA TRP A 158 13.99 -0.45 -22.74
C TRP A 158 13.46 -1.37 -23.83
N TYR A 159 12.18 -1.76 -23.72
CA TYR A 159 11.60 -2.74 -24.64
C TYR A 159 11.30 -2.17 -26.03
N MET A 160 11.40 -0.86 -26.22
CA MET A 160 11.29 -0.32 -27.56
C MET A 160 12.65 -0.10 -28.21
N LEU A 161 13.74 -0.32 -27.52
CA LEU A 161 15.04 -0.19 -28.14
C LEU A 161 15.32 -1.33 -29.12
N PRO A 162 16.04 -1.07 -30.22
CA PRO A 162 16.54 -2.18 -31.05
C PRO A 162 17.56 -3.05 -30.33
N MET A 163 17.68 -4.28 -30.82
CA MET A 163 18.53 -5.27 -30.17
C MET A 163 19.97 -4.78 -30.06
N GLU A 164 20.51 -4.15 -31.10
CA GLU A 164 21.92 -3.79 -31.04
C GLU A 164 22.13 -2.69 -30.01
N GLU A 165 21.11 -1.89 -29.74
CA GLU A 165 21.25 -0.86 -28.71
C GLU A 165 21.17 -1.45 -27.31
N ARG A 166 20.24 -2.39 -27.10
CA ARG A 166 20.19 -3.12 -25.83
C ARG A 166 21.48 -3.89 -25.60
N GLN A 167 22.04 -4.50 -26.67
CA GLN A 167 23.28 -5.25 -26.51
C GLN A 167 24.42 -4.35 -26.03
N GLN A 168 24.55 -3.17 -26.63
CA GLN A 168 25.60 -2.26 -26.20
C GLN A 168 25.41 -1.86 -24.74
N LEU A 169 24.17 -1.55 -24.34
CA LEU A 169 23.94 -1.16 -22.95
C LEU A 169 24.29 -2.29 -21.99
N ILE A 170 23.92 -3.53 -22.35
CA ILE A 170 24.23 -4.68 -21.51
C ILE A 170 25.73 -4.92 -21.47
N ARG A 171 26.38 -4.87 -22.63
CA ARG A 171 27.83 -5.00 -22.70
C ARG A 171 28.52 -4.09 -21.69
N ASP A 172 28.16 -2.80 -21.71
CA ASP A 172 28.80 -1.81 -20.84
C ASP A 172 28.53 -2.11 -19.37
N HIS A 173 27.28 -2.49 -19.06
CA HIS A 173 26.94 -2.98 -17.72
C HIS A 173 27.81 -4.16 -17.31
N GLY A 174 28.01 -5.11 -18.22
CA GLY A 174 28.84 -6.27 -17.89
C GLY A 174 30.30 -5.92 -17.62
N LEU A 175 30.84 -4.92 -18.29
CA LEU A 175 32.22 -4.55 -18.00
C LEU A 175 32.37 -4.11 -16.56
N ILE A 176 31.42 -3.31 -16.07
CA ILE A 176 31.44 -2.88 -14.68
C ILE A 176 31.40 -4.09 -13.77
N GLY A 177 30.45 -4.98 -14.02
CA GLY A 177 30.31 -6.15 -13.19
C GLY A 177 31.57 -6.99 -13.18
N ARG A 178 32.18 -7.18 -14.36
CA ARG A 178 33.43 -7.94 -14.47
C ARG A 178 34.53 -7.33 -13.61
N SER A 179 34.48 -6.02 -13.36
CA SER A 179 35.51 -5.41 -12.53
C SER A 179 35.32 -5.70 -11.06
N TYR A 180 34.23 -6.37 -10.67
CA TYR A 180 34.02 -6.84 -9.30
C TYR A 180 34.24 -8.34 -9.18
N ALA A 181 34.96 -8.93 -10.14
CA ALA A 181 35.35 -10.33 -10.06
C ALA A 181 36.21 -10.55 -8.84
N GLY A 182 35.96 -11.66 -8.16
CA GLY A 182 36.62 -11.92 -6.89
C GLY A 182 36.14 -11.09 -5.72
N LYS A 183 35.20 -10.17 -5.91
CA LYS A 183 34.67 -9.41 -4.79
C LYS A 183 33.17 -9.58 -4.62
N VAL A 184 32.42 -9.57 -5.71
CA VAL A 184 30.97 -9.78 -5.69
C VAL A 184 30.65 -10.91 -6.65
N GLN A 185 29.89 -11.92 -6.21
CA GLN A 185 29.31 -12.92 -7.10
C GLN A 185 27.81 -12.67 -7.23
N GLN A 186 27.29 -12.77 -8.46
CA GLN A 186 25.91 -12.44 -8.73
C GLN A 186 25.17 -13.65 -9.27
N ILE A 187 23.90 -13.79 -8.86
CA ILE A 187 22.96 -14.71 -9.51
C ILE A 187 21.83 -13.87 -10.05
N ILE A 188 21.56 -13.98 -11.35
CA ILE A 188 20.44 -13.26 -11.97
C ILE A 188 19.32 -14.26 -12.20
N GLY A 189 18.18 -14.06 -11.51
CA GLY A 189 17.01 -14.85 -11.76
C GLY A 189 16.00 -14.05 -12.58
N GLY A 190 15.62 -14.61 -13.73
CA GLY A 190 14.57 -14.00 -14.55
C GLY A 190 13.22 -14.33 -13.94
N SER A 191 12.30 -13.36 -13.97
CA SER A 191 11.00 -13.59 -13.35
C SER A 191 9.84 -13.04 -14.16
N ILE A 192 10.05 -12.66 -15.42
CA ILE A 192 8.93 -12.30 -16.28
C ILE A 192 8.02 -13.50 -16.37
N GLY A 193 6.75 -13.32 -16.02
CA GLY A 193 5.81 -14.40 -15.98
C GLY A 193 5.69 -15.09 -14.64
N PHE A 194 6.66 -14.91 -13.74
CA PHE A 194 6.76 -15.66 -12.48
C PHE A 194 6.51 -14.82 -11.25
N ASP A 195 6.82 -13.53 -11.29
CA ASP A 195 6.67 -12.68 -10.12
C ASP A 195 6.48 -11.25 -10.60
N ASP A 196 6.56 -10.30 -9.68
CA ASP A 196 6.03 -8.97 -9.95
C ASP A 196 7.03 -8.05 -10.64
N TYR A 197 8.32 -8.33 -10.57
CA TYR A 197 9.34 -7.62 -11.32
C TYR A 197 9.90 -8.56 -12.39
N GLU A 198 10.90 -8.10 -13.14
CA GLU A 198 11.41 -8.85 -14.28
C GLU A 198 12.66 -9.66 -13.96
N TRP A 199 13.41 -9.28 -12.93
CA TRP A 199 14.54 -10.05 -12.43
C TRP A 199 14.55 -10.00 -10.92
N GLY A 200 15.07 -11.06 -10.30
CA GLY A 200 15.54 -11.03 -8.91
C GLY A 200 17.05 -11.14 -8.91
N VAL A 201 17.71 -10.18 -8.27
CA VAL A 201 19.17 -10.09 -8.26
C VAL A 201 19.68 -10.47 -6.88
N THR A 202 20.55 -11.46 -6.84
CA THR A 202 21.17 -11.90 -5.58
C THR A 202 22.66 -11.65 -5.69
N LEU A 203 23.22 -10.89 -4.74
CA LEU A 203 24.67 -10.71 -4.67
C LEU A 203 25.26 -11.35 -3.42
N PHE A 204 26.50 -11.84 -3.57
CA PHE A 204 27.24 -12.45 -2.47
C PHE A 204 28.59 -11.78 -2.36
N SER A 205 28.99 -11.42 -1.15
CA SER A 205 30.33 -10.86 -0.96
C SER A 205 30.76 -11.12 0.48
N ASP A 206 32.07 -11.14 0.68
CA ASP A 206 32.61 -11.14 2.02
C ASP A 206 32.68 -9.74 2.64
N ASP A 207 32.43 -8.69 1.86
CA ASP A 207 32.51 -7.30 2.33
C ASP A 207 31.23 -6.60 1.90
N ALA A 208 30.33 -6.30 2.85
CA ALA A 208 29.03 -5.74 2.47
C ALA A 208 29.19 -4.42 1.72
N LEU A 209 30.27 -3.68 1.96
CA LEU A 209 30.44 -2.44 1.25
C LEU A 209 30.64 -2.65 -0.24
N GLU A 210 31.05 -3.84 -0.68
CA GLU A 210 31.13 -4.05 -2.12
C GLU A 210 29.75 -4.02 -2.75
N PHE A 211 28.69 -4.33 -1.98
CA PHE A 211 27.34 -4.21 -2.53
C PHE A 211 27.03 -2.75 -2.87
N LYS A 212 27.30 -1.84 -1.92
CA LYS A 212 27.10 -0.42 -2.17
C LYS A 212 27.94 0.04 -3.35
N ARG A 213 29.17 -0.46 -3.44
CA ARG A 213 30.09 0.00 -4.49
C ARG A 213 29.58 -0.37 -5.86
N ILE A 214 29.27 -1.65 -6.09
CA ILE A 214 28.89 -2.06 -7.42
C ILE A 214 27.53 -1.47 -7.79
N VAL A 215 26.56 -1.50 -6.88
CA VAL A 215 25.23 -1.02 -7.20
C VAL A 215 25.27 0.48 -7.48
N THR A 216 26.06 1.24 -6.71
CA THR A 216 26.27 2.66 -7.01
C THR A 216 26.92 2.83 -8.38
N GLU A 217 28.02 2.11 -8.63
CA GLU A 217 28.73 2.27 -9.89
C GLU A 217 27.81 1.98 -11.07
N MET A 218 27.03 0.90 -10.97
CA MET A 218 26.13 0.57 -12.05
C MET A 218 25.04 1.61 -12.24
N ARG A 219 24.69 2.34 -11.16
CA ARG A 219 23.62 3.32 -11.28
C ARG A 219 24.04 4.49 -12.13
N PHE A 220 25.32 4.76 -12.27
CA PHE A 220 25.79 5.81 -13.16
C PHE A 220 26.04 5.30 -14.57
N ASP A 221 25.87 4.00 -14.81
CA ASP A 221 25.89 3.41 -16.15
C ASP A 221 24.49 3.47 -16.80
N GLU A 222 24.46 3.76 -18.10
CA GLU A 222 23.20 4.15 -18.73
C GLU A 222 22.14 3.06 -18.61
N ALA A 223 22.56 1.79 -18.70
CA ALA A 223 21.60 0.70 -18.63
C ALA A 223 20.76 0.78 -17.34
N SER A 224 21.37 1.19 -16.22
CA SER A 224 20.59 1.33 -14.99
C SER A 224 20.13 2.77 -14.75
N ALA A 225 20.98 3.76 -14.98
CA ALA A 225 20.60 5.15 -14.76
C ALA A 225 19.29 5.50 -15.45
N ARG A 226 19.13 5.06 -16.70
CA ARG A 226 18.00 5.41 -17.51
C ARG A 226 16.88 4.38 -17.47
N TYR A 227 17.19 3.10 -17.26
CA TYR A 227 16.21 2.06 -17.43
C TYR A 227 15.90 1.21 -16.22
N ALA A 228 16.61 1.33 -15.10
CA ALA A 228 16.36 0.43 -13.99
C ALA A 228 15.21 0.93 -13.14
N GLU A 229 14.35 0.01 -12.73
CA GLU A 229 13.36 0.27 -11.71
C GLU A 229 13.57 -0.77 -10.61
N PHE A 230 13.82 -0.31 -9.39
CA PHE A 230 14.19 -1.20 -8.30
C PHE A 230 13.05 -1.41 -7.30
N GLY A 231 12.98 -2.62 -6.75
CA GLY A 231 12.16 -2.90 -5.58
C GLY A 231 12.94 -2.71 -4.28
N SER A 232 12.54 -3.47 -3.27
CA SER A 232 13.13 -3.36 -1.95
C SER A 232 14.46 -4.11 -1.91
N PHE A 233 15.36 -3.65 -1.05
CA PHE A 233 16.68 -4.24 -0.90
C PHE A 233 16.80 -4.92 0.45
N PHE A 234 17.40 -6.10 0.45
CA PHE A 234 17.55 -6.90 1.66
C PHE A 234 19.03 -7.25 1.81
N ILE A 235 19.57 -7.09 3.01
CA ILE A 235 20.98 -7.35 3.29
C ILE A 235 21.09 -8.27 4.50
N GLY A 236 22.03 -9.22 4.46
CA GLY A 236 22.14 -10.13 5.58
C GLY A 236 23.49 -10.81 5.70
N ASN A 237 23.57 -11.68 6.71
CA ASN A 237 24.79 -12.34 7.17
C ASN A 237 24.59 -13.85 7.11
N LEU A 238 25.62 -14.56 6.69
CA LEU A 238 25.52 -16.02 6.55
C LEU A 238 25.16 -16.66 7.90
N LEU A 239 24.25 -17.63 7.85
CA LEU A 239 23.82 -18.40 9.01
C LEU A 239 24.07 -19.89 8.79
N LEU A 240 25.00 -20.45 9.54
CA LEU A 240 25.21 -21.89 9.58
C LEU A 240 24.50 -22.45 10.82
N SER A 241 24.84 -23.69 11.20
CA SER A 241 24.19 -24.32 12.34
C SER A 241 24.47 -23.54 13.62
N GLU A 242 25.75 -23.22 13.87
CA GLU A 242 26.11 -22.49 15.07
C GLU A 242 25.25 -21.24 15.24
N GLN A 243 25.16 -20.43 14.19
CA GLN A 243 24.40 -19.19 14.29
C GLN A 243 22.91 -19.43 14.44
N LEU A 244 22.42 -20.63 14.09
CA LEU A 244 20.97 -20.88 14.04
C LEU A 244 20.41 -21.23 15.41
N SER A 245 20.96 -22.24 16.08
CA SER A 245 20.46 -22.54 17.42
C SER A 245 20.72 -21.39 18.36
N LYS A 246 21.78 -20.62 18.08
CA LYS A 246 22.08 -19.41 18.84
C LYS A 246 21.01 -18.36 18.59
N LEU A 247 20.71 -18.10 17.32
CA LEU A 247 19.67 -17.14 16.96
C LEU A 247 18.38 -17.39 17.72
N PHE A 248 18.01 -18.65 17.94
CA PHE A 248 16.72 -18.96 18.54
C PHE A 248 16.79 -19.16 20.06
N THR A 249 17.97 -19.02 20.67
CA THR A 249 18.09 -19.08 22.12
C THR A 249 17.67 -17.75 22.72
N ILE A 250 16.63 -17.75 23.51
CA ILE A 250 16.04 -16.50 23.95
C ILE A 250 16.57 -16.10 25.34
N LYS B 5 32.64 8.10 -5.58
CA LYS B 5 33.60 7.60 -4.60
C LYS B 5 33.25 8.13 -3.20
N THR B 6 33.09 7.22 -2.25
CA THR B 6 32.75 7.57 -0.87
C THR B 6 33.65 6.82 0.12
N LEU B 7 33.84 7.43 1.29
CA LEU B 7 34.42 6.75 2.46
C LEU B 7 33.27 6.33 3.36
N ASP B 8 33.42 5.17 4.00
CA ASP B 8 32.28 4.57 4.70
C ASP B 8 32.69 4.30 6.13
N GLY B 9 31.75 4.51 7.05
CA GLY B 9 32.08 4.43 8.46
C GLY B 9 31.21 3.41 9.17
N TRP B 10 30.64 3.81 10.29
CA TRP B 10 29.77 2.91 11.03
C TRP B 10 28.52 2.53 10.24
N PHE B 11 28.14 1.25 10.35
CA PHE B 11 26.83 0.78 9.94
C PHE B 11 25.76 1.19 10.94
N CYS B 12 24.60 1.62 10.40
CA CYS B 12 23.53 2.26 11.16
C CYS B 12 22.22 1.51 11.05
N LEU B 13 21.49 1.46 12.15
CA LEU B 13 20.12 0.98 12.20
C LEU B 13 19.27 2.06 12.86
N HIS B 14 18.25 2.51 12.16
CA HIS B 14 17.16 3.25 12.79
C HIS B 14 16.01 2.27 12.99
N ASP B 15 15.58 2.09 14.23
CA ASP B 15 14.62 1.05 14.58
C ASP B 15 13.43 1.70 15.28
N PHE B 16 12.32 1.85 14.57
CA PHE B 16 11.13 2.52 15.10
C PHE B 16 10.16 1.52 15.68
N ARG B 17 9.63 1.86 16.84
CA ARG B 17 8.78 0.97 17.61
C ARG B 17 7.58 1.73 18.14
N SER B 18 6.41 1.10 18.07
CA SER B 18 5.20 1.57 18.74
C SER B 18 4.94 0.68 19.95
N ILE B 19 4.60 1.29 21.07
CA ILE B 19 4.40 0.53 22.30
C ILE B 19 2.98 -0.05 22.34
N ASP B 20 2.87 -1.30 22.71
CA ASP B 20 1.57 -1.97 22.81
C ASP B 20 1.00 -1.70 24.21
N TRP B 21 0.37 -0.53 24.36
CA TRP B 21 -0.10 -0.10 25.69
C TRP B 21 -1.13 -1.06 26.28
N ALA B 22 -2.05 -1.58 25.45
CA ALA B 22 -3.09 -2.47 25.94
C ALA B 22 -2.48 -3.69 26.64
N ALA B 23 -1.49 -4.31 26.01
CA ALA B 23 -0.84 -5.49 26.60
C ALA B 23 0.05 -5.09 27.78
N TRP B 24 0.81 -4.00 27.65
CA TRP B 24 1.64 -3.50 28.74
C TRP B 24 0.82 -3.24 30.00
N ARG B 25 -0.35 -2.66 29.81
CA ARG B 25 -1.26 -2.36 30.91
C ARG B 25 -1.67 -3.63 31.64
N GLU B 26 -1.71 -4.77 30.95
CA GLU B 26 -2.16 -5.99 31.58
C GLU B 26 -1.13 -6.57 32.53
N LEU B 27 0.07 -6.07 32.51
CA LEU B 27 1.13 -6.61 33.34
C LEU B 27 1.07 -5.99 34.72
N ASN B 28 1.24 -6.80 35.76
CA ASN B 28 1.34 -6.21 37.08
C ASN B 28 2.63 -5.40 37.22
N PRO B 29 2.63 -4.45 38.14
CA PRO B 29 3.76 -3.52 38.24
C PRO B 29 5.10 -4.22 38.52
N GLY B 30 5.10 -5.33 39.25
CA GLY B 30 6.35 -6.03 39.52
C GLY B 30 6.98 -6.59 38.25
N ASN B 31 6.17 -7.15 37.37
CA ASN B 31 6.68 -7.68 36.13
C ASN B 31 7.09 -6.57 35.18
N GLN B 32 6.36 -5.45 35.18
CA GLN B 32 6.83 -4.27 34.45
C GLN B 32 8.22 -3.85 34.90
N GLU B 33 8.42 -3.76 36.22
CA GLU B 33 9.72 -3.37 36.74
C GLU B 33 10.79 -4.35 36.29
N LEU B 34 10.51 -5.64 36.35
CA LEU B 34 11.53 -6.59 35.92
C LEU B 34 11.91 -6.35 34.46
N MET B 35 10.92 -6.08 33.62
CA MET B 35 11.22 -5.89 32.20
C MET B 35 12.00 -4.60 31.94
N LEU B 36 11.66 -3.55 32.68
CA LEU B 36 12.43 -2.31 32.60
C LEU B 36 13.84 -2.50 33.15
N ASN B 37 14.00 -3.30 34.21
CA ASN B 37 15.33 -3.56 34.71
C ASN B 37 16.18 -4.22 33.63
N GLU B 38 15.61 -5.21 32.93
CA GLU B 38 16.34 -5.89 31.86
C GLU B 38 16.70 -4.91 30.76
N LEU B 39 15.78 -3.99 30.44
CA LEU B 39 16.02 -3.01 29.39
C LEU B 39 17.14 -2.06 29.80
N SER B 40 17.15 -1.64 31.06
CA SER B 40 18.24 -0.78 31.53
C SER B 40 19.58 -1.49 31.47
N HIS B 41 19.62 -2.78 31.80
CA HIS B 41 20.85 -3.56 31.65
C HIS B 41 21.32 -3.55 30.19
N PHE B 42 20.41 -3.85 29.26
CA PHE B 42 20.76 -3.83 27.84
C PHE B 42 21.30 -2.47 27.41
N LEU B 43 20.66 -1.39 27.85
CA LEU B 43 21.10 -0.04 27.48
C LEU B 43 22.46 0.30 28.11
N SER B 44 22.69 -0.14 29.34
CA SER B 44 24.01 0.09 29.91
C SER B 44 25.08 -0.68 29.13
N ASP B 45 24.74 -1.87 28.62
CA ASP B 45 25.62 -2.59 27.69
C ASP B 45 25.94 -1.76 26.45
N MET B 46 24.93 -1.12 25.87
CA MET B 46 25.15 -0.28 24.69
C MET B 46 26.06 0.87 25.03
N GLU B 47 25.90 1.42 26.23
CA GLU B 47 26.70 2.57 26.65
C GLU B 47 28.16 2.19 26.83
N ILE B 48 28.43 0.94 27.19
CA ILE B 48 29.79 0.43 27.32
C ILE B 48 30.47 0.38 25.95
N THR B 49 29.76 -0.13 24.95
CA THR B 49 30.28 -0.11 23.58
C THR B 49 30.57 1.31 23.12
N LYS B 50 29.68 2.23 23.45
CA LYS B 50 29.94 3.64 23.16
C LYS B 50 31.23 4.12 23.84
N ASN B 51 31.38 3.82 25.13
CA ASN B 51 32.47 4.41 25.87
C ASN B 51 33.82 3.82 25.51
N ILE B 52 33.87 2.66 24.84
CA ILE B 52 35.13 2.16 24.32
C ILE B 52 35.35 2.51 22.86
N GLY B 53 34.44 3.26 22.24
CA GLY B 53 34.62 3.73 20.89
C GLY B 53 34.28 2.72 19.80
N GLU B 54 33.43 1.75 20.08
CA GLU B 54 33.09 0.74 19.08
C GLU B 54 31.67 0.91 18.56
N GLY B 55 31.04 2.03 18.87
CA GLY B 55 29.70 2.30 18.37
C GLY B 55 29.08 3.49 19.08
N GLU B 56 27.82 3.71 18.74
CA GLU B 56 27.05 4.77 19.35
C GLU B 56 25.59 4.37 19.38
N HIS B 57 24.81 5.07 20.17
CA HIS B 57 23.37 4.86 20.10
C HIS B 57 22.66 5.97 20.83
N THR B 58 21.39 6.16 20.46
CA THR B 58 20.56 7.12 21.13
C THR B 58 19.10 6.73 20.93
N ILE B 59 18.26 7.31 21.77
CA ILE B 59 16.83 7.00 21.81
C ILE B 59 16.06 8.30 21.85
N TYR B 60 15.07 8.44 20.97
CA TYR B 60 14.20 9.60 20.90
C TYR B 60 12.77 9.10 20.92
N SER B 61 11.91 9.86 21.57
CA SER B 61 10.48 9.60 21.49
C SER B 61 9.95 10.32 20.26
N ILE B 62 9.06 9.63 19.52
CA ILE B 62 8.57 10.04 18.21
C ILE B 62 7.14 10.56 18.33
N LEU B 63 6.87 11.70 17.70
CA LEU B 63 5.54 12.29 17.67
C LEU B 63 4.67 11.62 16.64
N GLY B 64 3.39 11.45 16.98
CA GLY B 64 2.43 10.93 16.03
C GLY B 64 2.38 9.43 16.10
N GLN B 65 1.54 8.86 15.24
CA GLN B 65 1.28 7.44 15.33
C GLN B 65 2.34 6.56 14.67
N LYS B 66 3.28 7.13 13.90
CA LYS B 66 4.23 6.29 13.18
C LYS B 66 5.04 5.45 14.11
N ALA B 67 5.30 5.96 15.32
CA ALA B 67 6.11 5.25 16.30
C ALA B 67 6.01 6.00 17.61
N ASP B 68 6.34 5.28 18.70
CA ASP B 68 6.55 5.90 20.00
C ASP B 68 8.02 6.18 20.28
N LEU B 69 8.91 5.32 19.76
CA LEU B 69 10.35 5.37 20.01
C LEU B 69 11.10 5.09 18.72
N VAL B 70 12.29 5.69 18.62
CA VAL B 70 13.31 5.24 17.69
C VAL B 70 14.59 4.92 18.47
N PHE B 71 15.15 3.75 18.19
CA PHE B 71 16.49 3.37 18.67
C PHE B 71 17.43 3.52 17.49
N PHE B 72 18.37 4.42 17.60
CA PHE B 72 19.35 4.71 16.54
C PHE B 72 20.68 4.15 17.03
N THR B 73 21.15 3.09 16.39
CA THR B 73 22.37 2.39 16.79
C THR B 73 23.39 2.41 15.66
N LEU B 74 24.66 2.56 16.02
CA LEU B 74 25.75 2.56 15.06
C LEU B 74 26.83 1.60 15.55
N ARG B 75 27.31 0.75 14.63
CA ARG B 75 28.28 -0.28 14.96
C ARG B 75 29.29 -0.42 13.84
N ASP B 76 30.42 -1.08 14.17
CA ASP B 76 31.54 -1.16 13.24
C ASP B 76 31.44 -2.32 12.25
N SER B 77 30.45 -3.22 12.41
CA SER B 77 30.19 -4.24 11.40
C SER B 77 28.69 -4.54 11.27
N LEU B 78 28.31 -5.13 10.12
CA LEU B 78 26.93 -5.62 9.97
C LEU B 78 26.64 -6.77 10.92
N GLU B 79 27.64 -7.60 11.22
CA GLU B 79 27.46 -8.69 12.17
C GLU B 79 27.12 -8.15 13.55
N ALA B 80 27.84 -7.13 14.01
CA ALA B 80 27.56 -6.53 15.31
C ALA B 80 26.21 -5.84 15.34
N LEU B 81 25.85 -5.15 14.25
CA LEU B 81 24.55 -4.51 14.21
C LEU B 81 23.44 -5.55 14.25
N ASN B 82 23.63 -6.67 13.54
CA ASN B 82 22.64 -7.75 13.55
C ASN B 82 22.51 -8.35 14.96
N GLU B 83 23.62 -8.49 15.68
CA GLU B 83 23.59 -9.10 17.01
C GLU B 83 22.85 -8.21 18.00
N VAL B 84 23.10 -6.91 17.95
CA VAL B 84 22.36 -5.96 18.78
C VAL B 84 20.87 -6.06 18.51
N GLU B 85 20.49 -6.09 17.23
CA GLU B 85 19.08 -6.13 16.89
C GLU B 85 18.43 -7.39 17.45
N ASN B 86 19.11 -8.51 17.30
CA ASN B 86 18.58 -9.79 17.75
C ASN B 86 18.52 -9.84 19.29
N ARG B 87 19.57 -9.40 19.97
CA ARG B 87 19.54 -9.33 21.43
C ARG B 87 18.41 -8.40 21.90
N PHE B 88 18.23 -7.25 21.23
CA PHE B 88 17.11 -6.36 21.54
C PHE B 88 15.77 -7.09 21.45
N ASN B 89 15.51 -7.79 20.35
CA ASN B 89 14.22 -8.44 20.16
C ASN B 89 13.97 -9.55 21.17
N LYS B 90 15.03 -10.07 21.77
CA LYS B 90 14.93 -11.10 22.82
C LYS B 90 14.67 -10.53 24.22
N LEU B 91 14.79 -9.23 24.43
CA LEU B 91 14.36 -8.66 25.70
C LEU B 91 12.90 -8.96 25.94
N ALA B 92 12.54 -9.21 27.18
CA ALA B 92 11.12 -9.41 27.46
C ALA B 92 10.27 -8.22 27.04
N ILE B 93 10.75 -7.00 27.27
CA ILE B 93 9.95 -5.81 26.96
C ILE B 93 9.77 -5.62 25.45
N ALA B 94 10.65 -6.18 24.63
CA ALA B 94 10.52 -6.01 23.19
C ALA B 94 9.22 -6.61 22.66
N ASP B 95 8.61 -7.56 23.38
CA ASP B 95 7.30 -8.07 22.96
C ASP B 95 6.24 -6.97 22.94
N TYR B 96 6.47 -5.88 23.66
CA TYR B 96 5.57 -4.74 23.71
C TYR B 96 6.02 -3.60 22.80
N LEU B 97 7.12 -3.78 22.08
CA LEU B 97 7.67 -2.75 21.18
C LEU B 97 7.49 -3.29 19.77
N LEU B 98 6.36 -2.87 19.13
CA LEU B 98 5.96 -3.39 17.85
C LEU B 98 6.73 -2.68 16.74
N PRO B 99 7.31 -3.41 15.81
CA PRO B 99 8.14 -2.78 14.77
C PRO B 99 7.25 -2.06 13.76
N THR B 100 7.54 -0.79 13.51
CA THR B 100 6.73 -0.04 12.56
C THR B 100 7.51 0.51 11.39
N TYR B 101 8.83 0.62 11.48
CA TYR B 101 9.69 1.02 10.38
C TYR B 101 11.14 0.81 10.79
N SER B 102 12.00 0.63 9.81
CA SER B 102 13.42 0.54 10.12
C SER B 102 14.18 1.00 8.90
N TYR B 103 15.45 1.35 9.13
CA TYR B 103 16.34 1.77 8.07
C TYR B 103 17.78 1.33 8.35
N ILE B 104 18.45 0.84 7.29
CA ILE B 104 19.83 0.34 7.33
C ILE B 104 20.66 1.20 6.39
N SER B 105 21.80 1.71 6.90
CA SER B 105 22.69 2.53 6.09
C SER B 105 24.10 2.50 6.68
N VAL B 106 25.02 3.14 5.99
CA VAL B 106 26.40 3.24 6.46
C VAL B 106 26.84 4.70 6.34
N VAL B 107 27.48 5.22 7.41
CA VAL B 107 27.86 6.64 7.41
C VAL B 107 28.77 6.88 6.22
N GLU B 108 28.52 7.98 5.51
CA GLU B 108 29.06 8.20 4.19
C GLU B 108 29.75 9.56 4.14
N LEU B 109 30.87 9.61 3.41
CA LEU B 109 31.61 10.86 3.28
C LEU B 109 32.27 10.84 1.90
N SER B 110 31.71 11.58 0.95
CA SER B 110 32.29 11.66 -0.39
C SER B 110 33.11 12.93 -0.58
N TYR B 124 41.45 8.06 6.43
CA TYR B 124 41.00 7.13 7.46
C TYR B 124 41.89 7.21 8.69
N GLN B 125 43.11 7.72 8.48
CA GLN B 125 44.03 8.06 9.54
C GLN B 125 43.80 9.46 10.09
N ASN B 126 42.76 10.15 9.61
CA ASN B 126 42.54 11.56 9.89
C ASN B 126 41.50 11.73 10.98
N LYS B 127 41.73 12.69 11.88
CA LYS B 127 40.87 12.83 13.05
C LYS B 127 39.54 13.49 12.72
N GLY B 128 39.54 14.50 11.84
CA GLY B 128 38.30 15.14 11.47
C GLY B 128 37.45 14.30 10.54
N VAL B 129 38.10 13.46 9.73
CA VAL B 129 37.37 12.47 8.94
C VAL B 129 36.80 11.40 9.85
N ARG B 130 37.64 10.85 10.73
CA ARG B 130 37.17 9.86 11.69
C ARG B 130 36.02 10.41 12.52
N ALA B 131 36.06 11.71 12.84
CA ALA B 131 34.94 12.32 13.57
C ALA B 131 33.67 12.35 12.74
N ARG B 132 33.80 12.42 11.41
CA ARG B 132 32.63 12.34 10.54
C ARG B 132 32.17 10.90 10.36
N LEU B 133 33.11 9.96 10.11
CA LEU B 133 32.77 8.57 9.80
C LEU B 133 32.27 7.79 10.99
N TYR B 134 32.64 8.19 12.20
CA TYR B 134 32.33 7.48 13.43
C TYR B 134 31.78 8.52 14.40
N PRO B 135 30.60 9.05 14.13
CA PRO B 135 30.21 10.31 14.77
C PRO B 135 29.72 10.11 16.19
N ALA B 136 30.14 11.02 17.06
CA ALA B 136 29.52 11.12 18.37
C ALA B 136 28.12 11.69 18.18
N LEU B 137 27.16 11.11 18.88
CA LEU B 137 25.78 11.56 18.74
C LEU B 137 25.54 12.71 19.71
N PRO B 138 25.19 13.90 19.23
CA PRO B 138 25.01 15.03 20.14
C PRO B 138 23.72 14.86 20.94
N PRO B 139 23.73 15.21 22.20
CA PRO B 139 22.53 15.12 23.05
C PRO B 139 21.54 16.25 22.80
N LYS B 140 21.18 16.47 21.54
CA LYS B 140 20.28 17.55 21.17
C LYS B 140 18.84 17.18 21.53
N LYS B 141 18.04 18.21 21.80
CA LYS B 141 16.67 17.99 22.25
C LYS B 141 15.83 17.21 21.24
N HIS B 142 16.10 17.37 19.94
CA HIS B 142 15.23 16.78 18.92
C HIS B 142 16.03 16.14 17.79
N ILE B 143 15.36 15.20 17.14
CA ILE B 143 15.89 14.48 16.00
C ILE B 143 14.88 14.56 14.86
N CYS B 144 15.39 14.47 13.65
CA CYS B 144 14.58 14.34 12.45
C CYS B 144 15.20 13.28 11.56
N PHE B 145 14.43 12.29 11.14
CA PHE B 145 14.91 11.29 10.21
C PHE B 145 14.02 11.24 8.96
N TYR B 146 14.65 11.08 7.79
CA TYR B 146 13.94 10.74 6.56
C TYR B 146 14.92 10.07 5.58
N PRO B 147 14.48 9.12 4.78
CA PRO B 147 15.30 8.66 3.65
C PRO B 147 15.02 9.44 2.37
N MET B 148 15.96 9.37 1.43
CA MET B 148 15.73 9.99 0.15
C MET B 148 16.54 9.29 -0.92
N SER B 149 16.13 9.50 -2.17
CA SER B 149 16.88 9.10 -3.35
C SER B 149 16.97 10.28 -4.32
N LYS B 150 17.82 10.12 -5.32
CA LYS B 150 17.89 11.08 -6.42
C LYS B 150 17.16 10.52 -7.62
N LYS B 151 16.38 11.38 -8.25
CA LYS B 151 15.46 10.99 -9.32
C LYS B 151 16.19 10.52 -10.56
N ARG B 152 15.57 9.58 -11.23
CA ARG B 152 15.93 9.17 -12.58
C ARG B 152 14.64 9.22 -13.39
N ASP B 153 14.19 10.43 -13.71
CA ASP B 153 12.81 10.63 -14.19
C ASP B 153 12.86 11.58 -15.38
N GLY B 154 12.85 11.02 -16.58
CA GLY B 154 12.84 11.85 -17.77
C GLY B 154 14.06 12.77 -17.82
N ALA B 155 13.81 14.06 -18.02
CA ALA B 155 14.88 15.04 -18.05
C ALA B 155 15.42 15.39 -16.68
N ASP B 156 14.78 14.93 -15.62
CA ASP B 156 15.32 15.10 -14.26
C ASP B 156 16.00 13.80 -13.83
N ASN B 157 17.17 13.54 -14.41
CA ASN B 157 17.88 12.30 -14.14
C ASN B 157 19.27 12.61 -13.60
N TRP B 158 19.41 12.46 -12.28
CA TRP B 158 20.66 12.77 -11.58
C TRP B 158 21.81 11.91 -12.07
N TYR B 159 21.55 10.62 -12.26
CA TYR B 159 22.61 9.69 -12.61
C TYR B 159 23.03 9.79 -14.09
N MET B 160 22.31 10.54 -14.92
CA MET B 160 22.74 10.81 -16.29
C MET B 160 23.45 12.15 -16.41
N LEU B 161 23.52 12.95 -15.35
CA LEU B 161 24.26 14.21 -15.39
C LEU B 161 25.77 13.96 -15.54
N PRO B 162 26.49 14.83 -16.26
CA PRO B 162 27.96 14.77 -16.23
C PRO B 162 28.53 15.11 -14.86
N MET B 163 29.68 14.51 -14.57
CA MET B 163 30.40 14.72 -13.31
C MET B 163 30.44 16.19 -12.88
N GLU B 164 30.77 17.11 -13.79
CA GLU B 164 30.99 18.48 -13.37
C GLU B 164 29.68 19.19 -13.05
N GLU B 165 28.57 18.79 -13.67
CA GLU B 165 27.29 19.37 -13.31
C GLU B 165 26.85 18.92 -11.92
N ARG B 166 26.98 17.63 -11.62
CA ARG B 166 26.64 17.16 -10.29
C ARG B 166 27.51 17.84 -9.23
N GLN B 167 28.81 18.04 -9.53
CA GLN B 167 29.70 18.65 -8.55
C GLN B 167 29.24 20.05 -8.18
N GLN B 168 28.83 20.83 -9.18
CA GLN B 168 28.31 22.17 -8.93
C GLN B 168 27.01 22.13 -8.11
N LEU B 169 26.13 21.17 -8.40
CA LEU B 169 24.87 21.08 -7.67
C LEU B 169 25.09 20.72 -6.22
N ILE B 170 26.00 19.76 -5.95
CA ILE B 170 26.32 19.39 -4.57
C ILE B 170 27.03 20.52 -3.85
N ARG B 171 27.93 21.23 -4.55
CA ARG B 171 28.58 22.38 -3.94
C ARG B 171 27.56 23.34 -3.33
N ASP B 172 26.55 23.75 -4.11
CA ASP B 172 25.60 24.76 -3.66
C ASP B 172 24.79 24.29 -2.47
N HIS B 173 24.41 23.03 -2.47
CA HIS B 173 23.70 22.47 -1.33
C HIS B 173 24.55 22.53 -0.07
N GLY B 174 25.87 22.37 -0.20
CA GLY B 174 26.75 22.48 0.96
C GLY B 174 26.83 23.86 1.58
N LEU B 175 26.70 24.91 0.77
CA LEU B 175 26.74 26.25 1.33
C LEU B 175 25.56 26.49 2.26
N ILE B 176 24.39 25.94 1.91
CA ILE B 176 23.23 26.06 2.78
C ILE B 176 23.50 25.37 4.11
N GLY B 177 23.98 24.15 4.06
CA GLY B 177 24.32 23.46 5.28
C GLY B 177 25.26 24.27 6.17
N ARG B 178 26.27 24.92 5.57
CA ARG B 178 27.23 25.70 6.37
C ARG B 178 26.50 26.77 7.14
N SER B 179 25.47 27.38 6.54
CA SER B 179 24.75 28.43 7.23
C SER B 179 23.95 27.94 8.42
N TYR B 180 23.74 26.63 8.55
CA TYR B 180 23.07 26.07 9.73
C TYR B 180 24.06 25.49 10.75
N ALA B 181 25.34 25.85 10.66
CA ALA B 181 26.28 25.41 11.70
C ALA B 181 25.84 25.94 13.04
N GLY B 182 25.80 25.07 14.03
CA GLY B 182 25.39 25.49 15.34
C GLY B 182 23.89 25.49 15.55
N LYS B 183 23.13 25.24 14.50
CA LYS B 183 21.69 25.08 14.56
C LYS B 183 21.24 23.65 14.30
N VAL B 184 21.86 23.01 13.32
CA VAL B 184 21.51 21.64 12.90
C VAL B 184 22.81 20.88 12.69
N GLN B 185 22.85 19.63 13.18
CA GLN B 185 23.92 18.69 12.90
C GLN B 185 23.32 17.51 12.13
N GLN B 186 24.00 17.09 11.07
CA GLN B 186 23.49 16.09 10.13
C GLN B 186 24.40 14.87 10.16
N ILE B 187 23.79 13.69 10.11
CA ILE B 187 24.50 12.46 9.77
C ILE B 187 23.87 11.94 8.49
N ILE B 188 24.69 11.75 7.46
CA ILE B 188 24.24 11.19 6.19
C ILE B 188 24.68 9.74 6.09
N GLY B 189 23.72 8.82 6.04
CA GLY B 189 24.01 7.43 5.79
C GLY B 189 23.69 7.04 4.36
N GLY B 190 24.66 6.43 3.71
CA GLY B 190 24.45 5.87 2.40
C GLY B 190 23.79 4.52 2.53
N SER B 191 22.82 4.26 1.62
CA SER B 191 22.08 3.00 1.69
C SER B 191 21.86 2.35 0.34
N ILE B 192 22.53 2.77 -0.72
CA ILE B 192 22.46 1.98 -1.95
C ILE B 192 23.01 0.59 -1.68
N GLY B 193 22.22 -0.42 -2.01
CA GLY B 193 22.54 -1.80 -1.74
C GLY B 193 22.11 -2.31 -0.39
N PHE B 194 21.72 -1.42 0.52
CA PHE B 194 21.39 -1.77 1.90
C PHE B 194 19.93 -1.55 2.25
N ASP B 195 19.22 -0.64 1.58
CA ASP B 195 17.82 -0.40 1.91
C ASP B 195 17.12 0.21 0.70
N ASP B 196 15.89 0.69 0.89
CA ASP B 196 14.98 0.94 -0.23
C ASP B 196 15.18 2.28 -0.90
N TYR B 197 15.79 3.23 -0.22
CA TYR B 197 16.20 4.52 -0.73
C TYR B 197 17.73 4.55 -0.78
N GLU B 198 18.27 5.69 -1.16
CA GLU B 198 19.70 5.80 -1.42
C GLU B 198 20.47 6.46 -0.28
N TRP B 199 19.81 7.27 0.55
CA TRP B 199 20.41 7.86 1.74
C TRP B 199 19.40 7.88 2.86
N GLY B 200 19.91 7.71 4.09
CA GLY B 200 19.17 7.98 5.31
C GLY B 200 19.74 9.24 5.93
N VAL B 201 18.89 10.24 6.14
CA VAL B 201 19.31 11.56 6.65
C VAL B 201 18.82 11.68 8.09
N THR B 202 19.74 11.84 9.04
CA THR B 202 19.38 12.15 10.42
C THR B 202 19.84 13.56 10.77
N LEU B 203 18.92 14.37 11.29
CA LEU B 203 19.24 15.71 11.76
C LEU B 203 18.97 15.83 13.25
N PHE B 204 19.81 16.61 13.92
CA PHE B 204 19.75 16.88 15.36
C PHE B 204 19.75 18.39 15.58
N SER B 205 18.88 18.88 16.45
CA SER B 205 18.84 20.29 16.78
C SER B 205 18.15 20.46 18.13
N ASP B 206 18.44 21.58 18.80
CA ASP B 206 17.73 21.95 20.00
C ASP B 206 16.47 22.78 19.69
N ASP B 207 16.27 23.16 18.44
CA ASP B 207 15.07 23.88 18.00
C ASP B 207 14.51 23.13 16.80
N ALA B 208 13.38 22.46 17.01
CA ALA B 208 12.74 21.66 15.96
C ALA B 208 12.40 22.48 14.73
N LEU B 209 12.19 23.79 14.90
CA LEU B 209 11.87 24.61 13.74
C LEU B 209 13.05 24.72 12.80
N GLU B 210 14.26 24.49 13.29
CA GLU B 210 15.41 24.50 12.39
C GLU B 210 15.36 23.37 11.38
N PHE B 211 14.68 22.26 11.73
CA PHE B 211 14.49 21.18 10.75
C PHE B 211 13.70 21.70 9.58
N LYS B 212 12.60 22.38 9.89
CA LYS B 212 11.73 22.89 8.84
C LYS B 212 12.46 23.93 8.00
N ARG B 213 13.21 24.81 8.66
CA ARG B 213 13.93 25.84 7.92
C ARG B 213 14.97 25.23 6.98
N ILE B 214 15.83 24.33 7.48
CA ILE B 214 16.91 23.86 6.62
C ILE B 214 16.35 23.00 5.49
N VAL B 215 15.35 22.17 5.78
CA VAL B 215 14.85 21.26 4.76
C VAL B 215 14.06 22.04 3.71
N THR B 216 13.36 23.11 4.12
CA THR B 216 12.69 23.99 3.16
C THR B 216 13.72 24.74 2.30
N GLU B 217 14.75 25.29 2.94
CA GLU B 217 15.75 26.04 2.20
C GLU B 217 16.40 25.15 1.15
N MET B 218 16.77 23.93 1.54
CA MET B 218 17.37 23.01 0.58
C MET B 218 16.40 22.68 -0.54
N ARG B 219 15.10 22.58 -0.24
CA ARG B 219 14.15 22.19 -1.29
C ARG B 219 14.08 23.21 -2.42
N PHE B 220 14.47 24.47 -2.18
CA PHE B 220 14.51 25.47 -3.24
C PHE B 220 15.85 25.51 -3.97
N ASP B 221 16.84 24.78 -3.48
CA ASP B 221 18.11 24.57 -4.18
C ASP B 221 17.95 23.47 -5.23
N GLU B 222 18.59 23.68 -6.38
CA GLU B 222 18.28 22.88 -7.56
C GLU B 222 18.58 21.40 -7.34
N ALA B 223 19.63 21.08 -6.60
CA ALA B 223 19.94 19.68 -6.32
C ALA B 223 18.76 18.95 -5.70
N SER B 224 18.03 19.58 -4.79
CA SER B 224 16.85 18.93 -4.21
C SER B 224 15.58 19.25 -4.99
N ALA B 225 15.42 20.52 -5.45
CA ALA B 225 14.18 20.93 -6.11
C ALA B 225 13.90 20.05 -7.32
N ARG B 226 14.94 19.72 -8.07
CA ARG B 226 14.79 18.94 -9.28
C ARG B 226 15.01 17.43 -9.08
N TYR B 227 15.87 17.04 -8.17
CA TYR B 227 16.34 15.67 -8.09
C TYR B 227 16.01 14.91 -6.81
N ALA B 228 15.47 15.53 -5.77
CA ALA B 228 15.22 14.78 -4.54
C ALA B 228 13.88 14.05 -4.56
N GLU B 229 13.89 12.82 -4.05
CA GLU B 229 12.71 12.02 -3.83
C GLU B 229 12.71 11.61 -2.37
N PHE B 230 11.65 11.94 -1.61
CA PHE B 230 11.68 11.83 -0.16
C PHE B 230 10.78 10.69 0.32
N GLY B 231 11.21 10.05 1.40
CA GLY B 231 10.40 9.10 2.11
C GLY B 231 9.60 9.80 3.18
N SER B 232 9.21 9.02 4.20
CA SER B 232 8.50 9.56 5.35
C SER B 232 9.46 10.31 6.27
N PHE B 233 8.91 11.30 6.98
CA PHE B 233 9.63 12.08 7.97
C PHE B 233 9.17 11.70 9.37
N PHE B 234 10.16 11.54 10.25
CA PHE B 234 9.96 11.19 11.66
C PHE B 234 10.62 12.25 12.51
N ILE B 235 9.93 12.73 13.55
CA ILE B 235 10.47 13.76 14.42
C ILE B 235 10.25 13.37 15.89
N GLY B 236 11.22 13.71 16.74
CA GLY B 236 11.26 13.18 18.09
C GLY B 236 12.01 14.03 19.08
N ASN B 237 11.86 13.66 20.35
CA ASN B 237 12.45 14.35 21.50
C ASN B 237 13.37 13.41 22.24
N LEU B 238 14.51 13.95 22.68
CA LEU B 238 15.50 13.14 23.39
C LEU B 238 14.90 12.44 24.60
N LEU B 239 15.18 11.12 24.70
CA LEU B 239 14.80 10.30 25.84
C LEU B 239 16.05 9.85 26.58
N LEU B 240 16.22 10.37 27.78
CA LEU B 240 17.19 9.81 28.70
C LEU B 240 16.48 8.88 29.68
N SER B 241 17.24 8.37 30.64
CA SER B 241 16.73 7.35 31.54
C SER B 241 15.47 7.80 32.24
N GLU B 242 15.43 9.04 32.71
CA GLU B 242 14.26 9.52 33.44
C GLU B 242 13.03 9.59 32.55
N GLN B 243 13.17 10.13 31.34
CA GLN B 243 12.03 10.21 30.46
C GLN B 243 11.59 8.82 30.01
N LEU B 244 12.54 7.87 29.95
CA LEU B 244 12.19 6.50 29.62
C LEU B 244 11.29 5.88 30.69
N SER B 245 11.63 6.07 31.97
CA SER B 245 10.80 5.51 33.03
C SER B 245 9.41 6.14 33.06
N LYS B 246 9.32 7.44 32.78
CA LYS B 246 8.03 8.12 32.72
C LYS B 246 7.19 7.60 31.55
N LEU B 247 7.81 7.46 30.39
CA LEU B 247 7.12 6.95 29.22
C LEU B 247 6.32 5.68 29.54
N PHE B 248 6.93 4.75 30.29
CA PHE B 248 6.32 3.46 30.53
C PHE B 248 5.50 3.40 31.82
N THR B 249 5.46 4.47 32.60
CA THR B 249 4.63 4.46 33.81
C THR B 249 3.19 4.67 33.39
N ILE B 250 2.34 3.70 33.75
CA ILE B 250 0.98 3.63 33.24
C ILE B 250 -0.07 3.37 34.33
N GLU C 2 -14.78 4.37 -32.56
CA GLU C 2 -13.40 4.23 -32.13
C GLU C 2 -13.31 3.01 -31.19
N ALA C 3 -14.31 2.82 -30.34
CA ALA C 3 -14.21 1.86 -29.23
C ALA C 3 -14.28 0.39 -29.68
N VAL C 4 -13.49 -0.45 -29.00
CA VAL C 4 -13.63 -1.90 -29.13
C VAL C 4 -15.04 -2.33 -28.71
N LYS C 5 -15.53 -3.40 -29.34
CA LYS C 5 -16.80 -4.03 -29.01
C LYS C 5 -16.52 -5.52 -28.85
N THR C 6 -17.11 -6.15 -27.83
CA THR C 6 -16.69 -7.48 -27.44
C THR C 6 -17.86 -8.45 -27.32
N LEU C 7 -17.56 -9.74 -27.50
CA LEU C 7 -18.41 -10.84 -27.09
C LEU C 7 -17.98 -11.30 -25.70
N ASP C 8 -18.95 -11.59 -24.84
CA ASP C 8 -18.64 -11.93 -23.45
C ASP C 8 -19.30 -13.24 -23.04
N GLY C 9 -18.55 -14.08 -22.30
CA GLY C 9 -19.00 -15.42 -21.96
C GLY C 9 -19.11 -15.64 -20.47
N TRP C 10 -18.49 -16.71 -19.94
CA TRP C 10 -18.63 -17.02 -18.51
C TRP C 10 -18.04 -15.92 -17.65
N PHE C 11 -18.65 -15.73 -16.49
CA PHE C 11 -18.08 -14.88 -15.46
C PHE C 11 -17.08 -15.71 -14.68
N CYS C 12 -15.98 -15.08 -14.28
CA CYS C 12 -14.80 -15.73 -13.73
C CYS C 12 -14.45 -15.16 -12.37
N LEU C 13 -14.11 -16.03 -11.43
CA LEU C 13 -13.51 -15.67 -10.17
C LEU C 13 -12.18 -16.40 -10.02
N HIS C 14 -11.11 -15.63 -9.81
CA HIS C 14 -9.82 -16.14 -9.37
C HIS C 14 -9.74 -15.82 -7.88
N ASP C 15 -9.75 -16.85 -7.04
CA ASP C 15 -9.81 -16.68 -5.58
C ASP C 15 -8.52 -17.24 -4.97
N PHE C 16 -7.63 -16.37 -4.54
CA PHE C 16 -6.31 -16.77 -4.01
C PHE C 16 -6.36 -16.84 -2.48
N ARG C 17 -5.88 -17.94 -1.92
CA ARG C 17 -5.96 -18.19 -0.49
C ARG C 17 -4.60 -18.65 0.01
N SER C 18 -4.27 -18.21 1.23
CA SER C 18 -3.10 -18.69 1.97
C SER C 18 -3.61 -19.48 3.16
N ILE C 19 -3.07 -20.69 3.34
CA ILE C 19 -3.50 -21.56 4.43
C ILE C 19 -2.89 -21.06 5.73
N ASP C 20 -3.72 -20.98 6.76
CA ASP C 20 -3.29 -20.55 8.08
C ASP C 20 -2.75 -21.78 8.79
N TRP C 21 -1.47 -22.08 8.51
CA TRP C 21 -0.92 -23.35 8.97
C TRP C 21 -0.97 -23.47 10.49
N ALA C 22 -0.69 -22.38 11.21
CA ALA C 22 -0.61 -22.47 12.66
C ALA C 22 -1.96 -22.80 13.25
N ALA C 23 -3.03 -22.18 12.73
CA ALA C 23 -4.39 -22.49 13.17
C ALA C 23 -4.79 -23.90 12.77
N TRP C 24 -4.47 -24.29 11.53
CA TRP C 24 -4.81 -25.62 11.05
C TRP C 24 -4.12 -26.68 11.88
N ARG C 25 -2.87 -26.41 12.28
CA ARG C 25 -2.08 -27.36 13.06
C ARG C 25 -2.69 -27.56 14.44
N GLU C 26 -3.32 -26.53 15.00
CA GLU C 26 -3.94 -26.67 16.31
C GLU C 26 -5.20 -27.52 16.26
N LEU C 27 -5.80 -27.69 15.09
CA LEU C 27 -7.00 -28.50 14.96
C LEU C 27 -6.68 -29.98 15.16
N ASN C 28 -7.53 -30.66 15.91
CA ASN C 28 -7.38 -32.10 16.06
C ASN C 28 -7.50 -32.76 14.68
N PRO C 29 -6.79 -33.87 14.45
CA PRO C 29 -6.84 -34.51 13.11
C PRO C 29 -8.25 -34.96 12.70
N GLY C 30 -9.10 -35.26 13.68
CA GLY C 30 -10.51 -35.56 13.38
C GLY C 30 -11.23 -34.36 12.80
N ASN C 31 -11.03 -33.19 13.39
CA ASN C 31 -11.66 -31.99 12.85
C ASN C 31 -11.15 -31.71 11.45
N GLN C 32 -9.84 -31.88 11.23
CA GLN C 32 -9.25 -31.69 9.91
C GLN C 32 -9.93 -32.59 8.89
N GLU C 33 -10.10 -33.87 9.22
CA GLU C 33 -10.70 -34.80 8.27
C GLU C 33 -12.14 -34.41 7.97
N LEU C 34 -12.87 -34.01 9.00
CA LEU C 34 -14.26 -33.62 8.82
C LEU C 34 -14.36 -32.41 7.87
N MET C 35 -13.46 -31.44 8.03
CA MET C 35 -13.51 -30.26 7.18
C MET C 35 -13.09 -30.57 5.74
N LEU C 36 -12.12 -31.46 5.55
CA LEU C 36 -11.76 -31.83 4.18
C LEU C 36 -12.86 -32.64 3.52
N ASN C 37 -13.57 -33.47 4.29
CA ASN C 37 -14.71 -34.20 3.73
C ASN C 37 -15.77 -33.24 3.23
N GLU C 38 -16.12 -32.23 4.03
CA GLU C 38 -17.06 -31.19 3.61
C GLU C 38 -16.57 -30.48 2.35
N LEU C 39 -15.29 -30.11 2.30
CA LEU C 39 -14.75 -29.48 1.09
C LEU C 39 -14.86 -30.43 -0.10
N SER C 40 -14.62 -31.71 0.14
CA SER C 40 -14.67 -32.70 -0.92
C SER C 40 -16.08 -32.83 -1.50
N HIS C 41 -17.11 -32.81 -0.63
CA HIS C 41 -18.50 -32.73 -1.10
C HIS C 41 -18.74 -31.49 -1.95
N PHE C 42 -18.24 -30.35 -1.48
CA PHE C 42 -18.43 -29.11 -2.22
C PHE C 42 -17.84 -29.20 -3.62
N LEU C 43 -16.68 -29.84 -3.75
CA LEU C 43 -16.02 -29.94 -5.04
C LEU C 43 -16.70 -30.96 -5.93
N SER C 44 -17.26 -32.00 -5.34
CA SER C 44 -18.05 -32.93 -6.13
C SER C 44 -19.27 -32.24 -6.76
N ASP C 45 -19.96 -31.39 -5.97
CA ASP C 45 -21.06 -30.60 -6.52
C ASP C 45 -20.60 -29.69 -7.66
N MET C 46 -19.46 -29.03 -7.48
CA MET C 46 -18.94 -28.21 -8.56
C MET C 46 -18.60 -29.04 -9.79
N GLU C 47 -18.20 -30.30 -9.59
CA GLU C 47 -17.91 -31.11 -10.75
C GLU C 47 -19.19 -31.49 -11.49
N ILE C 48 -20.30 -31.65 -10.77
CA ILE C 48 -21.59 -31.86 -11.43
C ILE C 48 -21.89 -30.68 -12.34
N THR C 49 -21.79 -29.45 -11.82
CA THR C 49 -22.06 -28.26 -12.62
C THR C 49 -21.18 -28.25 -13.87
N LYS C 50 -19.94 -28.68 -13.74
CA LYS C 50 -19.03 -28.72 -14.89
C LYS C 50 -19.49 -29.75 -15.90
N ASN C 51 -19.87 -30.95 -15.42
CA ASN C 51 -20.26 -32.02 -16.33
C ASN C 51 -21.53 -31.70 -17.12
N ILE C 52 -22.46 -30.96 -16.54
CA ILE C 52 -23.66 -30.59 -17.28
C ILE C 52 -23.44 -29.32 -18.09
N GLY C 53 -22.21 -28.81 -18.11
CA GLY C 53 -21.86 -27.68 -18.98
C GLY C 53 -22.31 -26.32 -18.50
N GLU C 54 -22.57 -26.16 -17.21
CA GLU C 54 -23.03 -24.87 -16.68
C GLU C 54 -21.93 -24.10 -15.98
N GLY C 55 -20.69 -24.58 -16.06
CA GLY C 55 -19.58 -23.84 -15.53
C GLY C 55 -18.33 -24.68 -15.56
N GLU C 56 -17.29 -24.14 -14.95
CA GLU C 56 -15.98 -24.77 -14.96
C GLU C 56 -15.29 -24.37 -13.67
N HIS C 57 -14.30 -25.17 -13.27
CA HIS C 57 -13.44 -24.74 -12.18
C HIS C 57 -12.18 -25.57 -12.19
N THR C 58 -11.17 -25.02 -11.52
CA THR C 58 -9.93 -25.76 -11.33
C THR C 58 -9.20 -25.16 -10.15
N ILE C 59 -8.23 -25.92 -9.63
CA ILE C 59 -7.45 -25.52 -8.48
C ILE C 59 -5.98 -25.77 -8.80
N TYR C 60 -5.13 -24.79 -8.48
CA TYR C 60 -3.67 -24.92 -8.57
C TYR C 60 -3.05 -24.51 -7.25
N SER C 61 -1.95 -25.16 -6.88
CA SER C 61 -1.15 -24.67 -5.76
C SER C 61 -0.19 -23.58 -6.25
N ILE C 62 -0.07 -22.51 -5.47
CA ILE C 62 0.65 -21.30 -5.90
C ILE C 62 1.98 -21.23 -5.17
N LEU C 63 3.03 -20.85 -5.91
CA LEU C 63 4.38 -20.72 -5.36
C LEU C 63 4.59 -19.37 -4.72
N GLY C 64 5.41 -19.37 -3.65
CA GLY C 64 5.73 -18.17 -2.93
C GLY C 64 4.66 -17.86 -1.90
N GLN C 65 4.85 -16.74 -1.21
CA GLN C 65 4.02 -16.35 -0.09
C GLN C 65 2.68 -15.70 -0.49
N LYS C 66 2.50 -15.32 -1.76
CA LYS C 66 1.26 -14.63 -2.15
C LYS C 66 0.03 -15.47 -1.88
N ALA C 67 0.15 -16.77 -2.06
CA ALA C 67 -0.97 -17.67 -1.89
C ALA C 67 -0.42 -19.09 -1.77
N ASP C 68 -1.20 -19.97 -1.15
CA ASP C 68 -0.94 -21.41 -1.23
C ASP C 68 -1.75 -22.08 -2.33
N LEU C 69 -2.88 -21.50 -2.71
CA LEU C 69 -3.65 -22.06 -3.81
C LEU C 69 -4.57 -21.02 -4.42
N VAL C 70 -5.02 -21.32 -5.62
CA VAL C 70 -6.03 -20.52 -6.29
C VAL C 70 -7.18 -21.43 -6.70
N PHE C 71 -8.40 -20.97 -6.43
CA PHE C 71 -9.61 -21.59 -6.95
C PHE C 71 -10.08 -20.70 -8.08
N PHE C 72 -10.04 -21.21 -9.31
CA PHE C 72 -10.49 -20.50 -10.50
C PHE C 72 -11.86 -21.10 -10.88
N THR C 73 -12.89 -20.27 -10.81
CA THR C 73 -14.25 -20.70 -11.03
C THR C 73 -14.93 -19.86 -12.11
N LEU C 74 -15.74 -20.53 -12.95
CA LEU C 74 -16.43 -19.91 -14.07
C LEU C 74 -17.90 -20.31 -14.04
N ARG C 75 -18.80 -19.34 -14.14
CA ARG C 75 -20.25 -19.54 -14.07
C ARG C 75 -20.95 -18.67 -15.12
N ASP C 76 -22.20 -18.97 -15.42
CA ASP C 76 -22.85 -18.26 -16.51
C ASP C 76 -23.55 -16.97 -16.08
N SER C 77 -23.50 -16.61 -14.79
CA SER C 77 -24.09 -15.39 -14.26
C SER C 77 -23.33 -14.92 -13.05
N LEU C 78 -23.38 -13.61 -12.79
CA LEU C 78 -22.76 -13.09 -11.58
C LEU C 78 -23.45 -13.64 -10.34
N GLU C 79 -24.74 -13.95 -10.43
CA GLU C 79 -25.46 -14.48 -9.28
C GLU C 79 -24.97 -15.88 -8.95
N ALA C 80 -24.79 -16.74 -9.96
CA ALA C 80 -24.28 -18.08 -9.68
C ALA C 80 -22.85 -18.03 -9.18
N LEU C 81 -22.04 -17.09 -9.66
CA LEU C 81 -20.69 -16.95 -9.16
C LEU C 81 -20.69 -16.52 -7.68
N ASN C 82 -21.49 -15.49 -7.36
CA ASN C 82 -21.65 -15.00 -5.98
C ASN C 82 -22.05 -16.13 -5.03
N GLU C 83 -22.90 -17.05 -5.50
CA GLU C 83 -23.39 -18.15 -4.65
C GLU C 83 -22.32 -19.18 -4.38
N VAL C 84 -21.53 -19.55 -5.39
CA VAL C 84 -20.34 -20.37 -5.18
C VAL C 84 -19.44 -19.75 -4.13
N GLU C 85 -19.11 -18.48 -4.32
CA GLU C 85 -18.19 -17.81 -3.42
C GLU C 85 -18.71 -17.85 -1.99
N ASN C 86 -19.98 -17.50 -1.80
CA ASN C 86 -20.53 -17.41 -0.45
C ASN C 86 -20.63 -18.78 0.19
N ARG C 87 -20.98 -19.81 -0.59
CA ARG C 87 -21.01 -21.15 -0.04
C ARG C 87 -19.61 -21.66 0.29
N PHE C 88 -18.62 -21.33 -0.54
CA PHE C 88 -17.22 -21.66 -0.22
C PHE C 88 -16.81 -21.04 1.10
N ASN C 89 -17.05 -19.74 1.26
CA ASN C 89 -16.64 -19.06 2.47
C ASN C 89 -17.32 -19.61 3.70
N LYS C 90 -18.43 -20.34 3.56
CA LYS C 90 -19.13 -20.83 4.73
C LYS C 90 -18.80 -22.27 5.04
N LEU C 91 -17.96 -22.89 4.21
CA LEU C 91 -17.30 -24.15 4.57
C LEU C 91 -16.47 -23.96 5.83
N ALA C 92 -16.47 -24.96 6.68
CA ALA C 92 -15.64 -24.89 7.87
C ALA C 92 -14.19 -24.66 7.52
N ILE C 93 -13.71 -25.30 6.45
CA ILE C 93 -12.29 -25.21 6.13
C ILE C 93 -11.92 -23.80 5.68
N ALA C 94 -12.88 -23.02 5.17
CA ALA C 94 -12.52 -21.70 4.66
C ALA C 94 -12.06 -20.76 5.75
N ASP C 95 -12.37 -21.03 7.02
CA ASP C 95 -11.79 -20.24 8.11
C ASP C 95 -10.28 -20.35 8.12
N TYR C 96 -9.71 -21.42 7.55
CA TYR C 96 -8.26 -21.60 7.51
C TYR C 96 -7.64 -21.14 6.19
N LEU C 97 -8.47 -20.68 5.25
CA LEU C 97 -8.08 -20.24 3.92
C LEU C 97 -8.19 -18.74 3.88
N LEU C 98 -7.07 -18.06 4.17
CA LEU C 98 -7.11 -16.62 4.34
C LEU C 98 -7.10 -15.95 2.96
N PRO C 99 -7.92 -14.93 2.75
CA PRO C 99 -8.00 -14.31 1.41
C PRO C 99 -6.83 -13.37 1.17
N THR C 100 -6.09 -13.59 0.09
CA THR C 100 -4.93 -12.74 -0.18
C THR C 100 -5.03 -11.95 -1.47
N TYR C 101 -5.86 -12.39 -2.41
CA TYR C 101 -6.10 -11.65 -3.64
C TYR C 101 -7.26 -12.29 -4.38
N SER C 102 -7.97 -11.48 -5.15
CA SER C 102 -9.01 -12.07 -5.99
C SER C 102 -9.15 -11.24 -7.24
N TYR C 103 -9.76 -11.83 -8.25
CA TYR C 103 -9.99 -11.14 -9.51
C TYR C 103 -11.34 -11.56 -10.10
N ILE C 104 -12.11 -10.58 -10.57
CA ILE C 104 -13.40 -10.80 -11.22
C ILE C 104 -13.30 -10.39 -12.68
N SER C 105 -13.77 -11.24 -13.58
CA SER C 105 -13.70 -10.90 -15.00
C SER C 105 -14.76 -11.68 -15.78
N VAL C 106 -14.84 -11.42 -17.08
CA VAL C 106 -15.74 -12.18 -17.94
C VAL C 106 -14.97 -12.57 -19.19
N VAL C 107 -15.07 -13.83 -19.58
CA VAL C 107 -14.28 -14.29 -20.73
C VAL C 107 -14.64 -13.41 -21.92
N GLU C 108 -13.61 -12.92 -22.61
CA GLU C 108 -13.78 -11.83 -23.58
C GLU C 108 -13.24 -12.24 -24.94
N LEU C 109 -14.01 -11.92 -25.97
CA LEU C 109 -13.63 -12.08 -27.38
C LEU C 109 -13.74 -10.71 -28.01
N SER C 110 -12.60 -10.15 -28.42
CA SER C 110 -12.52 -8.77 -28.89
C SER C 110 -12.69 -8.72 -30.41
N ASN C 111 -13.22 -7.58 -30.90
CA ASN C 111 -13.66 -7.45 -32.29
C ASN C 111 -12.55 -6.98 -33.24
N TYR C 112 -11.39 -6.59 -32.73
CA TYR C 112 -10.33 -6.12 -33.60
C TYR C 112 -9.94 -7.22 -34.60
N GLN C 125 -23.49 -18.60 -32.18
CA GLN C 125 -23.55 -20.05 -32.03
C GLN C 125 -22.32 -20.73 -32.63
N ASN C 126 -21.50 -19.95 -33.34
CA ASN C 126 -20.27 -20.47 -33.91
C ASN C 126 -19.61 -21.38 -32.88
N LYS C 127 -19.70 -22.69 -33.10
CA LYS C 127 -19.14 -23.66 -32.17
C LYS C 127 -17.71 -23.28 -31.79
N GLY C 128 -16.96 -22.66 -32.70
CA GLY C 128 -15.64 -22.14 -32.41
C GLY C 128 -15.63 -20.86 -31.60
N VAL C 129 -16.76 -20.17 -31.51
CA VAL C 129 -16.90 -19.04 -30.59
C VAL C 129 -17.32 -19.51 -29.21
N ARG C 130 -18.28 -20.42 -29.13
CA ARG C 130 -18.67 -20.98 -27.83
C ARG C 130 -17.47 -21.61 -27.13
N ALA C 131 -16.61 -22.31 -27.88
CA ALA C 131 -15.43 -22.92 -27.29
C ALA C 131 -14.52 -21.88 -26.66
N ARG C 132 -14.46 -20.67 -27.22
CA ARG C 132 -13.67 -19.61 -26.59
C ARG C 132 -14.44 -18.94 -25.45
N LEU C 133 -15.75 -18.72 -25.60
CA LEU C 133 -16.53 -17.97 -24.61
C LEU C 133 -16.87 -18.79 -23.37
N TYR C 134 -16.93 -20.12 -23.52
CA TYR C 134 -17.33 -21.03 -22.47
C TYR C 134 -16.25 -22.09 -22.40
N PRO C 135 -15.05 -21.69 -21.98
CA PRO C 135 -13.88 -22.53 -22.18
C PRO C 135 -13.86 -23.73 -21.24
N ALA C 136 -13.61 -24.90 -21.81
CA ALA C 136 -13.18 -26.02 -21.02
C ALA C 136 -11.74 -25.79 -20.58
N LEU C 137 -11.45 -26.02 -19.31
CA LEU C 137 -10.12 -25.73 -18.79
C LEU C 137 -9.20 -26.92 -19.05
N PRO C 138 -8.05 -26.73 -19.69
CA PRO C 138 -7.16 -27.84 -19.95
C PRO C 138 -6.42 -28.24 -18.68
N PRO C 139 -6.24 -29.51 -18.43
CA PRO C 139 -5.58 -29.93 -17.19
C PRO C 139 -4.05 -29.94 -17.36
N LYS C 140 -3.49 -28.78 -17.65
CA LYS C 140 -2.06 -28.59 -17.78
C LYS C 140 -1.39 -28.50 -16.41
N LYS C 141 -0.09 -28.84 -16.39
CA LYS C 141 0.62 -28.92 -15.11
C LYS C 141 0.74 -27.57 -14.42
N HIS C 142 0.76 -26.46 -15.19
CA HIS C 142 1.00 -25.16 -14.59
C HIS C 142 -0.02 -24.11 -15.03
N ILE C 143 -0.20 -23.11 -14.16
CA ILE C 143 -1.05 -21.96 -14.43
C ILE C 143 -0.21 -20.73 -14.16
N CYS C 144 -0.49 -19.67 -14.91
CA CYS C 144 0.05 -18.34 -14.69
C CYS C 144 -1.09 -17.34 -14.80
N PHE C 145 -1.23 -16.44 -13.81
CA PHE C 145 -2.28 -15.43 -13.81
C PHE C 145 -1.67 -14.06 -13.57
N TYR C 146 -2.15 -13.06 -14.30
CA TYR C 146 -1.79 -11.67 -14.02
C TYR C 146 -2.86 -10.75 -14.62
N PRO C 147 -3.11 -9.62 -13.99
CA PRO C 147 -4.01 -8.63 -14.58
C PRO C 147 -3.21 -7.59 -15.32
N MET C 148 -3.84 -6.89 -16.25
CA MET C 148 -3.14 -5.85 -16.97
C MET C 148 -4.15 -4.85 -17.49
N SER C 149 -3.62 -3.67 -17.78
CA SER C 149 -4.35 -2.56 -18.39
C SER C 149 -3.52 -2.00 -19.53
N LYS C 150 -4.16 -1.19 -20.36
CA LYS C 150 -3.47 -0.46 -21.43
C LYS C 150 -3.24 0.94 -20.90
N LYS C 151 -2.06 1.48 -21.18
CA LYS C 151 -1.63 2.77 -20.64
C LYS C 151 -2.37 3.95 -21.27
N ARG C 152 -2.55 4.99 -20.43
CA ARG C 152 -3.05 6.31 -20.79
C ARG C 152 -2.09 7.30 -20.14
N ASP C 153 -0.89 7.45 -20.70
CA ASP C 153 0.17 8.19 -19.99
C ASP C 153 0.92 9.01 -21.02
N GLY C 154 0.61 10.30 -21.09
CA GLY C 154 1.27 11.16 -22.06
C GLY C 154 1.12 10.64 -23.48
N ALA C 155 2.23 10.60 -24.23
CA ALA C 155 2.16 10.16 -25.63
C ALA C 155 1.98 8.65 -25.76
N ASP C 156 2.04 7.89 -24.67
CA ASP C 156 1.77 6.46 -24.69
C ASP C 156 0.36 6.25 -24.18
N ASN C 157 -0.62 6.53 -25.03
CA ASN C 157 -2.03 6.50 -24.63
C ASN C 157 -2.79 5.65 -25.64
N TRP C 158 -3.03 4.40 -25.26
CA TRP C 158 -3.70 3.44 -26.13
C TRP C 158 -5.09 3.92 -26.55
N TYR C 159 -5.81 4.53 -25.63
CA TYR C 159 -7.22 4.85 -25.88
C TYR C 159 -7.40 6.11 -26.70
N MET C 160 -6.33 6.86 -26.94
CA MET C 160 -6.36 7.97 -27.89
C MET C 160 -5.87 7.58 -29.27
N LEU C 161 -5.33 6.37 -29.45
CA LEU C 161 -4.90 5.94 -30.77
C LEU C 161 -6.10 5.78 -31.71
N PRO C 162 -5.91 6.05 -33.01
CA PRO C 162 -6.95 5.70 -33.99
C PRO C 162 -7.09 4.20 -34.17
N MET C 163 -8.33 3.80 -34.49
CA MET C 163 -8.67 2.38 -34.57
C MET C 163 -7.71 1.64 -35.48
N GLU C 164 -7.34 2.27 -36.60
CA GLU C 164 -6.47 1.62 -37.58
C GLU C 164 -5.11 1.31 -36.97
N GLU C 165 -4.55 2.24 -36.19
CA GLU C 165 -3.27 1.97 -35.53
C GLU C 165 -3.40 0.92 -34.42
N ARG C 166 -4.48 0.97 -33.63
CA ARG C 166 -4.71 -0.08 -32.62
C ARG C 166 -4.87 -1.43 -33.29
N GLN C 167 -5.62 -1.51 -34.39
CA GLN C 167 -5.82 -2.79 -35.06
C GLN C 167 -4.49 -3.39 -35.52
N GLN C 168 -3.61 -2.56 -36.09
CA GLN C 168 -2.27 -3.00 -36.48
C GLN C 168 -1.49 -3.55 -35.28
N LEU C 169 -1.49 -2.81 -34.17
CA LEU C 169 -0.78 -3.27 -32.99
C LEU C 169 -1.30 -4.61 -32.50
N ILE C 170 -2.62 -4.80 -32.51
CA ILE C 170 -3.23 -6.05 -32.05
C ILE C 170 -2.92 -7.18 -33.01
N ARG C 171 -2.91 -6.89 -34.32
CA ARG C 171 -2.55 -7.91 -35.29
C ARG C 171 -1.16 -8.49 -35.00
N ASP C 172 -0.18 -7.62 -34.80
CA ASP C 172 1.18 -8.06 -34.51
C ASP C 172 1.24 -8.87 -33.22
N HIS C 173 0.47 -8.45 -32.20
CA HIS C 173 0.45 -9.18 -30.94
C HIS C 173 -0.13 -10.58 -31.14
N GLY C 174 -1.15 -10.71 -31.98
CA GLY C 174 -1.74 -12.02 -32.22
C GLY C 174 -0.81 -12.98 -32.93
N LEU C 175 0.07 -12.45 -33.80
CA LEU C 175 1.02 -13.31 -34.49
C LEU C 175 1.93 -14.04 -33.50
N ILE C 176 2.38 -13.34 -32.47
CA ILE C 176 3.26 -13.94 -31.47
C ILE C 176 2.54 -15.08 -30.76
N GLY C 177 1.30 -14.83 -30.32
CA GLY C 177 0.59 -15.82 -29.54
C GLY C 177 0.22 -17.06 -30.33
N ARG C 178 -0.05 -16.91 -31.63
CA ARG C 178 -0.33 -18.05 -32.47
C ARG C 178 0.88 -18.97 -32.60
N SER C 179 2.09 -18.42 -32.45
CA SER C 179 3.28 -19.25 -32.49
C SER C 179 3.45 -20.07 -31.22
N TYR C 180 2.75 -19.72 -30.13
CA TYR C 180 2.74 -20.52 -28.91
C TYR C 180 1.52 -21.43 -28.81
N ALA C 181 0.69 -21.47 -29.86
CA ALA C 181 -0.36 -22.49 -29.90
C ALA C 181 0.28 -23.86 -29.73
N GLY C 182 -0.39 -24.72 -28.98
CA GLY C 182 0.22 -25.99 -28.64
C GLY C 182 0.97 -25.92 -27.33
N LYS C 183 1.75 -24.86 -27.13
CA LYS C 183 2.55 -24.75 -25.92
C LYS C 183 1.75 -24.10 -24.79
N VAL C 184 1.02 -23.04 -25.10
CA VAL C 184 0.40 -22.20 -24.11
C VAL C 184 -1.05 -21.98 -24.51
N GLN C 185 -1.97 -22.25 -23.57
CA GLN C 185 -3.39 -21.98 -23.76
C GLN C 185 -3.77 -20.79 -22.89
N GLN C 186 -4.52 -19.85 -23.47
CA GLN C 186 -4.82 -18.60 -22.79
C GLN C 186 -6.33 -18.40 -22.67
N ILE C 187 -6.74 -17.86 -21.54
CA ILE C 187 -8.09 -17.32 -21.37
C ILE C 187 -7.92 -15.86 -21.00
N ILE C 188 -8.53 -14.99 -21.79
CA ILE C 188 -8.49 -13.56 -21.56
C ILE C 188 -9.85 -13.15 -20.97
N GLY C 189 -9.84 -12.65 -19.73
CA GLY C 189 -11.02 -12.14 -19.08
C GLY C 189 -11.01 -10.62 -19.10
N GLY C 190 -12.07 -10.04 -19.67
CA GLY C 190 -12.21 -8.58 -19.61
C GLY C 190 -12.77 -8.17 -18.26
N SER C 191 -12.22 -7.09 -17.71
CA SER C 191 -12.63 -6.66 -16.38
C SER C 191 -12.87 -5.16 -16.27
N ILE C 192 -12.95 -4.42 -17.38
CA ILE C 192 -13.41 -3.04 -17.29
C ILE C 192 -14.82 -3.03 -16.72
N GLY C 193 -15.01 -2.25 -15.66
CA GLY C 193 -16.27 -2.21 -14.98
C GLY C 193 -16.39 -3.23 -13.85
N PHE C 194 -15.50 -4.22 -13.80
CA PHE C 194 -15.60 -5.35 -12.88
C PHE C 194 -14.48 -5.45 -11.86
N ASP C 195 -13.27 -4.99 -12.19
CA ASP C 195 -12.18 -5.06 -11.21
C ASP C 195 -11.21 -3.94 -11.52
N ASP C 196 -10.01 -4.01 -10.92
CA ASP C 196 -9.16 -2.84 -10.85
C ASP C 196 -8.29 -2.65 -12.08
N TYR C 197 -8.09 -3.68 -12.88
CA TYR C 197 -7.36 -3.57 -14.15
C TYR C 197 -8.40 -3.82 -15.26
N GLU C 198 -7.94 -3.81 -16.51
CA GLU C 198 -8.85 -3.93 -17.65
C GLU C 198 -9.00 -5.37 -18.18
N TRP C 199 -8.00 -6.24 -17.94
CA TRP C 199 -8.05 -7.67 -18.27
C TRP C 199 -7.40 -8.49 -17.15
N GLY C 200 -7.87 -9.73 -17.01
CA GLY C 200 -7.21 -10.78 -16.26
C GLY C 200 -6.73 -11.85 -17.22
N VAL C 201 -5.42 -12.15 -17.22
CA VAL C 201 -4.82 -13.07 -18.18
C VAL C 201 -4.45 -14.37 -17.46
N THR C 202 -5.04 -15.47 -17.89
CA THR C 202 -4.72 -16.80 -17.39
C THR C 202 -4.05 -17.59 -18.51
N LEU C 203 -2.87 -18.11 -18.24
CA LEU C 203 -2.14 -18.99 -19.15
C LEU C 203 -2.00 -20.38 -18.53
N PHE C 204 -2.02 -21.38 -19.40
CA PHE C 204 -1.88 -22.78 -19.03
C PHE C 204 -0.81 -23.42 -19.91
N SER C 205 0.06 -24.21 -19.29
CA SER C 205 1.13 -24.87 -20.03
C SER C 205 1.63 -26.03 -19.20
N ASP C 206 2.23 -26.98 -19.89
CA ASP C 206 2.94 -28.08 -19.25
C ASP C 206 4.39 -27.78 -18.96
N ASP C 207 4.92 -26.64 -19.44
CA ASP C 207 6.28 -26.18 -19.20
C ASP C 207 6.21 -24.72 -18.76
N ALA C 208 6.53 -24.45 -17.48
CA ALA C 208 6.38 -23.09 -16.93
C ALA C 208 7.26 -22.09 -17.66
N LEU C 209 8.38 -22.56 -18.22
CA LEU C 209 9.26 -21.65 -18.95
C LEU C 209 8.58 -21.07 -20.17
N GLU C 210 7.51 -21.72 -20.66
CA GLU C 210 6.78 -21.15 -21.78
C GLU C 210 6.05 -19.88 -21.37
N PHE C 211 5.63 -19.76 -20.08
CA PHE C 211 5.07 -18.50 -19.62
C PHE C 211 6.11 -17.39 -19.71
N LYS C 212 7.33 -17.66 -19.20
CA LYS C 212 8.39 -16.65 -19.30
C LYS C 212 8.64 -16.31 -20.76
N ARG C 213 8.68 -17.31 -21.63
CA ARG C 213 9.00 -17.11 -23.04
C ARG C 213 7.95 -16.26 -23.73
N ILE C 214 6.66 -16.56 -23.54
CA ILE C 214 5.63 -15.83 -24.27
C ILE C 214 5.50 -14.42 -23.71
N VAL C 215 5.52 -14.28 -22.38
CA VAL C 215 5.33 -12.95 -21.82
C VAL C 215 6.52 -12.05 -22.14
N THR C 216 7.75 -12.61 -22.15
CA THR C 216 8.91 -11.84 -22.57
C THR C 216 8.79 -11.45 -24.04
N GLU C 217 8.42 -12.40 -24.92
CA GLU C 217 8.36 -12.04 -26.34
C GLU C 217 7.35 -10.94 -26.58
N MET C 218 6.21 -10.97 -25.87
CA MET C 218 5.17 -9.97 -26.03
C MET C 218 5.64 -8.61 -25.53
N ARG C 219 6.45 -8.57 -24.47
CA ARG C 219 6.90 -7.29 -23.94
C ARG C 219 7.76 -6.50 -24.92
N PHE C 220 8.39 -7.14 -25.90
CA PHE C 220 9.19 -6.45 -26.89
C PHE C 220 8.39 -6.11 -28.15
N ASP C 221 7.13 -6.51 -28.21
CA ASP C 221 6.20 -6.09 -29.26
C ASP C 221 5.52 -4.78 -28.83
N GLU C 222 5.36 -3.85 -29.79
CA GLU C 222 5.01 -2.48 -29.45
C GLU C 222 3.74 -2.40 -28.61
N ALA C 223 2.77 -3.28 -28.87
CA ALA C 223 1.49 -3.21 -28.18
C ALA C 223 1.68 -3.36 -26.66
N SER C 224 2.56 -4.25 -26.24
CA SER C 224 2.87 -4.35 -24.81
C SER C 224 4.01 -3.44 -24.40
N ALA C 225 5.10 -3.36 -25.20
CA ALA C 225 6.24 -2.52 -24.85
C ALA C 225 5.83 -1.09 -24.52
N ARG C 226 4.97 -0.50 -25.36
CA ARG C 226 4.56 0.87 -25.12
C ARG C 226 3.31 0.99 -24.28
N TYR C 227 2.39 0.02 -24.33
CA TYR C 227 1.07 0.27 -23.77
C TYR C 227 0.61 -0.66 -22.65
N ALA C 228 1.34 -1.71 -22.29
CA ALA C 228 0.85 -2.58 -21.21
C ALA C 228 1.24 -2.07 -19.83
N GLU C 229 0.32 -2.23 -18.87
CA GLU C 229 0.57 -2.01 -17.46
C GLU C 229 0.19 -3.31 -16.75
N PHE C 230 1.09 -3.85 -15.96
CA PHE C 230 0.87 -5.17 -15.39
C PHE C 230 0.66 -5.09 -13.89
N GLY C 231 -0.14 -6.00 -13.38
CA GLY C 231 -0.24 -6.19 -11.97
C GLY C 231 0.71 -7.27 -11.48
N SER C 232 0.30 -7.96 -10.43
CA SER C 232 1.06 -9.04 -9.84
C SER C 232 0.94 -10.30 -10.68
N PHE C 233 1.99 -11.13 -10.64
CA PHE C 233 1.98 -12.42 -11.34
C PHE C 233 1.91 -13.57 -10.33
N PHE C 234 1.19 -14.63 -10.70
CA PHE C 234 0.98 -15.79 -9.84
C PHE C 234 1.21 -17.04 -10.66
N ILE C 235 2.05 -17.97 -10.18
CA ILE C 235 2.27 -19.23 -10.89
C ILE C 235 2.05 -20.40 -9.97
N GLY C 236 1.59 -21.51 -10.55
CA GLY C 236 1.27 -22.66 -9.71
C GLY C 236 1.19 -23.95 -10.48
N ASN C 237 0.95 -25.02 -9.74
CA ASN C 237 0.94 -26.40 -10.19
C ASN C 237 -0.44 -27.02 -10.03
N LEU C 238 -0.87 -27.79 -11.02
CA LEU C 238 -2.20 -28.38 -10.96
C LEU C 238 -2.38 -29.16 -9.67
N LEU C 239 -3.54 -28.99 -9.04
CA LEU C 239 -3.95 -29.73 -7.85
C LEU C 239 -5.19 -30.57 -8.16
N LEU C 240 -5.01 -31.87 -8.33
CA LEU C 240 -6.14 -32.80 -8.28
C LEU C 240 -6.35 -33.21 -6.81
N SER C 241 -7.05 -34.32 -6.59
CA SER C 241 -7.40 -34.65 -5.21
C SER C 241 -6.21 -35.22 -4.44
N GLU C 242 -5.46 -36.15 -5.04
CA GLU C 242 -4.30 -36.70 -4.34
C GLU C 242 -3.37 -35.61 -3.84
N GLN C 243 -3.15 -34.57 -4.66
CA GLN C 243 -2.26 -33.50 -4.25
C GLN C 243 -2.96 -32.55 -3.28
N LEU C 244 -4.28 -32.46 -3.36
CA LEU C 244 -5.03 -31.62 -2.44
C LEU C 244 -4.99 -32.19 -1.03
N SER C 245 -5.25 -33.50 -0.90
CA SER C 245 -5.19 -34.12 0.42
C SER C 245 -3.77 -34.09 0.97
N LYS C 246 -2.78 -34.24 0.11
CA LYS C 246 -1.40 -34.16 0.56
C LYS C 246 -1.08 -32.76 1.05
N LEU C 247 -1.51 -31.75 0.29
CA LEU C 247 -1.30 -30.35 0.67
C LEU C 247 -1.60 -30.08 2.13
N PHE C 248 -2.72 -30.62 2.63
CA PHE C 248 -3.23 -30.28 3.96
C PHE C 248 -2.77 -31.22 5.05
N THR C 249 -2.11 -32.34 4.70
CA THR C 249 -1.63 -33.30 5.68
C THR C 249 -0.40 -32.75 6.37
N ILE C 250 -0.45 -32.61 7.70
CA ILE C 250 0.78 -32.32 8.42
C ILE C 250 1.43 -33.63 8.88
N ASN D 1 -9.55 27.90 -15.71
CA ASN D 1 -9.67 29.26 -15.20
C ASN D 1 -11.02 29.53 -14.51
N GLU D 2 -12.13 29.39 -15.25
CA GLU D 2 -13.46 29.43 -14.63
C GLU D 2 -13.78 28.08 -14.00
N ALA D 3 -13.93 28.06 -12.67
CA ALA D 3 -14.27 26.84 -11.97
C ALA D 3 -15.70 26.36 -12.27
N VAL D 4 -15.86 25.04 -12.28
CA VAL D 4 -17.19 24.45 -12.32
C VAL D 4 -17.98 24.86 -11.07
N LYS D 5 -19.27 25.10 -11.26
CA LYS D 5 -20.21 25.27 -10.16
C LYS D 5 -21.12 24.05 -10.12
N THR D 6 -21.62 23.72 -8.94
CA THR D 6 -22.45 22.54 -8.79
C THR D 6 -23.68 22.83 -7.96
N LEU D 7 -24.72 22.03 -8.19
CA LEU D 7 -25.83 21.85 -7.28
C LEU D 7 -25.60 20.55 -6.54
N ASP D 8 -25.92 20.52 -5.25
CA ASP D 8 -25.55 19.38 -4.42
C ASP D 8 -26.74 18.89 -3.62
N GLY D 9 -26.95 17.59 -3.61
CA GLY D 9 -28.12 17.02 -2.98
C GLY D 9 -27.76 16.16 -1.77
N TRP D 10 -28.16 14.89 -1.77
CA TRP D 10 -27.98 14.07 -0.60
C TRP D 10 -26.51 13.72 -0.40
N PHE D 11 -26.08 13.77 0.86
CA PHE D 11 -24.79 13.21 1.27
C PHE D 11 -24.86 11.69 1.29
N CYS D 12 -23.79 11.05 0.82
CA CYS D 12 -23.76 9.62 0.52
C CYS D 12 -22.64 8.92 1.28
N LEU D 13 -22.91 7.69 1.74
CA LEU D 13 -21.91 6.77 2.25
C LEU D 13 -22.00 5.45 1.51
N HIS D 14 -20.89 5.01 0.94
CA HIS D 14 -20.72 3.65 0.46
C HIS D 14 -19.89 2.94 1.51
N ASP D 15 -20.48 1.95 2.17
CA ASP D 15 -19.87 1.27 3.30
C ASP D 15 -19.69 -0.20 2.97
N PHE D 16 -18.45 -0.60 2.68
CA PHE D 16 -18.15 -1.97 2.28
C PHE D 16 -17.69 -2.77 3.47
N ARG D 17 -18.22 -3.98 3.57
CA ARG D 17 -17.96 -4.84 4.73
C ARG D 17 -17.65 -6.25 4.25
N SER D 18 -16.72 -6.91 4.94
CA SER D 18 -16.46 -8.32 4.77
C SER D 18 -16.96 -9.08 6.01
N ILE D 19 -17.64 -10.19 5.79
CA ILE D 19 -18.23 -10.93 6.91
C ILE D 19 -17.15 -11.81 7.55
N ASP D 20 -17.05 -11.75 8.87
CA ASP D 20 -16.09 -12.58 9.64
C ASP D 20 -16.76 -13.92 9.91
N TRP D 21 -16.72 -14.80 8.90
CA TRP D 21 -17.42 -16.08 8.95
C TRP D 21 -16.93 -16.93 10.12
N ALA D 22 -15.63 -16.93 10.36
CA ALA D 22 -15.07 -17.74 11.45
C ALA D 22 -15.74 -17.38 12.77
N ALA D 23 -15.87 -16.08 13.05
CA ALA D 23 -16.47 -15.65 14.30
C ALA D 23 -17.96 -15.92 14.30
N TRP D 24 -18.62 -15.69 13.17
CA TRP D 24 -20.06 -15.84 13.08
C TRP D 24 -20.44 -17.31 13.26
N ARG D 25 -19.62 -18.20 12.72
CA ARG D 25 -19.83 -19.63 12.85
C ARG D 25 -19.86 -20.08 14.31
N GLU D 26 -19.16 -19.37 15.20
CA GLU D 26 -19.04 -19.80 16.59
C GLU D 26 -20.25 -19.42 17.43
N LEU D 27 -21.11 -18.53 16.93
CA LEU D 27 -22.33 -18.18 17.64
C LEU D 27 -23.34 -19.31 17.55
N ASN D 28 -24.08 -19.55 18.64
CA ASN D 28 -25.16 -20.50 18.52
C ASN D 28 -26.33 -19.86 17.75
N PRO D 29 -27.17 -20.67 17.13
CA PRO D 29 -28.26 -20.14 16.30
C PRO D 29 -29.19 -19.15 17.01
N GLY D 30 -29.44 -19.31 18.30
CA GLY D 30 -30.31 -18.37 18.99
C GLY D 30 -29.72 -16.97 19.01
N ASN D 31 -28.42 -16.87 19.24
CA ASN D 31 -27.75 -15.55 19.23
C ASN D 31 -27.60 -14.98 17.83
N GLN D 32 -27.41 -15.82 16.81
CA GLN D 32 -27.41 -15.32 15.45
C GLN D 32 -28.76 -14.69 15.11
N GLU D 33 -29.83 -15.38 15.48
CA GLU D 33 -31.17 -14.86 15.26
C GLU D 33 -31.36 -13.51 15.93
N LEU D 34 -30.93 -13.37 17.18
CA LEU D 34 -31.15 -12.10 17.86
C LEU D 34 -30.42 -11.00 17.13
N MET D 35 -29.22 -11.30 16.64
CA MET D 35 -28.44 -10.28 15.93
C MET D 35 -29.10 -9.91 14.62
N LEU D 36 -29.67 -10.89 13.92
CA LEU D 36 -30.39 -10.61 12.67
C LEU D 36 -31.71 -9.91 12.93
N ASN D 37 -32.39 -10.23 14.04
CA ASN D 37 -33.58 -9.48 14.42
C ASN D 37 -33.25 -8.00 14.58
N GLU D 38 -32.17 -7.72 15.32
CA GLU D 38 -31.77 -6.34 15.57
C GLU D 38 -31.38 -5.65 14.28
N LEU D 39 -30.69 -6.36 13.38
CA LEU D 39 -30.38 -5.78 12.08
C LEU D 39 -31.66 -5.46 11.30
N SER D 40 -32.65 -6.37 11.34
CA SER D 40 -33.88 -6.11 10.60
C SER D 40 -34.60 -4.89 11.17
N HIS D 41 -34.48 -4.67 12.46
CA HIS D 41 -35.09 -3.48 13.04
C HIS D 41 -34.37 -2.22 12.59
N PHE D 42 -33.04 -2.26 12.53
CA PHE D 42 -32.28 -1.14 11.99
C PHE D 42 -32.61 -0.86 10.53
N LEU D 43 -32.71 -1.91 9.71
CA LEU D 43 -33.10 -1.66 8.33
C LEU D 43 -34.52 -1.14 8.19
N SER D 44 -35.47 -1.56 9.04
CA SER D 44 -36.80 -1.01 8.90
C SER D 44 -36.82 0.46 9.29
N ASP D 45 -35.99 0.85 10.25
CA ASP D 45 -35.78 2.27 10.56
C ASP D 45 -35.22 3.03 9.35
N MET D 46 -34.27 2.44 8.62
CA MET D 46 -33.79 3.01 7.36
C MET D 46 -34.94 3.17 6.38
N GLU D 47 -35.77 2.13 6.28
CA GLU D 47 -36.91 2.19 5.34
C GLU D 47 -37.86 3.34 5.68
N ILE D 48 -38.06 3.62 6.97
CA ILE D 48 -38.95 4.69 7.38
C ILE D 48 -38.43 6.03 6.88
N THR D 49 -37.11 6.25 7.04
CA THR D 49 -36.50 7.47 6.53
C THR D 49 -36.65 7.58 5.03
N LYS D 50 -36.51 6.46 4.32
CA LYS D 50 -36.77 6.47 2.89
C LYS D 50 -38.21 6.90 2.61
N ASN D 51 -39.16 6.32 3.33
CA ASN D 51 -40.57 6.49 2.97
C ASN D 51 -41.14 7.86 3.34
N ILE D 52 -40.44 8.65 4.15
CA ILE D 52 -40.82 10.03 4.37
C ILE D 52 -39.95 10.98 3.54
N GLY D 53 -39.14 10.45 2.61
CA GLY D 53 -38.42 11.32 1.73
C GLY D 53 -37.20 12.02 2.29
N GLU D 54 -36.58 11.50 3.34
CA GLU D 54 -35.42 12.15 3.95
C GLU D 54 -34.14 11.37 3.72
N GLY D 55 -34.19 10.36 2.87
CA GLY D 55 -32.98 9.67 2.49
C GLY D 55 -33.33 8.45 1.67
N GLU D 56 -32.31 7.64 1.45
CA GLU D 56 -32.43 6.43 0.66
C GLU D 56 -31.38 5.46 1.15
N HIS D 57 -31.52 4.19 0.77
CA HIS D 57 -30.45 3.25 1.06
C HIS D 57 -30.74 1.98 0.27
N THR D 58 -29.70 1.18 0.09
CA THR D 58 -29.77 -0.11 -0.60
C THR D 58 -28.57 -0.96 -0.19
N ILE D 59 -28.70 -2.28 -0.37
CA ILE D 59 -27.68 -3.26 -0.04
C ILE D 59 -27.47 -4.18 -1.24
N TYR D 60 -26.20 -4.40 -1.60
CA TYR D 60 -25.78 -5.36 -2.62
C TYR D 60 -24.71 -6.29 -2.06
N SER D 61 -24.73 -7.55 -2.50
CA SER D 61 -23.62 -8.44 -2.18
C SER D 61 -22.55 -8.26 -3.24
N ILE D 62 -21.29 -8.17 -2.80
CA ILE D 62 -20.16 -7.81 -3.63
C ILE D 62 -19.37 -9.05 -4.00
N LEU D 63 -18.94 -9.10 -5.24
CA LEU D 63 -18.17 -10.24 -5.70
C LEU D 63 -16.71 -10.07 -5.41
N GLY D 64 -16.05 -11.19 -5.15
CA GLY D 64 -14.64 -11.17 -4.84
C GLY D 64 -14.35 -10.84 -3.40
N GLN D 65 -13.05 -10.75 -3.12
CA GLN D 65 -12.60 -10.63 -1.75
C GLN D 65 -12.66 -9.21 -1.23
N LYS D 66 -12.89 -8.19 -2.07
CA LYS D 66 -12.89 -6.82 -1.56
C LYS D 66 -13.93 -6.58 -0.49
N ALA D 67 -15.07 -7.25 -0.57
CA ALA D 67 -16.18 -7.12 0.37
C ALA D 67 -17.15 -8.27 0.11
N ASP D 68 -17.98 -8.55 1.12
CA ASP D 68 -19.16 -9.38 0.94
C ASP D 68 -20.40 -8.54 0.69
N LEU D 69 -20.44 -7.32 1.23
CA LEU D 69 -21.62 -6.45 1.21
C LEU D 69 -21.23 -5.01 1.02
N VAL D 70 -22.10 -4.26 0.36
CA VAL D 70 -22.04 -2.81 0.41
C VAL D 70 -23.39 -2.29 0.91
N PHE D 71 -23.33 -1.36 1.87
CA PHE D 71 -24.48 -0.58 2.34
C PHE D 71 -24.27 0.83 1.80
N PHE D 72 -25.15 1.25 0.89
CA PHE D 72 -25.13 2.56 0.25
C PHE D 72 -26.25 3.39 0.90
N THR D 73 -25.88 4.45 1.60
CA THR D 73 -26.85 5.23 2.35
C THR D 73 -26.76 6.69 1.93
N LEU D 74 -27.92 7.32 1.78
CA LEU D 74 -28.03 8.72 1.40
C LEU D 74 -28.89 9.46 2.42
N ARG D 75 -28.45 10.66 2.83
CA ARG D 75 -29.13 11.40 3.88
C ARG D 75 -28.98 12.87 3.58
N ASP D 76 -29.87 13.68 4.19
CA ASP D 76 -29.86 15.09 3.83
C ASP D 76 -28.91 15.93 4.67
N SER D 77 -28.11 15.33 5.57
CA SER D 77 -27.07 16.09 6.26
C SER D 77 -25.91 15.16 6.60
N LEU D 78 -24.75 15.78 6.87
CA LEU D 78 -23.61 14.98 7.34
C LEU D 78 -23.83 14.45 8.73
N GLU D 79 -24.57 15.20 9.58
CA GLU D 79 -24.92 14.71 10.91
C GLU D 79 -25.79 13.46 10.83
N ALA D 80 -26.84 13.48 10.00
CA ALA D 80 -27.68 12.30 9.88
C ALA D 80 -26.88 11.11 9.35
N LEU D 81 -26.02 11.34 8.36
CA LEU D 81 -25.23 10.25 7.82
C LEU D 81 -24.32 9.67 8.90
N ASN D 82 -23.65 10.54 9.67
CA ASN D 82 -22.76 10.12 10.76
C ASN D 82 -23.53 9.35 11.82
N GLU D 83 -24.79 9.76 12.10
CA GLU D 83 -25.59 9.05 13.09
C GLU D 83 -25.97 7.65 12.60
N VAL D 84 -26.29 7.50 11.32
CA VAL D 84 -26.58 6.18 10.76
C VAL D 84 -25.36 5.26 10.86
N GLU D 85 -24.21 5.78 10.45
CA GLU D 85 -22.98 5.00 10.50
C GLU D 85 -22.68 4.54 11.93
N ASN D 86 -22.78 5.45 12.88
CA ASN D 86 -22.46 5.10 14.26
C ASN D 86 -23.47 4.10 14.83
N ARG D 87 -24.77 4.26 14.54
CA ARG D 87 -25.76 3.27 15.00
C ARG D 87 -25.54 1.91 14.35
N PHE D 88 -25.12 1.89 13.09
CA PHE D 88 -24.80 0.63 12.43
C PHE D 88 -23.62 -0.07 13.12
N ASN D 89 -22.55 0.67 13.39
CA ASN D 89 -21.40 0.05 14.03
C ASN D 89 -21.73 -0.50 15.41
N LYS D 90 -22.74 0.03 16.07
CA LYS D 90 -23.09 -0.42 17.42
C LYS D 90 -24.10 -1.55 17.43
N LEU D 91 -24.61 -1.98 16.27
CA LEU D 91 -25.35 -3.23 16.20
C LEU D 91 -24.46 -4.39 16.63
N ALA D 92 -25.06 -5.40 17.25
CA ALA D 92 -24.26 -6.56 17.64
C ALA D 92 -23.63 -7.22 16.43
N ILE D 93 -24.39 -7.30 15.32
CA ILE D 93 -23.93 -8.02 14.14
C ILE D 93 -22.79 -7.27 13.47
N ALA D 94 -22.62 -5.97 13.77
CA ALA D 94 -21.60 -5.21 13.08
C ALA D 94 -20.23 -5.64 13.52
N ASP D 95 -20.11 -6.32 14.68
CA ASP D 95 -18.82 -6.88 15.08
C ASP D 95 -18.34 -7.90 14.06
N TYR D 96 -19.26 -8.49 13.31
CA TYR D 96 -18.98 -9.53 12.34
C TYR D 96 -18.83 -8.96 10.94
N LEU D 97 -18.94 -7.64 10.79
CA LEU D 97 -18.98 -6.97 9.50
C LEU D 97 -17.72 -6.09 9.50
N LEU D 98 -16.66 -6.60 8.93
CA LEU D 98 -15.37 -5.94 9.01
C LEU D 98 -15.30 -4.85 7.95
N PRO D 99 -14.82 -3.65 8.29
CA PRO D 99 -14.72 -2.59 7.30
C PRO D 99 -13.59 -2.84 6.31
N THR D 100 -13.91 -2.83 5.01
CA THR D 100 -12.87 -3.02 4.01
C THR D 100 -12.64 -1.83 3.09
N TYR D 101 -13.60 -0.92 2.97
CA TYR D 101 -13.49 0.31 2.18
C TYR D 101 -14.72 1.15 2.43
N SER D 102 -14.59 2.47 2.30
CA SER D 102 -15.75 3.35 2.39
C SER D 102 -15.54 4.54 1.48
N TYR D 103 -16.64 5.22 1.15
CA TYR D 103 -16.54 6.42 0.33
C TYR D 103 -17.63 7.39 0.76
N ILE D 104 -17.27 8.67 0.85
CA ILE D 104 -18.15 9.77 1.23
C ILE D 104 -18.26 10.73 0.06
N SER D 105 -19.48 11.10 -0.32
CA SER D 105 -19.66 11.99 -1.46
C SER D 105 -21.00 12.70 -1.31
N VAL D 106 -21.32 13.56 -2.25
CA VAL D 106 -22.62 14.25 -2.23
C VAL D 106 -23.13 14.28 -3.67
N VAL D 107 -24.41 13.93 -3.85
CA VAL D 107 -24.98 13.86 -5.20
C VAL D 107 -24.79 15.21 -5.88
N GLU D 108 -24.18 15.19 -7.06
CA GLU D 108 -23.69 16.39 -7.70
C GLU D 108 -24.32 16.58 -9.08
N LEU D 109 -24.68 17.84 -9.38
CA LEU D 109 -25.08 18.26 -10.72
C LEU D 109 -24.27 19.50 -11.06
N SER D 110 -23.38 19.40 -12.04
CA SER D 110 -22.52 20.51 -12.38
C SER D 110 -23.22 21.43 -13.39
N ASN D 111 -22.57 22.54 -13.72
CA ASN D 111 -23.11 23.51 -14.68
C ASN D 111 -22.42 23.45 -16.05
N TYR D 112 -21.71 22.36 -16.36
CA TYR D 112 -21.16 22.22 -17.70
C TYR D 112 -22.26 22.24 -18.74
N LEU D 113 -23.36 21.54 -18.48
CA LEU D 113 -24.56 21.62 -19.31
C LEU D 113 -25.72 22.06 -18.44
N ALA D 114 -26.78 22.56 -19.07
CA ALA D 114 -27.97 22.98 -18.34
C ALA D 114 -28.80 21.79 -17.89
N SER D 115 -29.39 21.92 -16.70
CA SER D 115 -30.37 20.95 -16.20
C SER D 115 -31.78 21.55 -16.10
N HIS D 116 -31.93 22.82 -16.48
CA HIS D 116 -33.22 23.50 -16.43
C HIS D 116 -33.09 24.86 -17.12
N MET D 117 -34.22 25.41 -17.55
CA MET D 117 -34.22 26.69 -18.26
C MET D 117 -33.69 27.81 -17.37
N ALA D 118 -32.84 28.67 -17.94
CA ALA D 118 -32.37 29.89 -17.28
C ALA D 118 -33.44 30.99 -17.40
N GLY D 119 -34.54 30.78 -16.68
CA GLY D 119 -35.61 31.75 -16.61
C GLY D 119 -35.74 32.48 -15.29
N GLY D 120 -34.74 32.36 -14.40
CA GLY D 120 -34.76 33.05 -13.12
C GLY D 120 -35.21 32.21 -11.95
N ASP D 121 -35.55 30.94 -12.17
CA ASP D 121 -36.19 30.10 -11.16
C ASP D 121 -35.17 29.43 -10.25
N ASP D 122 -35.59 29.11 -9.05
CA ASP D 122 -34.74 28.37 -8.13
C ASP D 122 -34.59 26.94 -8.64
N PRO D 123 -33.41 26.49 -9.05
CA PRO D 123 -33.29 25.11 -9.54
C PRO D 123 -33.75 24.10 -8.52
N TYR D 124 -33.65 24.42 -7.22
CA TYR D 124 -34.03 23.45 -6.19
C TYR D 124 -35.53 23.32 -6.07
N GLN D 125 -36.30 24.18 -6.73
CA GLN D 125 -37.74 24.08 -6.84
C GLN D 125 -38.20 23.33 -8.08
N ASN D 126 -37.29 23.06 -8.99
CA ASN D 126 -37.57 22.31 -10.20
C ASN D 126 -37.60 20.83 -9.84
N LYS D 127 -38.75 20.18 -10.00
CA LYS D 127 -38.89 18.80 -9.55
C LYS D 127 -38.00 17.85 -10.35
N GLY D 128 -37.78 18.14 -11.63
CA GLY D 128 -36.83 17.33 -12.38
C GLY D 128 -35.44 17.39 -11.81
N VAL D 129 -34.97 18.59 -11.47
CA VAL D 129 -33.69 18.75 -10.81
C VAL D 129 -33.70 18.01 -9.47
N ARG D 130 -34.80 18.13 -8.72
CA ARG D 130 -34.89 17.48 -7.40
C ARG D 130 -34.80 15.96 -7.52
N ALA D 131 -35.36 15.39 -8.59
CA ALA D 131 -35.31 13.96 -8.81
C ALA D 131 -33.87 13.49 -9.01
N ARG D 132 -33.00 14.35 -9.52
CA ARG D 132 -31.60 13.99 -9.71
C ARG D 132 -30.77 14.20 -8.45
N LEU D 133 -31.02 15.27 -7.70
CA LEU D 133 -30.24 15.58 -6.50
C LEU D 133 -30.59 14.67 -5.34
N TYR D 134 -31.81 14.16 -5.32
CA TYR D 134 -32.33 13.32 -4.24
C TYR D 134 -32.85 12.06 -4.91
N PRO D 135 -31.96 11.23 -5.41
CA PRO D 135 -32.38 10.17 -6.34
C PRO D 135 -33.05 8.99 -5.64
N ALA D 136 -34.18 8.56 -6.18
CA ALA D 136 -34.74 7.27 -5.79
C ALA D 136 -33.84 6.16 -6.34
N LEU D 137 -33.47 5.21 -5.50
CA LEU D 137 -32.58 4.16 -5.97
C LEU D 137 -33.37 3.08 -6.70
N PRO D 138 -32.99 2.73 -7.91
CA PRO D 138 -33.73 1.69 -8.64
C PRO D 138 -33.35 0.30 -8.15
N PRO D 139 -34.29 -0.61 -8.09
CA PRO D 139 -33.98 -1.97 -7.62
C PRO D 139 -33.42 -2.82 -8.76
N LYS D 140 -32.37 -2.33 -9.40
CA LYS D 140 -31.72 -3.08 -10.47
C LYS D 140 -30.91 -4.24 -9.87
N LYS D 141 -30.79 -5.32 -10.66
CA LYS D 141 -30.12 -6.55 -10.23
C LYS D 141 -28.66 -6.32 -9.81
N HIS D 142 -27.97 -5.32 -10.37
CA HIS D 142 -26.53 -5.16 -10.19
C HIS D 142 -26.16 -3.72 -9.95
N ILE D 143 -25.08 -3.55 -9.20
CA ILE D 143 -24.48 -2.28 -8.90
C ILE D 143 -23.00 -2.34 -9.32
N CYS D 144 -22.44 -1.18 -9.65
CA CYS D 144 -21.02 -1.01 -9.92
C CYS D 144 -20.60 0.28 -9.27
N PHE D 145 -19.53 0.28 -8.46
CA PHE D 145 -19.01 1.51 -7.85
C PHE D 145 -17.53 1.65 -8.13
N TYR D 146 -17.10 2.89 -8.40
CA TYR D 146 -15.68 3.20 -8.43
C TYR D 146 -15.50 4.70 -8.25
N PRO D 147 -14.46 5.14 -7.57
CA PRO D 147 -14.13 6.55 -7.54
C PRO D 147 -13.19 6.91 -8.68
N MET D 148 -13.12 8.20 -8.99
CA MET D 148 -12.24 8.65 -10.05
C MET D 148 -11.93 10.12 -9.84
N SER D 149 -10.82 10.56 -10.42
CA SER D 149 -10.42 11.95 -10.44
C SER D 149 -10.01 12.32 -11.87
N LYS D 150 -9.78 13.62 -12.10
CA LYS D 150 -9.31 14.11 -13.39
C LYS D 150 -7.83 14.49 -13.25
N LYS D 151 -7.04 14.05 -14.23
CA LYS D 151 -5.59 14.16 -14.17
C LYS D 151 -5.13 15.60 -14.19
N ARG D 152 -4.03 15.84 -13.48
CA ARG D 152 -3.29 17.10 -13.53
C ARG D 152 -1.86 16.67 -13.75
N ASP D 153 -1.56 16.27 -14.97
CA ASP D 153 -0.32 15.55 -15.26
C ASP D 153 0.26 16.08 -16.57
N GLY D 154 1.17 17.04 -16.45
CA GLY D 154 1.85 17.54 -17.63
C GLY D 154 0.87 18.16 -18.60
N ALA D 155 0.95 17.70 -19.87
CA ALA D 155 0.07 18.19 -20.92
C ALA D 155 -1.37 17.73 -20.75
N ASP D 156 -1.62 16.73 -19.89
CA ASP D 156 -2.95 16.22 -19.61
C ASP D 156 -3.43 16.77 -18.27
N ASN D 157 -3.78 18.05 -18.28
CA ASN D 157 -4.22 18.71 -17.06
C ASN D 157 -5.61 19.30 -17.25
N TRP D 158 -6.60 18.59 -16.68
CA TRP D 158 -8.02 18.97 -16.79
C TRP D 158 -8.26 20.35 -16.21
N TYR D 159 -7.62 20.63 -15.05
CA TYR D 159 -7.94 21.84 -14.29
C TYR D 159 -7.25 23.07 -14.87
N MET D 160 -6.36 22.89 -15.84
CA MET D 160 -5.80 24.00 -16.59
C MET D 160 -6.54 24.23 -17.90
N LEU D 161 -7.59 23.48 -18.16
CA LEU D 161 -8.27 23.71 -19.43
C LEU D 161 -9.27 24.84 -19.30
N PRO D 162 -9.44 25.59 -20.39
CA PRO D 162 -10.53 26.58 -20.46
C PRO D 162 -11.90 25.95 -20.27
N MET D 163 -12.83 26.75 -19.70
CA MET D 163 -14.19 26.27 -19.46
C MET D 163 -14.79 25.70 -20.74
N GLU D 164 -14.64 26.39 -21.87
CA GLU D 164 -15.36 25.93 -23.06
C GLU D 164 -14.80 24.60 -23.58
N GLU D 165 -13.52 24.30 -23.31
CA GLU D 165 -12.95 23.00 -23.70
C GLU D 165 -13.39 21.89 -22.77
N ARG D 166 -13.41 22.16 -21.48
CA ARG D 166 -13.99 21.17 -20.56
C ARG D 166 -15.45 20.92 -20.89
N GLN D 167 -16.19 21.97 -21.24
CA GLN D 167 -17.60 21.81 -21.58
C GLN D 167 -17.75 20.89 -22.80
N GLN D 168 -16.89 21.08 -23.80
CA GLN D 168 -16.91 20.22 -24.98
C GLN D 168 -16.62 18.77 -24.61
N LEU D 169 -15.63 18.56 -23.75
CA LEU D 169 -15.29 17.21 -23.33
C LEU D 169 -16.42 16.58 -22.55
N ILE D 170 -17.03 17.32 -21.61
CA ILE D 170 -18.17 16.81 -20.85
C ILE D 170 -19.36 16.54 -21.77
N ARG D 171 -19.62 17.44 -22.72
CA ARG D 171 -20.74 17.26 -23.66
C ARG D 171 -20.60 15.94 -24.40
N ASP D 172 -19.40 15.65 -24.91
CA ASP D 172 -19.22 14.41 -25.68
C ASP D 172 -19.36 13.19 -24.79
N HIS D 173 -18.87 13.28 -23.56
CA HIS D 173 -19.03 12.19 -22.62
C HIS D 173 -20.50 11.92 -22.33
N GLY D 174 -21.29 12.99 -22.15
CA GLY D 174 -22.72 12.86 -21.93
C GLY D 174 -23.47 12.19 -23.07
N LEU D 175 -23.07 12.47 -24.32
CA LEU D 175 -23.77 11.81 -25.43
C LEU D 175 -23.59 10.31 -25.35
N ILE D 176 -22.42 9.83 -24.93
CA ILE D 176 -22.23 8.40 -24.78
C ILE D 176 -23.12 7.86 -23.69
N GLY D 177 -23.14 8.54 -22.54
CA GLY D 177 -23.98 8.11 -21.46
C GLY D 177 -25.46 8.12 -21.83
N ARG D 178 -25.89 9.16 -22.55
CA ARG D 178 -27.26 9.20 -23.04
C ARG D 178 -27.62 7.94 -23.81
N SER D 179 -26.67 7.41 -24.57
CA SER D 179 -26.98 6.22 -25.36
C SER D 179 -27.22 4.99 -24.49
N TYR D 180 -26.97 5.06 -23.19
CA TYR D 180 -27.26 3.94 -22.29
C TYR D 180 -28.51 4.19 -21.45
N ALA D 181 -29.36 5.13 -21.88
CA ALA D 181 -30.63 5.35 -21.21
C ALA D 181 -31.46 4.10 -21.29
N GLY D 182 -32.06 3.73 -20.18
CA GLY D 182 -32.81 2.50 -20.10
C GLY D 182 -31.97 1.28 -19.84
N LYS D 183 -30.65 1.39 -19.94
CA LYS D 183 -29.77 0.26 -19.66
C LYS D 183 -28.90 0.47 -18.41
N VAL D 184 -28.40 1.67 -18.20
CA VAL D 184 -27.54 1.96 -17.06
C VAL D 184 -28.03 3.26 -16.46
N GLN D 185 -28.29 3.25 -15.16
CA GLN D 185 -28.57 4.45 -14.39
C GLN D 185 -27.36 4.83 -13.56
N GLN D 186 -27.02 6.13 -13.56
CA GLN D 186 -25.79 6.59 -12.91
C GLN D 186 -26.16 7.55 -11.78
N ILE D 187 -25.43 7.47 -10.67
CA ILE D 187 -25.41 8.53 -9.69
C ILE D 187 -23.98 9.02 -9.59
N ILE D 188 -23.76 10.30 -9.84
CA ILE D 188 -22.46 10.91 -9.68
C ILE D 188 -22.41 11.64 -8.34
N GLY D 189 -21.54 11.18 -7.45
CA GLY D 189 -21.28 11.86 -6.20
C GLY D 189 -20.00 12.65 -6.30
N GLY D 190 -20.10 13.95 -6.01
CA GLY D 190 -18.92 14.77 -5.90
C GLY D 190 -18.22 14.58 -4.56
N SER D 191 -16.89 14.51 -4.60
CA SER D 191 -16.19 14.25 -3.35
C SER D 191 -14.99 15.15 -3.12
N ILE D 192 -14.82 16.23 -3.91
CA ILE D 192 -13.74 17.15 -3.64
C ILE D 192 -14.00 17.79 -2.29
N GLY D 193 -13.03 17.63 -1.38
CA GLY D 193 -13.14 18.08 -0.01
C GLY D 193 -13.70 17.04 0.96
N PHE D 194 -14.21 15.92 0.47
CA PHE D 194 -14.88 14.94 1.32
C PHE D 194 -14.18 13.59 1.35
N ASP D 195 -13.43 13.23 0.32
CA ASP D 195 -12.80 11.93 0.24
C ASP D 195 -11.61 12.04 -0.72
N ASP D 196 -11.00 10.90 -1.03
CA ASP D 196 -9.63 10.91 -1.56
C ASP D 196 -9.59 11.10 -3.06
N TYR D 197 -10.69 10.81 -3.76
CA TYR D 197 -10.84 11.09 -5.19
C TYR D 197 -11.85 12.22 -5.34
N GLU D 198 -12.18 12.54 -6.58
CA GLU D 198 -12.96 13.74 -6.85
C GLU D 198 -14.44 13.45 -7.09
N TRP D 199 -14.77 12.23 -7.54
CA TRP D 199 -16.14 11.74 -7.64
C TRP D 199 -16.17 10.28 -7.24
N GLY D 200 -17.31 9.89 -6.69
CA GLY D 200 -17.70 8.50 -6.61
C GLY D 200 -18.82 8.27 -7.63
N VAL D 201 -18.66 7.22 -8.42
CA VAL D 201 -19.57 6.87 -9.51
C VAL D 201 -20.25 5.56 -9.16
N THR D 202 -21.58 5.58 -9.13
CA THR D 202 -22.40 4.39 -8.91
C THR D 202 -23.26 4.16 -10.15
N LEU D 203 -23.23 2.93 -10.64
CA LEU D 203 -24.00 2.51 -11.80
C LEU D 203 -24.94 1.40 -11.37
N PHE D 204 -26.15 1.41 -11.93
CA PHE D 204 -27.14 0.37 -11.69
C PHE D 204 -27.58 -0.19 -13.04
N SER D 205 -27.76 -1.50 -13.10
CA SER D 205 -28.21 -2.11 -14.33
C SER D 205 -28.74 -3.49 -14.02
N ASP D 206 -29.68 -3.96 -14.85
CA ASP D 206 -30.10 -5.36 -14.75
C ASP D 206 -29.18 -6.29 -15.52
N ASP D 207 -28.19 -5.77 -16.24
CA ASP D 207 -27.26 -6.60 -17.00
C ASP D 207 -25.85 -6.13 -16.69
N ALA D 208 -25.08 -6.96 -16.00
CA ALA D 208 -23.77 -6.50 -15.54
C ALA D 208 -22.86 -6.14 -16.70
N LEU D 209 -23.03 -6.79 -17.84
CA LEU D 209 -22.22 -6.50 -19.00
C LEU D 209 -22.45 -5.08 -19.53
N GLU D 210 -23.57 -4.43 -19.18
CA GLU D 210 -23.71 -3.03 -19.60
C GLU D 210 -22.72 -2.13 -18.88
N PHE D 211 -22.30 -2.51 -17.68
CA PHE D 211 -21.25 -1.76 -17.00
C PHE D 211 -19.97 -1.79 -17.80
N LYS D 212 -19.57 -3.00 -18.22
CA LYS D 212 -18.38 -3.14 -19.04
C LYS D 212 -18.52 -2.39 -20.36
N ARG D 213 -19.71 -2.45 -20.98
CA ARG D 213 -19.92 -1.75 -22.24
C ARG D 213 -19.79 -0.24 -22.09
N ILE D 214 -20.48 0.36 -21.11
CA ILE D 214 -20.44 1.82 -21.02
C ILE D 214 -19.06 2.31 -20.57
N VAL D 215 -18.47 1.66 -19.57
CA VAL D 215 -17.16 2.11 -19.08
C VAL D 215 -16.10 1.95 -20.19
N THR D 216 -16.19 0.88 -20.98
CA THR D 216 -15.24 0.72 -22.09
C THR D 216 -15.44 1.82 -23.14
N GLU D 217 -16.70 2.09 -23.51
CA GLU D 217 -16.93 3.08 -24.55
C GLU D 217 -16.49 4.46 -24.08
N MET D 218 -16.79 4.82 -22.83
CA MET D 218 -16.30 6.10 -22.34
C MET D 218 -14.78 6.16 -22.29
N ARG D 219 -14.11 5.02 -22.15
CA ARG D 219 -12.65 5.09 -22.03
C ARG D 219 -11.99 5.43 -23.36
N PHE D 220 -12.70 5.25 -24.47
CA PHE D 220 -12.23 5.70 -25.77
C PHE D 220 -12.66 7.12 -26.09
N ASP D 221 -13.43 7.77 -25.21
CA ASP D 221 -13.79 9.18 -25.37
C ASP D 221 -12.78 10.09 -24.64
N GLU D 222 -12.41 11.20 -25.29
CA GLU D 222 -11.24 11.96 -24.80
C GLU D 222 -11.37 12.32 -23.31
N ALA D 223 -12.57 12.62 -22.84
CA ALA D 223 -12.70 13.09 -21.46
C ALA D 223 -12.13 12.07 -20.50
N SER D 224 -12.32 10.78 -20.76
CA SER D 224 -11.75 9.74 -19.90
C SER D 224 -10.41 9.23 -20.43
N ALA D 225 -10.31 9.05 -21.74
CA ALA D 225 -9.09 8.50 -22.31
C ALA D 225 -7.89 9.31 -21.87
N ARG D 226 -8.03 10.62 -21.88
CA ARG D 226 -6.93 11.51 -21.59
C ARG D 226 -6.88 12.00 -20.14
N TYR D 227 -7.99 12.02 -19.43
CA TYR D 227 -8.03 12.74 -18.17
C TYR D 227 -8.54 11.94 -16.97
N ALA D 228 -9.04 10.74 -17.15
CA ALA D 228 -9.58 10.02 -16.00
C ALA D 228 -8.48 9.27 -15.25
N GLU D 229 -8.52 9.34 -13.92
CA GLU D 229 -7.74 8.44 -13.06
C GLU D 229 -8.72 7.68 -12.18
N PHE D 230 -8.71 6.33 -12.29
CA PHE D 230 -9.69 5.49 -11.61
C PHE D 230 -9.14 4.84 -10.34
N GLY D 231 -10.02 4.68 -9.35
CA GLY D 231 -9.76 3.85 -8.19
C GLY D 231 -10.14 2.41 -8.44
N SER D 232 -10.51 1.72 -7.35
CA SER D 232 -10.93 0.34 -7.45
C SER D 232 -12.38 0.26 -7.86
N PHE D 233 -12.71 -0.85 -8.53
CA PHE D 233 -14.08 -1.12 -8.98
C PHE D 233 -14.67 -2.25 -8.15
N PHE D 234 -15.94 -2.09 -7.82
CA PHE D 234 -16.73 -3.02 -7.02
C PHE D 234 -18.02 -3.34 -7.77
N ILE D 235 -18.34 -4.61 -7.87
CA ILE D 235 -19.56 -4.99 -8.53
C ILE D 235 -20.35 -5.95 -7.64
N GLY D 236 -21.67 -5.88 -7.73
CA GLY D 236 -22.47 -6.70 -6.86
C GLY D 236 -23.89 -6.92 -7.34
N ASN D 237 -24.60 -7.72 -6.55
CA ASN D 237 -25.95 -8.19 -6.82
C ASN D 237 -26.89 -7.70 -5.72
N LEU D 238 -28.13 -7.37 -6.11
CA LEU D 238 -29.09 -6.80 -5.19
C LEU D 238 -29.41 -7.77 -4.06
N LEU D 239 -29.43 -7.27 -2.86
CA LEU D 239 -29.78 -8.05 -1.66
C LEU D 239 -31.04 -7.50 -1.03
N LEU D 240 -32.10 -8.27 -1.09
CA LEU D 240 -33.29 -7.92 -0.34
C LEU D 240 -33.31 -8.78 0.93
N SER D 241 -34.37 -8.61 1.72
CA SER D 241 -34.43 -9.25 3.04
C SER D 241 -34.17 -10.74 2.94
N GLU D 242 -34.78 -11.40 1.97
CA GLU D 242 -34.66 -12.84 1.80
C GLU D 242 -33.22 -13.25 1.48
N GLN D 243 -32.58 -12.57 0.53
CA GLN D 243 -31.21 -12.95 0.18
C GLN D 243 -30.28 -12.67 1.34
N LEU D 244 -30.61 -11.69 2.18
CA LEU D 244 -29.82 -11.37 3.37
C LEU D 244 -29.86 -12.52 4.38
N SER D 245 -31.04 -13.08 4.65
CA SER D 245 -31.13 -14.19 5.58
C SER D 245 -30.33 -15.40 5.08
N LYS D 246 -30.39 -15.66 3.77
CA LYS D 246 -29.61 -16.75 3.18
C LYS D 246 -28.12 -16.49 3.29
N LEU D 247 -27.69 -15.26 3.03
CA LEU D 247 -26.28 -14.92 3.11
C LEU D 247 -25.70 -15.36 4.45
N PHE D 248 -26.42 -15.13 5.54
CA PHE D 248 -25.88 -15.39 6.87
C PHE D 248 -26.21 -16.77 7.40
N THR D 249 -26.94 -17.59 6.66
CA THR D 249 -27.22 -18.93 7.14
C THR D 249 -26.03 -19.83 6.83
N ILE D 250 -25.52 -20.53 7.85
CA ILE D 250 -24.41 -21.44 7.62
C ILE D 250 -24.92 -22.87 7.51
N LYS E 5 10.74 31.52 3.98
CA LYS E 5 10.75 32.15 5.30
C LYS E 5 9.35 32.23 5.85
N THR E 6 9.16 31.78 7.09
CA THR E 6 7.84 31.73 7.69
C THR E 6 7.93 32.13 9.16
N LEU E 7 6.79 32.52 9.71
CA LEU E 7 6.57 32.58 11.15
C LEU E 7 5.85 31.31 11.59
N ASP E 8 6.22 30.80 12.76
CA ASP E 8 5.73 29.51 13.21
C ASP E 8 5.18 29.64 14.63
N GLY E 9 3.99 29.08 14.86
CA GLY E 9 3.27 29.18 16.13
C GLY E 9 3.20 27.84 16.83
N TRP E 10 2.00 27.44 17.23
CA TRP E 10 1.77 26.18 17.91
C TRP E 10 2.10 24.96 17.04
N PHE E 11 2.69 23.95 17.68
CA PHE E 11 2.81 22.63 17.10
C PHE E 11 1.48 21.92 17.21
N CYS E 12 1.15 21.12 16.17
CA CYS E 12 -0.16 20.51 15.98
C CYS E 12 -0.07 19.01 15.77
N LEU E 13 -0.99 18.30 16.40
CA LEU E 13 -1.21 16.88 16.18
C LEU E 13 -2.64 16.70 15.76
N HIS E 14 -2.85 16.06 14.61
CA HIS E 14 -4.12 15.51 14.20
C HIS E 14 -4.03 14.02 14.45
N ASP E 15 -4.84 13.51 15.37
CA ASP E 15 -4.80 12.14 15.83
C ASP E 15 -6.14 11.47 15.52
N PHE E 16 -6.14 10.57 14.54
CA PHE E 16 -7.34 9.92 14.06
C PHE E 16 -7.44 8.52 14.68
N ARG E 17 -8.63 8.19 15.18
CA ARG E 17 -8.87 6.92 15.85
C ARG E 17 -10.15 6.29 15.35
N SER E 18 -10.14 4.95 15.29
CA SER E 18 -11.35 4.17 15.13
C SER E 18 -11.65 3.44 16.43
N ILE E 19 -12.92 3.38 16.78
CA ILE E 19 -13.34 2.77 18.02
C ILE E 19 -13.48 1.28 17.80
N ASP E 20 -12.93 0.49 18.72
CA ASP E 20 -13.04 -0.96 18.66
C ASP E 20 -14.37 -1.36 19.32
N TRP E 21 -15.46 -1.26 18.57
CA TRP E 21 -16.79 -1.49 19.14
C TRP E 21 -16.92 -2.91 19.70
N ALA E 22 -16.37 -3.91 19.02
CA ALA E 22 -16.50 -5.28 19.52
C ALA E 22 -15.88 -5.43 20.90
N ALA E 23 -14.71 -4.84 21.11
CA ALA E 23 -14.06 -4.94 22.41
C ALA E 23 -14.76 -4.07 23.44
N TRP E 24 -15.14 -2.84 23.05
CA TRP E 24 -15.86 -1.94 23.95
C TRP E 24 -17.14 -2.60 24.44
N ARG E 25 -17.82 -3.31 23.55
CA ARG E 25 -19.09 -3.96 23.87
C ARG E 25 -18.91 -5.03 24.94
N GLU E 26 -17.72 -5.63 25.03
CA GLU E 26 -17.48 -6.68 26.02
C GLU E 26 -17.35 -6.13 27.43
N LEU E 27 -17.07 -4.85 27.59
CA LEU E 27 -16.95 -4.26 28.92
C LEU E 27 -18.31 -4.10 29.58
N ASN E 28 -18.38 -4.40 30.87
CA ASN E 28 -19.63 -4.11 31.56
C ASN E 28 -19.75 -2.60 31.75
N PRO E 29 -20.96 -2.10 31.96
CA PRO E 29 -21.18 -0.64 31.90
C PRO E 29 -20.48 0.14 32.99
N GLY E 30 -20.28 -0.45 34.17
CA GLY E 30 -19.52 0.22 35.21
C GLY E 30 -18.08 0.52 34.81
N ASN E 31 -17.41 -0.45 34.18
CA ASN E 31 -16.06 -0.24 33.70
C ASN E 31 -16.05 0.75 32.55
N GLN E 32 -17.02 0.66 31.65
CA GLN E 32 -17.16 1.67 30.60
C GLN E 32 -17.27 3.07 31.20
N GLU E 33 -18.04 3.20 32.28
CA GLU E 33 -18.19 4.51 32.92
C GLU E 33 -16.89 4.97 33.57
N LEU E 34 -16.15 4.06 34.20
CA LEU E 34 -14.87 4.41 34.80
C LEU E 34 -13.88 4.90 33.75
N MET E 35 -13.80 4.21 32.61
CA MET E 35 -12.91 4.67 31.53
C MET E 35 -13.33 6.02 30.96
N LEU E 36 -14.64 6.27 30.85
CA LEU E 36 -15.07 7.56 30.33
C LEU E 36 -14.81 8.69 31.33
N ASN E 37 -14.96 8.39 32.63
CA ASN E 37 -14.62 9.36 33.66
C ASN E 37 -13.16 9.73 33.61
N GLU E 38 -12.28 8.76 33.41
CA GLU E 38 -10.86 9.07 33.27
C GLU E 38 -10.62 9.95 32.05
N LEU E 39 -11.26 9.66 30.93
CA LEU E 39 -11.14 10.55 29.77
C LEU E 39 -11.68 11.93 30.10
N SER E 40 -12.76 12.02 30.90
CA SER E 40 -13.28 13.33 31.26
C SER E 40 -12.26 14.14 32.02
N HIS E 41 -11.57 13.53 32.99
CA HIS E 41 -10.55 14.28 33.71
C HIS E 41 -9.39 14.67 32.80
N PHE E 42 -8.99 13.80 31.87
CA PHE E 42 -7.98 14.18 30.89
C PHE E 42 -8.41 15.40 30.07
N LEU E 43 -9.63 15.39 29.54
CA LEU E 43 -10.08 16.54 28.74
C LEU E 43 -10.26 17.80 29.59
N SER E 44 -10.64 17.66 30.86
CA SER E 44 -10.71 18.87 31.68
C SER E 44 -9.31 19.45 31.95
N ASP E 45 -8.29 18.59 32.07
CA ASP E 45 -6.92 19.09 32.11
C ASP E 45 -6.54 19.77 30.80
N MET E 46 -6.97 19.21 29.67
CA MET E 46 -6.69 19.88 28.41
C MET E 46 -7.39 21.25 28.33
N GLU E 47 -8.55 21.36 28.96
CA GLU E 47 -9.25 22.63 28.97
C GLU E 47 -8.53 23.67 29.81
N ILE E 48 -7.84 23.26 30.88
CA ILE E 48 -7.02 24.21 31.66
C ILE E 48 -5.92 24.79 30.77
N THR E 49 -5.20 23.93 30.05
CA THR E 49 -4.12 24.41 29.18
C THR E 49 -4.67 25.37 28.12
N LYS E 50 -5.84 25.06 27.55
CA LYS E 50 -6.52 25.98 26.66
C LYS E 50 -6.85 27.29 27.35
N ASN E 51 -7.40 27.21 28.57
CA ASN E 51 -7.86 28.42 29.25
C ASN E 51 -6.71 29.34 29.61
N ILE E 52 -5.53 28.76 29.87
CA ILE E 52 -4.39 29.58 30.26
C ILE E 52 -3.62 30.11 29.04
N GLY E 53 -4.00 29.72 27.83
CA GLY E 53 -3.37 30.24 26.63
C GLY E 53 -2.15 29.49 26.17
N GLU E 54 -1.98 28.24 26.60
CA GLU E 54 -0.80 27.46 26.29
C GLU E 54 -1.07 26.40 25.24
N GLY E 55 -2.25 26.45 24.63
CA GLY E 55 -2.59 25.49 23.59
C GLY E 55 -4.09 25.52 23.35
N GLU E 56 -4.52 24.56 22.53
CA GLU E 56 -5.92 24.44 22.09
C GLU E 56 -6.17 22.98 21.79
N HIS E 57 -7.44 22.61 21.66
CA HIS E 57 -7.77 21.27 21.21
C HIS E 57 -9.24 21.21 20.84
N THR E 58 -9.57 20.28 19.97
CA THR E 58 -10.96 20.05 19.65
C THR E 58 -11.10 18.61 19.19
N ILE E 59 -12.33 18.15 19.15
CA ILE E 59 -12.67 16.79 18.78
C ILE E 59 -13.82 16.83 17.79
N TYR E 60 -13.70 16.04 16.71
CA TYR E 60 -14.76 15.92 15.70
C TYR E 60 -14.97 14.45 15.44
N SER E 61 -16.21 14.07 15.16
CA SER E 61 -16.49 12.72 14.68
C SER E 61 -16.31 12.70 13.18
N ILE E 62 -15.68 11.63 12.68
CA ILE E 62 -15.21 11.56 11.30
C ILE E 62 -16.12 10.60 10.53
N LEU E 63 -16.54 11.01 9.34
CA LEU E 63 -17.38 10.17 8.51
C LEU E 63 -16.59 9.12 7.74
N GLY E 64 -17.21 7.94 7.56
CA GLY E 64 -16.58 6.85 6.87
C GLY E 64 -15.71 6.00 7.78
N GLN E 65 -15.06 5.03 7.16
CA GLN E 65 -14.25 4.06 7.85
C GLN E 65 -12.84 4.54 8.21
N LYS E 66 -12.35 5.65 7.67
CA LYS E 66 -10.98 6.07 7.98
C LYS E 66 -10.78 6.28 9.47
N ALA E 67 -11.80 6.80 10.16
CA ALA E 67 -11.71 7.11 11.59
C ALA E 67 -13.13 7.27 12.15
N ASP E 68 -13.27 7.14 13.48
CA ASP E 68 -14.49 7.55 14.13
C ASP E 68 -14.34 8.94 14.72
N LEU E 69 -13.13 9.31 15.11
CA LEU E 69 -12.85 10.57 15.80
C LEU E 69 -11.53 11.14 15.34
N VAL E 70 -11.41 12.46 15.42
CA VAL E 70 -10.12 13.14 15.36
C VAL E 70 -9.95 13.99 16.60
N PHE E 71 -8.81 13.83 17.24
CA PHE E 71 -8.34 14.72 18.30
C PHE E 71 -7.30 15.64 17.69
N PHE E 72 -7.62 16.91 17.64
CA PHE E 72 -6.78 17.94 17.07
C PHE E 72 -6.28 18.76 18.23
N THR E 73 -4.96 18.70 18.49
CA THR E 73 -4.35 19.31 19.66
C THR E 73 -3.20 20.23 19.24
N LEU E 74 -3.09 21.39 19.89
CA LEU E 74 -2.05 22.37 19.61
C LEU E 74 -1.35 22.73 20.91
N ARG E 75 -0.02 22.81 20.86
CA ARG E 75 0.80 23.06 22.04
C ARG E 75 1.98 23.94 21.65
N ASP E 76 2.58 24.59 22.65
CA ASP E 76 3.63 25.54 22.33
C ASP E 76 5.01 24.91 22.23
N SER E 77 5.14 23.57 22.35
CA SER E 77 6.41 22.88 22.23
C SER E 77 6.16 21.45 21.76
N LEU E 78 7.12 20.87 21.04
CA LEU E 78 7.01 19.45 20.69
C LEU E 78 6.97 18.57 21.92
N GLU E 79 7.60 19.00 23.01
CA GLU E 79 7.62 18.20 24.22
C GLU E 79 6.25 18.13 24.84
N ALA E 80 5.59 19.29 24.97
CA ALA E 80 4.23 19.31 25.51
C ALA E 80 3.30 18.47 24.66
N LEU E 81 3.44 18.56 23.32
CA LEU E 81 2.58 17.79 22.44
C LEU E 81 2.81 16.29 22.63
N ASN E 82 4.09 15.90 22.73
CA ASN E 82 4.47 14.49 22.95
C ASN E 82 3.88 13.97 24.26
N GLU E 83 3.84 14.82 25.26
CA GLU E 83 3.36 14.47 26.59
C GLU E 83 1.84 14.29 26.59
N VAL E 84 1.12 15.15 25.85
CA VAL E 84 -0.31 14.93 25.62
C VAL E 84 -0.55 13.57 25.00
N GLU E 85 0.17 13.28 23.92
CA GLU E 85 -0.05 12.07 23.15
C GLU E 85 0.18 10.83 24.01
N ASN E 86 1.30 10.82 24.76
CA ASN E 86 1.63 9.67 25.59
C ASN E 86 0.62 9.48 26.72
N ARG E 87 0.24 10.57 27.39
CA ARG E 87 -0.78 10.44 28.43
C ARG E 87 -2.11 9.94 27.86
N PHE E 88 -2.50 10.45 26.70
CA PHE E 88 -3.71 9.97 26.03
C PHE E 88 -3.63 8.48 25.76
N ASN E 89 -2.51 8.01 25.18
CA ASN E 89 -2.35 6.60 24.89
C ASN E 89 -2.40 5.73 26.12
N LYS E 90 -2.07 6.27 27.29
CA LYS E 90 -2.05 5.48 28.51
C LYS E 90 -3.38 5.51 29.26
N LEU E 91 -4.36 6.30 28.80
CA LEU E 91 -5.73 6.19 29.27
C LEU E 91 -6.24 4.78 29.01
N ALA E 92 -6.97 4.23 29.97
CA ALA E 92 -7.61 2.93 29.78
C ALA E 92 -8.47 2.92 28.51
N ILE E 93 -9.21 4.00 28.26
CA ILE E 93 -10.10 3.95 27.12
C ILE E 93 -9.32 3.95 25.82
N ALA E 94 -8.04 4.33 25.83
CA ALA E 94 -7.31 4.41 24.59
C ALA E 94 -7.05 3.05 23.98
N ASP E 95 -7.09 1.99 24.79
CA ASP E 95 -7.01 0.65 24.25
C ASP E 95 -8.11 0.36 23.24
N TYR E 96 -9.20 1.09 23.30
CA TYR E 96 -10.34 0.92 22.42
C TYR E 96 -10.33 1.94 21.27
N LEU E 97 -9.35 2.84 21.24
CA LEU E 97 -9.20 3.86 20.20
C LEU E 97 -8.01 3.49 19.32
N LEU E 98 -8.27 2.83 18.23
CA LEU E 98 -7.21 2.34 17.40
C LEU E 98 -6.67 3.43 16.48
N PRO E 99 -5.35 3.57 16.38
CA PRO E 99 -4.73 4.63 15.57
C PRO E 99 -4.85 4.30 14.09
N THR E 100 -5.47 5.18 13.31
CA THR E 100 -5.65 4.97 11.89
C THR E 100 -4.94 6.00 11.00
N TYR E 101 -4.55 7.15 11.54
CA TYR E 101 -3.81 8.16 10.79
C TYR E 101 -3.41 9.23 11.79
N SER E 102 -2.32 9.92 11.50
CA SER E 102 -1.95 11.08 12.29
C SER E 102 -1.16 12.03 11.41
N TYR E 103 -1.05 13.27 11.88
CA TYR E 103 -0.33 14.32 11.16
C TYR E 103 0.25 15.31 12.15
N ILE E 104 1.51 15.71 11.90
CA ILE E 104 2.26 16.64 12.74
C ILE E 104 2.65 17.84 11.90
N SER E 105 2.43 19.04 12.44
CA SER E 105 2.68 20.24 11.68
C SER E 105 2.83 21.38 12.66
N VAL E 106 3.13 22.56 12.12
CA VAL E 106 3.30 23.72 12.97
C VAL E 106 2.57 24.87 12.29
N VAL E 107 1.79 25.64 13.06
CA VAL E 107 1.02 26.72 12.45
C VAL E 107 1.98 27.69 11.78
N GLU E 108 1.67 28.05 10.52
CA GLU E 108 2.61 28.69 9.63
C GLU E 108 2.05 29.96 9.03
N LEU E 109 2.90 30.98 8.94
CA LEU E 109 2.61 32.27 8.32
C LEU E 109 3.81 32.67 7.47
N SER E 110 3.67 32.56 6.16
CA SER E 110 4.77 32.87 5.25
C SER E 110 4.83 34.38 5.00
N ASN E 111 5.82 34.79 4.22
CA ASN E 111 6.03 36.18 3.85
C ASN E 111 5.81 36.41 2.35
N TYR E 112 5.08 35.52 1.70
CA TYR E 112 4.86 35.63 0.26
C TYR E 112 4.13 36.92 -0.10
N TYR E 124 5.59 39.09 15.81
CA TYR E 124 5.33 38.19 16.94
C TYR E 124 4.74 38.96 18.11
N GLN E 125 4.98 40.27 18.14
CA GLN E 125 4.39 41.17 19.11
C GLN E 125 3.06 41.74 18.65
N ASN E 126 2.70 41.50 17.39
CA ASN E 126 1.46 42.00 16.83
C ASN E 126 0.30 41.14 17.30
N LYS E 127 -0.85 41.78 17.53
CA LYS E 127 -2.01 41.05 18.05
C LYS E 127 -2.72 40.27 16.95
N GLY E 128 -2.79 40.80 15.73
CA GLY E 128 -3.37 40.04 14.63
C GLY E 128 -2.49 38.86 14.21
N VAL E 129 -1.18 39.06 14.21
CA VAL E 129 -0.27 37.96 13.91
C VAL E 129 -0.43 36.86 14.95
N ARG E 130 -0.55 37.23 16.23
CA ARG E 130 -0.63 36.23 17.31
C ARG E 130 -1.93 35.43 17.23
N ALA E 131 -3.03 36.09 16.83
CA ALA E 131 -4.30 35.39 16.67
C ALA E 131 -4.22 34.32 15.60
N ARG E 132 -3.31 34.49 14.62
CA ARG E 132 -3.12 33.51 13.56
C ARG E 132 -2.12 32.42 13.92
N LEU E 133 -1.02 32.78 14.60
CA LEU E 133 -0.01 31.78 14.98
C LEU E 133 -0.50 30.87 16.08
N TYR E 134 -1.29 31.42 17.02
CA TYR E 134 -1.80 30.70 18.18
C TYR E 134 -3.32 30.69 18.10
N PRO E 135 -3.88 29.97 17.14
CA PRO E 135 -5.28 30.20 16.74
C PRO E 135 -6.27 29.62 17.73
N ALA E 136 -7.27 30.44 18.09
CA ALA E 136 -8.47 29.94 18.76
C ALA E 136 -9.25 29.09 17.77
N LEU E 137 -9.61 27.88 18.18
CA LEU E 137 -10.38 27.03 17.30
C LEU E 137 -11.86 27.41 17.33
N PRO E 138 -12.49 27.68 16.19
CA PRO E 138 -13.90 28.06 16.21
C PRO E 138 -14.80 26.86 16.41
N PRO E 139 -15.80 26.98 17.14
CA PRO E 139 -16.72 25.85 17.33
C PRO E 139 -17.67 25.68 16.14
N LYS E 140 -17.10 25.44 14.96
CA LYS E 140 -17.88 25.23 13.76
C LYS E 140 -18.41 23.81 13.70
N LYS E 141 -19.55 23.64 13.03
CA LYS E 141 -20.21 22.33 12.98
C LYS E 141 -19.32 21.28 12.30
N HIS E 142 -18.43 21.69 11.39
CA HIS E 142 -17.75 20.73 10.53
C HIS E 142 -16.29 21.04 10.43
N ILE E 143 -15.50 19.97 10.22
CA ILE E 143 -14.07 20.09 10.01
C ILE E 143 -13.72 19.35 8.72
N CYS E 144 -12.70 19.85 8.04
CA CYS E 144 -12.09 19.15 6.91
C CYS E 144 -10.58 19.15 7.10
N PHE E 145 -9.94 18.00 7.01
CA PHE E 145 -8.48 17.93 7.07
C PHE E 145 -7.92 17.25 5.83
N TYR E 146 -6.87 17.82 5.26
CA TYR E 146 -6.08 17.08 4.29
C TYR E 146 -4.64 17.61 4.26
N PRO E 147 -3.68 16.74 4.02
CA PRO E 147 -2.31 17.19 3.75
C PRO E 147 -2.07 17.43 2.26
N MET E 148 -1.06 18.23 1.96
CA MET E 148 -0.70 18.46 0.57
C MET E 148 0.76 18.89 0.46
N SER E 149 1.30 18.73 -0.74
CA SER E 149 2.64 19.16 -1.10
C SER E 149 2.59 19.88 -2.44
N LYS E 150 3.67 20.59 -2.76
CA LYS E 150 3.75 21.23 -4.06
C LYS E 150 4.61 20.36 -4.97
N LYS E 151 4.20 20.22 -6.21
CA LYS E 151 4.79 19.25 -7.11
C LYS E 151 6.19 19.68 -7.53
N ARG E 152 7.02 18.68 -7.80
CA ARG E 152 8.36 18.86 -8.38
C ARG E 152 8.49 17.81 -9.51
N ASP E 153 7.80 18.05 -10.63
CA ASP E 153 7.56 17.00 -11.62
C ASP E 153 7.67 17.60 -13.02
N GLY E 154 8.85 17.46 -13.63
CA GLY E 154 9.07 17.99 -14.96
C GLY E 154 8.86 19.48 -15.01
N ALA E 155 8.11 19.94 -16.01
CA ALA E 155 7.79 21.36 -16.18
C ALA E 155 6.90 21.90 -15.08
N ASP E 156 6.30 21.04 -14.28
CA ASP E 156 5.44 21.50 -13.18
C ASP E 156 6.26 21.36 -11.89
N ASN E 157 7.18 22.31 -11.69
CA ASN E 157 8.08 22.26 -10.53
C ASN E 157 8.01 23.58 -9.76
N TRP E 158 7.22 23.57 -8.68
CA TRP E 158 7.04 24.75 -7.83
C TRP E 158 8.36 25.30 -7.31
N TYR E 159 9.27 24.41 -6.91
CA TYR E 159 10.47 24.85 -6.19
C TYR E 159 11.55 25.37 -7.13
N MET E 160 11.37 25.22 -8.43
CA MET E 160 12.26 25.80 -9.42
C MET E 160 11.72 27.08 -9.99
N LEU E 161 10.53 27.49 -9.57
CA LEU E 161 9.96 28.73 -10.06
C LEU E 161 10.71 29.94 -9.47
N PRO E 162 10.88 31.00 -10.25
CA PRO E 162 11.35 32.27 -9.67
C PRO E 162 10.46 32.74 -8.53
N MET E 163 11.08 33.43 -7.57
CA MET E 163 10.35 33.96 -6.44
C MET E 163 9.16 34.82 -6.88
N GLU E 164 9.34 35.59 -7.95
CA GLU E 164 8.29 36.53 -8.37
C GLU E 164 7.09 35.79 -8.92
N GLU E 165 7.34 34.70 -9.65
CA GLU E 165 6.25 33.90 -10.19
C GLU E 165 5.47 33.22 -9.07
N ARG E 166 6.19 32.65 -8.10
CA ARG E 166 5.53 32.05 -6.93
C ARG E 166 4.71 33.09 -6.18
N GLN E 167 5.28 34.29 -5.96
CA GLN E 167 4.54 35.34 -5.27
C GLN E 167 3.22 35.62 -5.96
N GLN E 168 3.25 35.73 -7.29
CA GLN E 168 2.02 36.00 -8.02
C GLN E 168 1.02 34.85 -7.89
N LEU E 169 1.50 33.60 -7.97
CA LEU E 169 0.59 32.45 -7.87
C LEU E 169 -0.09 32.40 -6.49
N ILE E 170 0.68 32.68 -5.43
CA ILE E 170 0.12 32.71 -4.08
C ILE E 170 -0.87 33.85 -3.93
N ARG E 171 -0.55 35.00 -4.52
CA ARG E 171 -1.45 36.15 -4.50
C ARG E 171 -2.83 35.76 -5.03
N ASP E 172 -2.88 35.12 -6.19
CA ASP E 172 -4.15 34.76 -6.80
C ASP E 172 -4.88 33.72 -5.97
N HIS E 173 -4.13 32.80 -5.37
CA HIS E 173 -4.71 31.83 -4.45
C HIS E 173 -5.33 32.50 -3.24
N GLY E 174 -4.63 33.47 -2.65
CA GLY E 174 -5.18 34.17 -1.50
C GLY E 174 -6.42 34.96 -1.82
N LEU E 175 -6.53 35.48 -3.05
CA LEU E 175 -7.75 36.20 -3.43
C LEU E 175 -8.96 35.27 -3.37
N ILE E 176 -8.80 34.03 -3.80
CA ILE E 176 -9.91 33.09 -3.70
C ILE E 176 -10.25 32.82 -2.24
N GLY E 177 -9.22 32.60 -1.41
CA GLY E 177 -9.48 32.36 0.00
C GLY E 177 -10.21 33.52 0.66
N ARG E 178 -9.82 34.75 0.32
CA ARG E 178 -10.47 35.92 0.90
C ARG E 178 -11.97 35.90 0.63
N SER E 179 -12.38 35.40 -0.54
CA SER E 179 -13.79 35.44 -0.88
C SER E 179 -14.61 34.46 -0.07
N TYR E 180 -13.98 33.55 0.68
CA TYR E 180 -14.71 32.65 1.57
C TYR E 180 -14.67 33.11 3.03
N ALA E 181 -14.26 34.36 3.27
CA ALA E 181 -14.28 34.92 4.61
C ALA E 181 -15.69 34.86 5.18
N GLY E 182 -15.79 34.51 6.44
CA GLY E 182 -17.10 34.31 7.04
C GLY E 182 -17.76 32.99 6.70
N LYS E 183 -17.21 32.21 5.80
CA LYS E 183 -17.76 30.90 5.47
C LYS E 183 -16.83 29.76 5.84
N VAL E 184 -15.54 29.91 5.61
CA VAL E 184 -14.55 28.87 5.89
C VAL E 184 -13.43 29.54 6.66
N GLN E 185 -13.00 28.92 7.75
CA GLN E 185 -11.84 29.38 8.50
C GLN E 185 -10.79 28.32 8.36
N GLN E 186 -9.56 28.73 8.05
CA GLN E 186 -8.49 27.82 7.69
C GLN E 186 -7.33 27.95 8.67
N ILE E 187 -6.70 26.82 8.97
CA ILE E 187 -5.43 26.77 9.68
C ILE E 187 -4.47 26.03 8.77
N ILE E 188 -3.38 26.70 8.37
CA ILE E 188 -2.34 26.10 7.54
C ILE E 188 -1.14 25.75 8.44
N GLY E 189 -0.85 24.46 8.55
CA GLY E 189 0.31 23.99 9.29
C GLY E 189 1.41 23.56 8.34
N GLY E 190 2.59 24.15 8.52
CA GLY E 190 3.74 23.69 7.77
C GLY E 190 4.25 22.37 8.33
N SER E 191 4.63 21.45 7.44
CA SER E 191 5.13 20.16 7.88
C SER E 191 6.40 19.70 7.19
N ILE E 192 7.08 20.57 6.44
CA ILE E 192 8.38 20.19 5.89
C ILE E 192 9.33 19.94 7.04
N GLY E 193 9.93 18.75 7.07
CA GLY E 193 10.77 18.30 8.18
C GLY E 193 10.02 17.57 9.28
N PHE E 194 8.68 17.60 9.29
CA PHE E 194 7.86 17.08 10.38
C PHE E 194 6.97 15.90 10.02
N ASP E 195 6.46 15.84 8.78
CA ASP E 195 5.61 14.71 8.39
C ASP E 195 5.82 14.52 6.89
N ASP E 196 4.94 13.73 6.27
CA ASP E 196 5.22 13.19 4.95
C ASP E 196 4.82 14.12 3.79
N TYR E 197 4.00 15.14 4.02
CA TYR E 197 3.65 16.15 3.05
C TYR E 197 4.21 17.46 3.56
N GLU E 198 3.94 18.52 2.83
CA GLU E 198 4.56 19.79 3.10
C GLU E 198 3.68 20.71 3.93
N TRP E 199 2.37 20.48 3.92
CA TRP E 199 1.40 21.24 4.71
C TRP E 199 0.29 20.32 5.17
N GLY E 200 -0.24 20.61 6.36
CA GLY E 200 -1.53 20.09 6.81
C GLY E 200 -2.55 21.22 6.77
N VAL E 201 -3.69 20.95 6.13
CA VAL E 201 -4.70 21.98 5.90
C VAL E 201 -5.94 21.62 6.69
N THR E 202 -6.35 22.50 7.59
CA THR E 202 -7.55 22.29 8.37
C THR E 202 -8.56 23.37 8.05
N LEU E 203 -9.77 22.96 7.68
CA LEU E 203 -10.83 23.91 7.37
C LEU E 203 -11.95 23.72 8.36
N PHE E 204 -12.59 24.83 8.75
CA PHE E 204 -13.75 24.84 9.63
C PHE E 204 -14.90 25.60 8.97
N SER E 205 -16.09 25.03 9.05
CA SER E 205 -17.25 25.72 8.49
C SER E 205 -18.52 25.14 9.10
N ASP E 206 -19.58 25.96 9.12
CA ASP E 206 -20.90 25.49 9.50
C ASP E 206 -21.65 24.84 8.34
N ASP E 207 -21.15 24.96 7.13
CA ASP E 207 -21.75 24.33 5.96
C ASP E 207 -20.67 23.49 5.29
N ALA E 208 -20.83 22.16 5.30
CA ALA E 208 -19.75 21.33 4.76
C ALA E 208 -19.60 21.50 3.25
N LEU E 209 -20.66 21.88 2.55
CA LEU E 209 -20.51 22.16 1.12
C LEU E 209 -19.53 23.29 0.85
N GLU E 210 -19.28 24.18 1.81
CA GLU E 210 -18.28 25.22 1.56
C GLU E 210 -16.89 24.62 1.40
N PHE E 211 -16.64 23.45 2.01
CA PHE E 211 -15.36 22.79 1.79
C PHE E 211 -15.22 22.37 0.33
N LYS E 212 -16.24 21.67 -0.17
CA LYS E 212 -16.25 21.28 -1.57
C LYS E 212 -16.10 22.50 -2.48
N ARG E 213 -16.78 23.61 -2.14
CA ARG E 213 -16.72 24.81 -2.97
C ARG E 213 -15.32 25.42 -2.98
N ILE E 214 -14.73 25.61 -1.80
CA ILE E 214 -13.47 26.33 -1.78
C ILE E 214 -12.36 25.46 -2.36
N VAL E 215 -12.36 24.15 -2.08
CA VAL E 215 -11.31 23.26 -2.57
C VAL E 215 -11.45 23.05 -4.08
N THR E 216 -12.70 23.00 -4.60
CA THR E 216 -12.93 22.93 -6.05
C THR E 216 -12.45 24.22 -6.73
N GLU E 217 -12.82 25.38 -6.18
CA GLU E 217 -12.44 26.62 -6.82
C GLU E 217 -10.93 26.81 -6.85
N MET E 218 -10.26 26.48 -5.75
CA MET E 218 -8.81 26.52 -5.72
C MET E 218 -8.21 25.56 -6.72
N ARG E 219 -8.85 24.43 -6.96
CA ARG E 219 -8.21 23.49 -7.86
C ARG E 219 -8.13 24.01 -9.30
N PHE E 220 -8.99 24.96 -9.69
CA PHE E 220 -8.93 25.55 -11.02
C PHE E 220 -8.02 26.76 -11.07
N ASP E 221 -7.47 27.18 -9.94
CA ASP E 221 -6.50 28.27 -9.86
C ASP E 221 -5.11 27.67 -10.07
N GLU E 222 -4.28 28.32 -10.91
CA GLU E 222 -3.02 27.70 -11.35
C GLU E 222 -2.18 27.15 -10.20
N ALA E 223 -2.08 27.89 -9.08
CA ALA E 223 -1.25 27.45 -7.97
C ALA E 223 -1.55 26.02 -7.56
N SER E 224 -2.82 25.61 -7.59
CA SER E 224 -3.15 24.23 -7.27
C SER E 224 -3.34 23.35 -8.48
N ALA E 225 -3.91 23.89 -9.56
CA ALA E 225 -4.13 23.12 -10.77
C ALA E 225 -2.85 22.49 -11.26
N ARG E 226 -1.78 23.28 -11.28
CA ARG E 226 -0.52 22.77 -11.79
C ARG E 226 0.36 22.15 -10.72
N TYR E 227 0.28 22.61 -9.49
CA TYR E 227 1.34 22.37 -8.51
C TYR E 227 0.91 21.64 -7.26
N ALA E 228 -0.38 21.36 -7.05
CA ALA E 228 -0.78 20.75 -5.78
C ALA E 228 -0.83 19.23 -5.88
N GLU E 229 -0.40 18.60 -4.81
CA GLU E 229 -0.40 17.15 -4.65
C GLU E 229 -1.11 16.91 -3.33
N PHE E 230 -2.18 16.14 -3.35
CA PHE E 230 -3.04 16.01 -2.19
C PHE E 230 -2.91 14.62 -1.59
N GLY E 231 -3.00 14.54 -0.30
CA GLY E 231 -3.22 13.27 0.38
C GLY E 231 -4.69 12.97 0.60
N SER E 232 -4.98 12.19 1.63
CA SER E 232 -6.35 11.80 1.94
C SER E 232 -7.10 12.94 2.60
N PHE E 233 -8.42 12.96 2.41
CA PHE E 233 -9.32 13.97 2.96
C PHE E 233 -10.18 13.37 4.06
N PHE E 234 -10.35 14.12 5.14
CA PHE E 234 -11.15 13.70 6.29
C PHE E 234 -12.17 14.78 6.58
N ILE E 235 -13.43 14.39 6.81
CA ILE E 235 -14.46 15.36 7.20
C ILE E 235 -15.26 14.83 8.36
N GLY E 236 -15.72 15.75 9.22
CA GLY E 236 -16.44 15.35 10.39
C GLY E 236 -17.23 16.48 11.04
N ASN E 237 -17.80 16.14 12.19
CA ASN E 237 -18.80 16.94 12.88
C ASN E 237 -18.34 17.20 14.30
N LEU E 238 -18.59 18.40 14.79
CA LEU E 238 -18.11 18.78 16.11
C LEU E 238 -18.70 17.89 17.18
N LEU E 239 -17.85 17.41 18.07
CA LEU E 239 -18.22 16.62 19.23
C LEU E 239 -17.92 17.43 20.49
N LEU E 240 -18.97 17.85 21.17
CA LEU E 240 -18.87 18.38 22.52
C LEU E 240 -19.09 17.25 23.52
N SER E 241 -19.31 17.60 24.80
CA SER E 241 -19.47 16.59 25.83
C SER E 241 -20.74 15.78 25.61
N GLU E 242 -21.85 16.47 25.39
CA GLU E 242 -23.12 15.82 25.09
C GLU E 242 -22.94 14.72 24.05
N GLN E 243 -22.38 15.06 22.89
CA GLN E 243 -22.26 14.08 21.82
C GLN E 243 -21.18 13.02 22.10
N LEU E 244 -20.20 13.32 22.95
CA LEU E 244 -19.12 12.36 23.19
C LEU E 244 -19.61 11.16 23.99
N SER E 245 -20.46 11.40 24.99
CA SER E 245 -21.04 10.31 25.75
C SER E 245 -21.94 9.44 24.88
N LYS E 246 -22.75 10.07 24.02
CA LYS E 246 -23.66 9.31 23.17
C LYS E 246 -22.90 8.48 22.15
N LEU E 247 -21.78 9.00 21.65
CA LEU E 247 -20.98 8.25 20.72
C LEU E 247 -20.60 6.89 21.32
N PHE E 248 -20.23 6.86 22.60
CA PHE E 248 -19.73 5.63 23.22
C PHE E 248 -20.81 4.77 23.84
N THR E 249 -22.04 5.29 24.00
CA THR E 249 -23.13 4.47 24.52
C THR E 249 -23.57 3.46 23.49
N ILE E 250 -23.50 2.18 23.83
CA ILE E 250 -23.90 1.14 22.90
C ILE E 250 -25.43 1.07 22.90
NA NA F . 16.14 -8.38 10.87
O1A FEC G . 21.77 -1.48 -11.52
CGA FEC G . 21.84 -2.54 -10.84
O2A FEC G . 22.16 -2.66 -9.63
CBA FEC G . 21.41 -3.83 -11.54
CAA FEC G . 21.67 -5.15 -10.72
C3A FEC G . 22.86 -5.97 -11.11
C2A FEC G . 24.06 -6.24 -10.56
C1A FEC G . 24.76 -7.03 -11.53
CHA FEC G . 26.03 -7.59 -11.43
C4D FEC G . 26.74 -8.15 -12.43
ND FEC G . 26.25 -8.40 -13.71
C1D FEC G . 27.29 -8.93 -14.45
CHD FEC G . 27.19 -9.27 -15.77
C4C FEC G . 26.02 -9.48 -16.44
C3C FEC G . 25.90 -10.16 -17.69
C2C FEC G . 24.60 -10.19 -17.99
C1C FEC G . 23.88 -9.55 -16.93
CHC FEC G . 22.50 -9.42 -16.85
C4B FEC G . 21.83 -8.65 -15.94
C3B FEC G . 20.41 -8.37 -15.99
C2B FEC G . 20.15 -7.44 -14.86
C1B FEC G . 21.43 -7.29 -14.23
NB FEC G . 22.40 -7.99 -14.88
FE FEC G . 24.38 -8.11 -14.30
NA FEC G . 23.93 -7.18 -12.63
C4A FEC G . 22.78 -6.55 -12.38
CHB FEC G . 21.69 -6.49 -13.16
NC FEC G . 24.78 -9.10 -15.96
CMB FEC G . 18.88 -6.78 -14.36
CAB FEC G . 19.47 -8.89 -17.06
CBB FEC G . 19.42 -7.74 -18.04
CGB FEC G . 18.52 -8.02 -19.20
O1B FEC G . 18.40 -9.18 -19.72
O2B FEC G . 17.89 -7.00 -19.61
CAC FEC G . 23.99 -10.84 -19.28
CBC FEC G . 23.24 -12.12 -18.97
CGC FEC G . 24.19 -13.26 -18.66
O1C FEC G . 25.43 -13.03 -18.67
O2C FEC G . 23.72 -14.41 -18.39
CMC FEC G . 27.12 -10.70 -18.48
C2D FEC G . 28.46 -9.01 -13.63
C3D FEC G . 28.15 -8.53 -12.39
CAD FEC G . 28.98 -8.35 -11.08
CBD FEC G . 29.26 -9.40 -10.01
CGD FEC G . 30.04 -10.59 -10.56
O1D FEC G . 30.84 -10.33 -11.50
O2D FEC G . 29.78 -11.69 -10.00
CMD FEC G . 29.81 -9.56 -14.18
CMA FEC G . 24.65 -5.82 -9.17
HBA1 FEC G . 20.46 -3.77 -11.73
HBA2 FEC G . 21.89 -3.89 -12.38
HAA1 FEC G . 20.88 -5.70 -10.80
HAA2 FEC G . 21.77 -4.90 -9.79
HHA FEC G . 26.32 -7.78 -10.55
HHD FEC G . 27.97 -9.37 -16.25
HHC FEC G . 22.01 -9.70 -17.58
HHB FEC G . 21.05 -5.85 -12.95
HMB1 FEC G . 18.25 -7.46 -14.07
HMB2 FEC G . 19.08 -6.19 -13.62
HMB3 FEC G . 18.48 -6.26 -15.08
HAB1 FEC G . 19.83 -9.69 -17.47
HAB2 FEC G . 18.59 -9.07 -16.68
HBB1 FEC G . 20.31 -7.57 -18.37
HBB2 FEC G . 19.10 -6.94 -17.58
HAC1 FEC G . 24.71 -11.03 -19.90
HAC2 FEC G . 23.38 -10.21 -19.69
HBC1 FEC G . 22.69 -12.36 -19.74
HBC2 FEC G . 22.66 -11.98 -18.20
HMC1 FEC G . 26.85 -10.95 -19.38
HMC2 FEC G . 27.81 -10.01 -18.53
HMC3 FEC G . 27.48 -11.48 -18.03
HAD1 FEC G . 28.56 -7.61 -10.61
HAD2 FEC G . 29.84 -8.03 -11.36
HBD1 FEC G . 29.78 -9.00 -9.29
HBD2 FEC G . 28.42 -9.72 -9.65
HMD1 FEC G . 30.02 -9.11 -15.01
HMD2 FEC G . 30.52 -9.40 -13.54
HMD3 FEC G . 29.73 -10.52 -14.33
HMA1 FEC G . 25.15 -4.99 -9.27
HMA2 FEC G . 23.93 -5.69 -8.55
HMA3 FEC G . 25.24 -6.52 -8.85
C1 MPD H . 3.47 -31.12 -3.04
C2 MPD H . 2.30 -30.14 -3.21
O2 MPD H . 1.06 -30.91 -3.15
CM MPD H . 2.26 -29.10 -2.09
C3 MPD H . 2.41 -29.38 -4.52
C4 MPD H . 2.42 -30.26 -5.77
O4 MPD H . 1.35 -29.89 -6.62
C5 MPD H . 3.76 -30.15 -6.52
H11 MPD H . 4.12 -31.04 -3.92
H12 MPD H . 4.03 -30.87 -2.14
H13 MPD H . 3.08 -32.14 -2.96
HO2 MPD H . 0.55 -30.77 -3.97
HM1 MPD H . 2.32 -28.10 -2.53
HM2 MPD H . 3.11 -29.26 -1.42
HM3 MPD H . 1.33 -29.20 -1.53
H31 MPD H . 3.33 -28.79 -4.50
H32 MPD H . 1.58 -28.68 -4.59
H4 MPD H . 2.31 -31.30 -5.46
HO4 MPD H . 1.05 -30.68 -7.12
H51 MPD H . 3.56 -29.81 -7.55
H52 MPD H . 4.41 -29.44 -6.03
H53 MPD H . 4.24 -31.13 -6.56
NA NA I . 4.29 8.77 18.81
O1A FEC J . 16.92 17.82 0.44
CGA FEC J . 17.89 17.14 0.90
O2A FEC J . 18.95 16.74 0.36
CBA FEC J . 17.70 16.75 2.35
CAA FEC J . 18.84 15.92 2.96
C3A FEC J . 20.12 16.60 3.50
C2A FEC J . 20.39 17.44 4.55
C1A FEC J . 21.80 17.75 4.50
CHA FEC J . 22.53 18.56 5.38
C4D FEC J . 23.79 19.04 5.20
ND FEC J . 24.64 18.64 4.18
C1D FEC J . 25.82 19.36 4.29
CHD FEC J . 26.89 19.25 3.44
C4C FEC J . 27.08 18.19 2.61
C3C FEC J . 28.32 17.85 1.95
C2C FEC J . 28.10 16.75 1.25
C1C FEC J . 26.74 16.36 1.44
CHC FEC J . 26.16 15.26 0.90
C4B FEC J . 24.83 14.97 0.87
C3B FEC J . 24.23 13.95 0.06
C2B FEC J . 22.78 14.04 0.32
C1B FEC J . 22.66 15.11 1.25
NB FEC J . 23.86 15.66 1.57
FE FEC J . 24.22 17.24 2.88
NA FEC J . 22.32 17.08 3.42
C4A FEC J . 21.34 16.39 2.80
CHB FEC J . 21.48 15.56 1.72
NC FEC J . 26.11 17.28 2.30
CMB FEC J . 21.62 13.21 -0.25
CAB FEC J . 24.95 12.96 -0.89
CBB FEC J . 24.49 13.36 -2.30
CGB FEC J . 25.23 12.60 -3.36
O1B FEC J . 26.35 12.12 -3.06
O2B FEC J . 24.70 12.49 -4.51
CAC FEC J . 29.15 15.97 0.37
CBC FEC J . 29.38 14.53 0.86
CGC FEC J . 29.45 14.40 2.38
O1C FEC J . 30.42 14.98 2.95
O2C FEC J . 28.59 13.73 3.03
CMC FEC J . 29.61 18.69 2.11
C2D FEC J . 25.72 20.26 5.40
C3D FEC J . 24.47 20.09 5.96
CAD FEC J . 23.76 20.76 7.19
CBD FEC J . 24.07 20.55 8.67
CGD FEC J . 25.24 21.39 9.16
O1D FEC J . 26.38 20.95 8.84
O2D FEC J . 24.91 22.40 9.84
CMD FEC J . 26.90 21.21 5.75
CMA FEC J . 19.43 18.03 5.64
HBA1 FEC J . 17.59 17.56 2.87
HBA2 FEC J . 16.88 16.24 2.43
HAA1 FEC J . 19.12 15.29 2.30
HAA2 FEC J . 18.46 15.41 3.71
HHA FEC J . 22.11 18.79 6.18
HHD FEC J . 27.47 19.97 3.36
HHC FEC J . 26.73 14.56 0.68
HHB FEC J . 20.70 15.31 1.27
HMB1 FEC J . 21.06 13.77 -0.80
HMB2 FEC J . 21.10 12.83 0.47
HMB3 FEC J . 21.99 12.49 -0.80
HAB1 FEC J . 24.68 12.05 -0.70
HAB2 FEC J . 25.91 13.05 -0.82
HBB1 FEC J . 24.64 14.30 -2.43
HBB2 FEC J . 23.55 13.17 -2.39
HAC1 FEC J . 29.99 16.44 0.40
HAC2 FEC J . 28.83 15.94 -0.54
HBC1 FEC J . 30.20 14.21 0.48
HBC2 FEC J . 28.65 13.98 0.54
HMC1 FEC J . 29.51 19.32 2.83
HMC2 FEC J . 29.79 19.16 1.27
HMC3 FEC J . 30.35 18.10 2.31
HAD1 FEC J . 23.84 21.72 7.04
HAD2 FEC J . 22.82 20.56 7.09
HBD1 FEC J . 24.26 19.62 8.82
HBD2 FEC J . 23.27 20.79 9.19
HMD1 FEC J . 27.12 21.13 6.70
HMD2 FEC J . 27.68 20.96 5.22
HMD3 FEC J . 26.66 22.12 5.55
HMA1 FEC J . 19.09 18.88 5.34
HMA2 FEC J . 18.69 17.41 5.78
HMA3 FEC J . 19.91 18.13 6.47
C1 MPD K . 23.99 -13.22 16.66
C2 MPD K . 23.21 -13.44 15.36
O2 MPD K . 23.33 -14.86 15.00
CM MPD K . 21.73 -13.08 15.56
C3 MPD K . 23.71 -12.55 14.22
C4 MPD K . 25.14 -12.86 13.79
O4 MPD K . 25.12 -13.67 12.63
C5 MPD K . 25.94 -11.58 13.48
H11 MPD K . 24.76 -12.47 16.50
H12 MPD K . 23.31 -12.89 17.45
H13 MPD K . 24.46 -14.16 16.96
HO2 MPD K . 23.70 -14.93 14.10
HM1 MPD K . 21.46 -12.29 14.85
HM2 MPD K . 21.58 -12.71 16.57
HM3 MPD K . 21.11 -13.95 15.39
H31 MPD K . 23.65 -11.51 14.55
H32 MPD K . 23.05 -12.67 13.37
H4 MPD K . 25.65 -13.38 14.60
HO4 MPD K . 26.00 -14.08 12.50
H51 MPD K . 26.29 -11.62 12.45
H52 MPD K . 26.80 -11.51 14.15
H53 MPD K . 25.30 -10.71 13.62
NA NA L . 2.66 -20.55 -1.90
O1A FEC M . 2.06 -8.49 -22.67
CGA FEC M . 0.83 -8.76 -22.61
O2A FEC M . -0.19 -8.06 -22.91
CBA FEC M . 0.51 -10.14 -22.03
CAA FEC M . -0.97 -10.58 -22.09
C3A FEC M . -1.43 -11.50 -23.23
C2A FEC M . -1.05 -12.75 -23.56
C1A FEC M . -1.78 -13.12 -24.75
CHA FEC M . -1.72 -14.34 -25.45
C4D FEC M . -2.29 -14.64 -26.67
ND FEC M . -3.15 -13.78 -27.38
C1D FEC M . -3.49 -14.43 -28.56
CHD FEC M . -4.30 -13.89 -29.53
C4C FEC M . -5.15 -12.86 -29.31
C3C FEC M . -6.25 -12.50 -30.16
C2C FEC M . -6.86 -11.45 -29.60
C1C FEC M . -6.16 -11.13 -28.38
CHC FEC M . -6.49 -10.13 -27.50
C4B FEC M . -5.76 -9.70 -26.42
C3B FEC M . -6.08 -8.54 -25.61
C2B FEC M . -5.01 -8.45 -24.57
C1B FEC M . -4.16 -9.58 -24.85
NB FEC M . -4.60 -10.31 -25.94
FE FEC M . -3.76 -12.04 -26.74
NA FEC M . -2.58 -12.06 -25.10
C4A FEC M . -2.39 -11.07 -24.19
CHB FEC M . -3.02 -9.86 -24.17
NC FEC M . -5.07 -12.01 -28.21
CMB FEC M . -4.84 -7.42 -23.46
CAB FEC M . -7.24 -7.55 -25.77
CBB FEC M . -6.61 -6.20 -26.14
CGB FEC M . -7.64 -5.19 -26.54
O1B FEC M . -8.83 -5.57 -26.72
O2B FEC M . -7.26 -3.99 -26.67
CAC FEC M . -8.12 -10.75 -30.18
CBC FEC M . -7.88 -9.32 -30.57
CGC FEC M . -9.15 -8.75 -31.17
O1C FEC M . -9.64 -9.31 -32.19
O2C FEC M . -9.70 -7.73 -30.65
CMC FEC M . -6.59 -13.25 -31.47
C2D FEC M . -2.84 -15.72 -28.61
C3D FEC M . -2.11 -15.86 -27.47
CAD FEC M . -1.18 -17.01 -26.94
CBD FEC M . -1.71 -18.30 -26.34
CGD FEC M . -2.03 -19.27 -27.46
O1D FEC M . -3.22 -19.24 -27.88
O2D FEC M . -1.05 -19.97 -27.82
CMD FEC M . -3.05 -16.65 -29.84
CMA FEC M . 0.00 -13.64 -22.81
HBA1 FEC M . 1.03 -10.79 -22.54
HBA2 FEC M . 0.79 -10.16 -21.11
HAA1 FEC M . -1.51 -9.78 -22.13
HAA2 FEC M . -1.17 -11.03 -21.25
HHA FEC M . -1.25 -15.03 -25.04
HHD FEC M . -4.19 -14.20 -30.40
HHC FEC M . -7.33 -9.75 -27.61
HHB FEC M . -2.65 -9.19 -23.64
HMB1 FEC M . -5.58 -7.49 -22.84
HMB2 FEC M . -4.02 -7.56 -22.99
HMB3 FEC M . -4.85 -6.52 -23.85
HAB1 FEC M . -7.73 -7.48 -24.95
HAB2 FEC M . -7.82 -7.85 -26.49
HBB1 FEC M . -6.12 -5.86 -25.38
HBB2 FEC M . -5.99 -6.33 -26.88
HAC1 FEC M . -8.42 -11.24 -30.97
HAC2 FEC M . -8.82 -10.78 -29.51
HBC1 FEC M . -7.17 -9.27 -31.23
HBC2 FEC M . -7.63 -8.80 -29.79
HMC1 FEC M . -7.24 -12.74 -31.98
HMC2 FEC M . -6.96 -14.13 -31.26
HMC3 FEC M . -5.78 -13.36 -32.00
HAD1 FEC M . -0.61 -17.26 -27.68
HAD2 FEC M . -0.62 -16.61 -26.26
HBD1 FEC M . -2.51 -18.13 -25.83
HBD2 FEC M . -1.03 -18.69 -25.77
HMD1 FEC M . -3.31 -17.54 -29.54
HMD2 FEC M . -2.23 -16.70 -30.36
HMD3 FEC M . -3.76 -16.30 -30.41
HMA1 FEC M . -0.46 -14.14 -22.11
HMA2 FEC M . 0.68 -13.07 -22.42
HMA3 FEC M . 0.41 -14.26 -23.44
NA NA N . -17.37 -10.94 -1.99
O1A FEC O . -15.82 5.36 -16.39
CGA FEC O . -15.65 6.51 -16.86
O2A FEC O . -14.84 6.85 -17.76
CBA FEC O . -16.51 7.63 -16.22
CAA FEC O . -17.65 7.15 -15.27
C3A FEC O . -19.01 7.66 -15.67
C2A FEC O . -20.07 7.02 -16.17
C1A FEC O . -21.05 8.02 -16.48
CHA FEC O . -22.32 7.86 -17.02
C4D FEC O . -23.15 8.85 -17.49
ND FEC O . -22.86 10.21 -17.40
C1D FEC O . -23.91 10.88 -18.02
CHD FEC O . -24.00 12.24 -18.15
C4C FEC O . -23.26 13.11 -17.42
C3C FEC O . -23.56 14.52 -17.30
C2C FEC O . -22.66 15.04 -16.49
C1C FEC O . -21.77 13.99 -16.08
CHC FEC O . -20.72 14.09 -15.20
C4B FEC O . -19.80 13.14 -14.90
C3B FEC O . -18.62 13.38 -14.09
C2B FEC O . -17.87 12.11 -14.04
C1B FEC O . -18.68 11.21 -14.82
NB FEC O . -19.81 11.83 -15.32
FE FEC O . -21.30 10.99 -16.49
NA FEC O . -20.49 9.24 -16.15
C4A FEC O . -19.24 9.02 -15.66
CHB FEC O . -18.36 9.92 -15.14
NC FEC O . -22.15 12.77 -16.67
CMB FEC O . -16.53 11.78 -13.33
CAB FEC O . -18.25 14.74 -13.46
CBB FEC O . -17.36 15.43 -14.51
CGB FEC O . -16.85 16.77 -14.07
O1B FEC O . -17.61 17.58 -13.48
O2B FEC O . -15.64 17.02 -14.35
CAC FEC O . -22.61 16.55 -16.08
CBC FEC O . -23.81 16.96 -15.24
CGC FEC O . -24.66 17.95 -16.01
O1C FEC O . -24.11 19.01 -16.40
O2C FEC O . -25.89 17.70 -16.24
CMC FEC O . -24.75 15.20 -18.04
C2D FEC O . -24.85 9.93 -18.53
C3D FEC O . -24.41 8.69 -18.20
CAD FEC O . -25.05 7.33 -18.54
CBD FEC O . -25.06 6.09 -17.68
CGD FEC O . -26.28 6.07 -16.79
O1D FEC O . -27.25 6.79 -17.17
O2D FEC O . -26.11 5.31 -15.80
CMD FEC O . -26.16 10.34 -19.28
CMA FEC O . -20.19 5.47 -16.39
HBA1 FEC O . -16.91 8.14 -16.94
HBA2 FEC O . -15.92 8.21 -15.72
HAA1 FEC O . -17.66 6.18 -15.26
HAA2 FEC O . -17.45 7.48 -14.36
HHA FEC O . -22.71 7.01 -16.92
HHD FEC O . -24.56 12.58 -18.79
HHC FEC O . -20.58 14.94 -14.84
HHB FEC O . -17.49 9.65 -14.99
HMB1 FEC O . -15.85 11.57 -13.99
HMB2 FEC O . -16.25 12.55 -12.81
HMB3 FEC O . -16.65 11.01 -12.75
HAB1 FEC O . -17.74 14.61 -12.64
HAB2 FEC O . -19.04 15.26 -13.29
HBB1 FEC O . -17.89 15.54 -15.33
HBB2 FEC O . -16.61 14.84 -14.71
HAC1 FEC O . -21.80 16.71 -15.56
HAC2 FEC O . -22.59 17.08 -16.88
HBC1 FEC O . -23.52 17.36 -14.41
HBC2 FEC O . -24.35 16.16 -15.05
HMC1 FEC O . -25.35 14.53 -18.41
HMC2 FEC O . -24.41 15.76 -18.75
HMC3 FEC O . -25.25 15.75 -17.41
HAD1 FEC O . -24.66 7.06 -19.39
HAD2 FEC O . -25.99 7.52 -18.72
HBD1 FEC O . -25.07 5.30 -18.25
HBD2 FEC O . -24.26 6.07 -17.13
HMD1 FEC O . -25.93 10.97 -19.98
HMD2 FEC O . -26.77 10.76 -18.65
HMD3 FEC O . -26.58 9.56 -19.66
HMA1 FEC O . -20.53 5.06 -15.57
HMA2 FEC O . -19.32 5.10 -16.58
HMA3 FEC O . -20.80 5.29 -17.12
C1 MPD P . -27.44 -14.91 -1.11
C2 MPD P . -26.37 -15.33 -2.12
O2 MPD P . -25.23 -14.46 -1.94
CM MPD P . -25.87 -16.76 -1.86
C3 MPD P . -26.93 -15.22 -3.54
C4 MPD P . -27.11 -13.79 -4.04
O4 MPD P . -26.62 -13.74 -5.37
C5 MPD P . -28.56 -13.32 -4.04
H11 MPD P . -28.35 -14.64 -1.64
H12 MPD P . -27.08 -14.06 -0.53
H13 MPD P . -27.66 -15.75 -0.44
HO2 MPD P . -25.06 -13.97 -2.78
HM1 MPD P . -26.04 -17.36 -2.76
HM2 MPD P . -26.42 -17.20 -1.03
HM3 MPD P . -24.81 -16.74 -1.63
H31 MPD P . -27.89 -15.74 -3.57
H32 MPD P . -26.26 -15.76 -4.22
H4 MPD P . -26.53 -13.13 -3.41
HO4 MPD P . -26.07 -12.94 -5.47
H51 MPD P . -28.86 -13.05 -5.05
H52 MPD P . -28.65 -12.45 -3.40
H53 MPD P . -29.20 -14.11 -3.66
NA NA Q . -16.27 7.21 10.80
O1A FEC R . -5.82 23.48 -3.20
CGA FEC R . -5.21 23.81 -2.14
O2A FEC R . -3.99 24.07 -1.91
CBA FEC R . -6.11 23.87 -0.92
CAA FEC R . -5.44 24.30 0.42
C3A FEC R . -5.72 25.72 0.95
C2A FEC R . -6.85 26.34 1.36
C1A FEC R . -6.51 27.70 1.70
CHA FEC R . -7.35 28.69 2.19
C4D FEC R . -7.08 30.02 2.35
ND FEC R . -5.82 30.58 2.18
C1D FEC R . -5.95 31.95 2.38
CHD FEC R . -4.93 32.85 2.27
C4C FEC R . -3.61 32.51 2.30
C3C FEC R . -2.52 33.41 2.54
C2C FEC R . -1.39 32.70 2.52
C1C FEC R . -1.73 31.34 2.27
CHC FEC R . -0.86 30.26 2.18
C4B FEC R . -1.15 28.98 1.78
C3B FEC R . -0.19 27.93 1.54
C2B FEC R . -0.96 26.74 1.10
C1B FEC R . -2.31 27.18 1.13
NB FEC R . -2.41 28.49 1.53
FE FEC R . -4.16 29.57 1.76
NA FEC R . -5.14 27.85 1.49
C4A FEC R . -4.66 26.66 1.03
CHB FEC R . -3.36 26.41 0.75
NC FEC R . -3.13 31.22 2.13
CMB FEC R . -0.48 25.34 0.70
CAB FEC R . 1.34 27.99 1.66
CBB FEC R . 1.87 27.78 0.24
CGB FEC R . 3.32 28.16 0.15
O1B FEC R . 3.79 28.92 1.03
O2B FEC R . 4.00 27.67 -0.79
CAC FEC R . 0.05 33.30 2.75
CBC FEC R . 0.19 33.83 4.17
CGC FEC R . 1.33 34.84 4.34
O1C FEC R . 2.00 35.18 3.32
O2C FEC R . 1.58 35.33 5.49
CMC FEC R . -2.76 34.94 2.77
C2D FEC R . -7.32 32.25 2.68
C3D FEC R . -8.03 31.08 2.67
CAD FEC R . -9.55 30.79 2.92
CBD FEC R . -10.26 30.60 4.26
CGD FEC R . -10.57 31.92 4.99
O1D FEC R . -10.10 32.01 6.16
O2D FEC R . -11.25 32.76 4.33
CMD FEC R . -7.78 33.71 2.95
CMA FEC R . -8.30 25.74 1.43
HBA1 FEC R . -6.83 24.49 -1.11
HBA2 FEC R . -6.49 22.98 -0.79
HAA1 FEC R . -5.73 23.67 1.10
HAA2 FEC R . -4.49 24.20 0.31
HHA FEC R . -8.20 28.42 2.45
HHD FEC R . -5.13 33.76 2.31
HHC FEC R . 0.03 30.44 2.40
HHB FEC R . -3.17 25.64 0.26
HMB1 FEC R . -0.08 24.90 1.47
HMB2 FEC R . 0.18 25.41 -0.01
HMB3 FEC R . -1.23 24.81 0.39
HAB1 FEC R . 1.61 28.87 1.99
HAB2 FEC R . 1.66 27.30 2.25
HBB1 FEC R . 1.78 26.84 0.01
HBB2 FEC R . 1.36 28.31 -0.38
HAC1 FEC R . 0.71 32.61 2.59
HAC2 FEC R . 0.19 34.02 2.11
HBC1 FEC R . 0.36 33.09 4.77
HBC2 FEC R . -0.64 34.26 4.43
HMC1 FEC R . -1.91 35.41 2.72
HMC2 FEC R . -3.35 35.29 2.08
HMC3 FEC R . -3.15 35.08 3.64
HAD1 FEC R . -10.03 31.50 2.46
HAD2 FEC R . -9.74 29.98 2.41
HBD1 FEC R . -11.09 30.14 4.11
HBD2 FEC R . -9.70 30.07 4.84
HMD1 FEC R . -7.46 34.29 2.23
HMD2 FEC R . -7.41 34.01 3.80
HMD3 FEC R . -8.75 33.74 2.99
HMA1 FEC R . -8.43 25.32 2.29
HMA2 FEC R . -8.40 25.09 0.73
HMA3 FEC R . -8.94 26.45 1.31
C1 MPD S . 6.47 13.05 28.54
C2 MPD S . 7.23 12.10 27.61
O2 MPD S . 8.25 11.39 28.38
CM MPD S . 6.31 11.07 26.96
C3 MPD S . 7.86 12.87 26.46
C4 MPD S . 8.92 13.88 26.91
O4 MPD S . 10.12 13.19 27.15
C5 MPD S . 9.11 14.94 25.85
H11 MPD S . 6.56 14.07 28.16
H12 MPD S . 5.42 12.76 28.58
H13 MPD S . 6.89 12.99 29.55
HO2 MPD S . 9.14 11.57 27.98
HM1 MPD S . 6.35 11.18 25.88
HM2 MPD S . 5.28 11.24 27.30
HM3 MPD S . 6.62 10.07 27.24
H31 MPD S . 8.32 12.17 25.77
H32 MPD S . 7.08 13.41 25.92
H4 MPD S . 8.58 14.36 27.83
HO4 MPD S . 10.82 13.83 27.37
H51 MPD S . 10.14 14.92 25.50
H52 MPD S . 8.89 15.92 26.26
H53 MPD S . 8.45 14.73 25.01
#